data_2I9L
#
_entry.id   2I9L
#
_cell.length_a   218.770
_cell.length_b   85.561
_cell.length_c   211.843
_cell.angle_alpha   90.00
_cell.angle_beta   119.60
_cell.angle_gamma   90.00
#
_symmetry.space_group_name_H-M   'C 1 2 1'
#
loop_
_entity.id
_entity.type
_entity.pdbx_description
1 polymer 'Antibody 7D11 light chain'
2 polymer 'Antibody 7D11 heavy chain'
3 polymer 'Virion membrane protein M25'
4 non-polymer GLYCEROL
5 water water
#
loop_
_entity_poly.entity_id
_entity_poly.type
_entity_poly.pdbx_seq_one_letter_code
_entity_poly.pdbx_strand_id
1 'polypeptide(L)'
;DMVMSQSPSSLAVSAGEKVSMSCKSSQTLLNSRTRKNYLAWYQQKPGQSPKLLIYWASTRESGVPDRFTGSGSGTDFTLT
ISSVQAEDLAVYYCKQSYNLWTFGGGTKLEIKRADAAPTVSIFPPSSEQLTSGGASVVCFLNNFYPKDINVKWKIDGSER
AAGVLNSWTDQDSKDSTYSMSSTLTLTKDEYERHNSYTCEATHKTSTSPIVKSFNRNEC
;
A,C,E,G
2 'polypeptide(L)'
;QVQLQQSGAELAKPGASVKMSCKASGYTFTRYWMHWVKQRPGQGLEWIGYINPSTGYTEYNQKFKDKATLTADKSSSTVY
MQLSSLTSEDSAVYYCARTTVDGYDFAYWGQGTLVTVSAAKTTAPSVYPLAPGSAAQTNSMVTLGCLVKGYFPEPVTVTW
NSGSLSSGVHTFPAVLQSDLYTLSSSVTVPSSTWPSETVTCNVAHPASSTKVDKKIVPR
;
B,D,F,H
3 'polypeptide(L)'
;GAAASIQTTVNTLSERISSKLEQEANASAQTKCDIEIGNFYIRQNHGCNLTVKNMCSADADAQLDAVLSAATETYSGLTP
EQKAYVPAMFTAALNIQTSVNTVVRDFENYVKQTCNSSAVVDNKLKIQNVIIDECYGAPGSPTNLEFINTGSSKGNCAIK
ALMQLTTKATTQIAPKQVAGTGVQ
;
I,J,K,L
#
# COMPACT_ATOMS: atom_id res chain seq x y z
N ASP A 1 12.26 -29.98 24.72
CA ASP A 1 11.01 -29.19 24.51
C ASP A 1 9.97 -29.48 25.61
N MET A 2 9.01 -30.35 25.26
CA MET A 2 7.95 -30.73 26.19
C MET A 2 8.39 -32.02 26.86
N VAL A 3 8.16 -32.12 28.17
CA VAL A 3 8.57 -33.30 28.91
C VAL A 3 7.53 -33.73 29.93
N MET A 4 7.06 -34.97 29.79
CA MET A 4 6.06 -35.48 30.71
C MET A 4 6.69 -36.40 31.73
N SER A 5 6.45 -36.11 33.00
CA SER A 5 7.00 -36.91 34.08
C SER A 5 5.91 -37.50 34.96
N GLN A 6 5.81 -38.83 34.93
CA GLN A 6 4.84 -39.51 35.75
C GLN A 6 5.52 -40.08 36.98
N SER A 7 4.74 -40.25 38.03
CA SER A 7 5.28 -40.77 39.27
C SER A 7 4.16 -41.28 40.17
N PRO A 8 4.38 -42.41 40.85
CA PRO A 8 5.61 -43.19 40.81
C PRO A 8 5.68 -44.02 39.53
N SER A 9 6.74 -44.82 39.38
CA SER A 9 6.89 -45.65 38.19
C SER A 9 5.95 -46.86 38.28
N SER A 10 5.71 -47.30 39.51
CA SER A 10 4.84 -48.44 39.77
C SER A 10 4.38 -48.40 41.22
N LEU A 11 3.23 -48.98 41.50
CA LEU A 11 2.69 -49.02 42.85
C LEU A 11 1.80 -50.22 43.08
N ALA A 12 1.90 -50.80 44.28
CA ALA A 12 1.09 -51.95 44.63
C ALA A 12 -0.01 -51.56 45.59
N VAL A 13 -1.21 -52.07 45.35
CA VAL A 13 -2.34 -51.75 46.19
C VAL A 13 -3.30 -52.94 46.18
N SER A 14 -4.03 -53.15 47.27
CA SER A 14 -4.98 -54.26 47.33
C SER A 14 -6.36 -53.83 46.84
N ALA A 15 -7.15 -54.81 46.42
CA ALA A 15 -8.50 -54.51 45.91
C ALA A 15 -9.29 -53.80 46.97
N GLY A 16 -10.03 -52.77 46.57
CA GLY A 16 -10.83 -52.02 47.52
C GLY A 16 -10.16 -50.70 47.88
N GLU A 17 -8.84 -50.73 48.04
CA GLU A 17 -8.08 -49.54 48.40
C GLU A 17 -8.12 -48.45 47.33
N LYS A 18 -7.56 -47.29 47.65
CA LYS A 18 -7.56 -46.14 46.75
C LYS A 18 -6.14 -45.79 46.33
N VAL A 19 -5.98 -45.29 45.11
CA VAL A 19 -4.68 -44.91 44.58
C VAL A 19 -4.67 -43.59 43.81
N SER A 20 -3.49 -43.01 43.70
CA SER A 20 -3.32 -41.76 42.98
C SER A 20 -1.93 -41.72 42.39
N MET A 21 -1.84 -41.22 41.16
CA MET A 21 -0.57 -41.10 40.50
C MET A 21 -0.46 -39.68 39.96
N SER A 22 0.76 -39.23 39.74
CA SER A 22 1.00 -37.88 39.27
C SER A 22 1.60 -37.79 37.88
N CYS A 23 1.23 -36.72 37.18
CA CYS A 23 1.71 -36.43 35.85
C CYS A 23 2.04 -34.95 35.89
N LYS A 24 3.28 -34.61 35.55
CA LYS A 24 3.70 -33.21 35.57
C LYS A 24 4.41 -32.87 34.29
N SER A 25 4.02 -31.74 33.69
CA SER A 25 4.64 -31.31 32.44
C SER A 25 5.60 -30.15 32.68
N SER A 26 6.58 -30.03 31.80
CA SER A 26 7.57 -28.97 31.89
C SER A 26 7.02 -27.70 31.25
N GLN A 27 5.74 -27.71 30.89
CA GLN A 27 5.09 -26.58 30.25
C GLN A 27 3.64 -26.62 30.63
N THR A 28 3.02 -25.47 30.75
CA THR A 28 1.62 -25.46 31.11
C THR A 28 0.75 -25.91 29.94
N LEU A 29 -0.22 -26.75 30.27
CA LEU A 29 -1.13 -27.32 29.28
C LEU A 29 -2.48 -26.63 29.37
N LEU A 30 -2.52 -25.49 30.07
CA LEU A 30 -3.77 -24.75 30.24
C LEU A 30 -3.90 -23.58 29.27
N ASN A 31 -5.13 -23.38 28.78
CA ASN A 31 -5.43 -22.29 27.87
C ASN A 31 -6.22 -21.29 28.69
N SER A 32 -5.51 -20.25 29.11
CA SER A 32 -6.07 -19.16 29.93
C SER A 32 -7.47 -18.78 29.50
N ARG A 33 -7.60 -18.44 28.21
CA ARG A 33 -8.87 -18.02 27.65
C ARG A 33 -10.02 -19.02 27.82
N THR A 34 -9.82 -20.23 27.34
CA THR A 34 -10.86 -21.26 27.40
C THR A 34 -10.93 -22.06 28.69
N ARG A 35 -9.87 -22.00 29.49
CA ARG A 35 -9.83 -22.71 30.76
C ARG A 35 -9.65 -24.22 30.58
N LYS A 36 -9.33 -24.64 29.35
CA LYS A 36 -9.13 -26.06 29.01
C LYS A 36 -7.70 -26.55 29.23
N ASN A 37 -7.58 -27.74 29.79
CA ASN A 37 -6.28 -28.36 30.02
C ASN A 37 -6.10 -29.50 29.02
N TYR A 38 -5.26 -29.28 28.01
CA TYR A 38 -5.00 -30.28 26.97
C TYR A 38 -4.17 -31.46 27.46
N LEU A 39 -4.77 -32.27 28.32
CA LEU A 39 -4.12 -33.45 28.83
C LEU A 39 -5.11 -34.62 29.01
N ALA A 40 -4.67 -35.81 28.64
CA ALA A 40 -5.52 -36.99 28.78
C ALA A 40 -4.82 -38.15 29.49
N TRP A 41 -5.60 -39.16 29.88
CA TRP A 41 -5.12 -40.36 30.54
C TRP A 41 -5.48 -41.61 29.76
N TYR A 42 -4.52 -42.52 29.57
CA TYR A 42 -4.75 -43.75 28.84
C TYR A 42 -4.44 -44.95 29.70
N GLN A 43 -5.24 -46.00 29.54
CA GLN A 43 -5.04 -47.24 30.29
C GLN A 43 -4.62 -48.34 29.30
N GLN A 44 -3.61 -49.13 29.66
CA GLN A 44 -3.19 -50.22 28.78
C GLN A 44 -2.99 -51.51 29.56
N LYS A 45 -3.98 -52.39 29.51
CA LYS A 45 -3.91 -53.65 30.22
C LYS A 45 -2.96 -54.62 29.49
N PRO A 46 -2.24 -55.45 30.25
CA PRO A 46 -1.30 -56.40 29.62
C PRO A 46 -1.82 -57.03 28.34
N GLY A 47 -0.96 -57.02 27.33
CA GLY A 47 -1.27 -57.61 26.04
C GLY A 47 -2.38 -56.95 25.26
N GLN A 48 -2.73 -55.71 25.61
CA GLN A 48 -3.80 -55.05 24.88
C GLN A 48 -3.41 -53.71 24.30
N SER A 49 -4.36 -53.07 23.63
CA SER A 49 -4.13 -51.75 23.06
C SER A 49 -4.44 -50.72 24.13
N PRO A 50 -3.89 -49.52 23.99
CA PRO A 50 -4.16 -48.47 24.97
C PRO A 50 -5.59 -47.99 24.84
N LYS A 51 -6.24 -47.74 25.97
CA LYS A 51 -7.61 -47.25 25.98
C LYS A 51 -7.70 -45.83 26.55
N LEU A 52 -8.51 -44.98 25.93
CA LEU A 52 -8.68 -43.62 26.42
C LEU A 52 -9.58 -43.62 27.65
N LEU A 53 -9.10 -43.05 28.74
CA LEU A 53 -9.87 -42.98 30.01
C LEU A 53 -10.45 -41.60 30.32
N ILE A 54 -9.56 -40.60 30.35
CA ILE A 54 -9.92 -39.23 30.66
C ILE A 54 -9.36 -38.28 29.63
N TYR A 55 -10.16 -37.33 29.19
CA TYR A 55 -9.66 -36.33 28.26
C TYR A 55 -10.00 -34.95 28.83
N TRP A 56 -9.26 -33.93 28.40
CA TRP A 56 -9.46 -32.57 28.90
C TRP A 56 -9.18 -32.53 30.39
N ALA A 57 -8.15 -33.18 30.92
CA ALA A 57 -7.79 -32.99 32.36
C ALA A 57 -8.76 -33.51 33.42
N SER A 58 -9.99 -33.79 33.05
CA SER A 58 -10.92 -34.30 34.04
C SER A 58 -12.23 -34.91 33.52
N THR A 59 -12.44 -34.88 32.21
CA THR A 59 -13.65 -35.45 31.64
C THR A 59 -13.50 -36.94 31.34
N ARG A 60 -14.44 -37.71 31.86
CA ARG A 60 -14.47 -39.16 31.71
C ARG A 60 -14.91 -39.54 30.31
N GLU A 61 -14.23 -40.50 29.72
CA GLU A 61 -14.58 -40.96 28.38
C GLU A 61 -15.79 -41.88 28.52
N SER A 62 -16.64 -41.87 27.51
CA SER A 62 -17.84 -42.68 27.50
C SER A 62 -17.57 -44.13 27.91
N GLY A 63 -18.40 -44.65 28.81
CA GLY A 63 -18.25 -46.02 29.25
C GLY A 63 -17.19 -46.28 30.30
N VAL A 64 -16.58 -45.22 30.82
CA VAL A 64 -15.55 -45.39 31.84
C VAL A 64 -16.18 -45.25 33.22
N PRO A 65 -16.04 -46.28 34.07
CA PRO A 65 -16.60 -46.25 35.43
C PRO A 65 -16.20 -44.97 36.18
N ASP A 66 -17.09 -44.50 37.04
CA ASP A 66 -16.84 -43.28 37.79
C ASP A 66 -15.82 -43.40 38.91
N ARG A 67 -15.27 -44.59 39.14
CA ARG A 67 -14.27 -44.71 40.20
C ARG A 67 -12.92 -44.09 39.74
N PHE A 68 -12.83 -43.79 38.44
CA PHE A 68 -11.64 -43.16 37.86
C PHE A 68 -11.86 -41.66 37.85
N THR A 69 -10.90 -40.90 38.35
CA THR A 69 -11.08 -39.45 38.42
C THR A 69 -9.88 -38.67 37.96
N GLY A 70 -10.11 -37.74 37.04
CA GLY A 70 -9.04 -36.92 36.52
C GLY A 70 -9.07 -35.55 37.15
N SER A 71 -7.93 -35.11 37.67
CA SER A 71 -7.85 -33.81 38.32
C SER A 71 -6.52 -33.11 38.01
N GLY A 72 -6.43 -31.86 38.46
CA GLY A 72 -5.22 -31.11 38.24
C GLY A 72 -5.39 -30.02 37.22
N SER A 73 -4.36 -29.19 37.08
CA SER A 73 -4.40 -28.12 36.12
C SER A 73 -3.01 -27.54 35.87
N GLY A 74 -2.89 -26.79 34.77
CA GLY A 74 -1.62 -26.16 34.44
C GLY A 74 -0.48 -27.10 34.14
N THR A 75 0.18 -27.63 35.17
CA THR A 75 1.29 -28.55 34.93
C THR A 75 1.34 -29.66 35.96
N ASP A 76 0.33 -29.73 36.82
CA ASP A 76 0.28 -30.78 37.82
C ASP A 76 -1.06 -31.44 37.80
N PHE A 77 -1.06 -32.70 37.36
CA PHE A 77 -2.27 -33.49 37.23
C PHE A 77 -2.20 -34.81 37.99
N THR A 78 -3.36 -35.29 38.41
CA THR A 78 -3.42 -36.54 39.15
C THR A 78 -4.58 -37.44 38.71
N LEU A 79 -4.28 -38.72 38.54
CA LEU A 79 -5.32 -39.69 38.18
C LEU A 79 -5.60 -40.45 39.47
N THR A 80 -6.88 -40.65 39.78
CA THR A 80 -7.23 -41.34 41.02
C THR A 80 -8.30 -42.41 40.86
N ILE A 81 -7.98 -43.62 41.29
CA ILE A 81 -8.92 -44.73 41.23
C ILE A 81 -9.47 -44.92 42.64
N SER A 82 -10.75 -44.60 42.81
CA SER A 82 -11.40 -44.67 44.13
C SER A 82 -11.26 -46.01 44.85
N SER A 83 -11.63 -47.10 44.18
CA SER A 83 -11.52 -48.41 44.80
C SER A 83 -11.12 -49.45 43.76
N VAL A 84 -9.82 -49.54 43.54
CA VAL A 84 -9.22 -50.46 42.56
C VAL A 84 -9.77 -51.88 42.62
N GLN A 85 -9.76 -52.52 41.45
CA GLN A 85 -10.22 -53.89 41.29
C GLN A 85 -9.15 -54.64 40.50
N ALA A 86 -9.14 -55.97 40.63
CA ALA A 86 -8.15 -56.77 39.92
C ALA A 86 -8.05 -56.37 38.46
N GLU A 87 -9.19 -56.28 37.79
CA GLU A 87 -9.22 -55.92 36.38
C GLU A 87 -8.55 -54.58 36.06
N ASP A 88 -8.26 -53.79 37.09
CA ASP A 88 -7.63 -52.49 36.86
C ASP A 88 -6.11 -52.57 36.71
N LEU A 89 -5.59 -53.78 36.82
CA LEU A 89 -4.16 -54.02 36.66
C LEU A 89 -3.79 -53.52 35.28
N ALA A 90 -2.85 -52.59 35.19
CA ALA A 90 -2.42 -52.06 33.91
C ALA A 90 -1.41 -50.94 34.09
N VAL A 91 -0.89 -50.43 32.97
CA VAL A 91 0.03 -49.31 33.04
C VAL A 91 -0.77 -48.12 32.57
N TYR A 92 -0.70 -47.03 33.34
CA TYR A 92 -1.42 -45.82 33.00
C TYR A 92 -0.48 -44.75 32.47
N TYR A 93 -0.82 -44.23 31.30
CA TYR A 93 -0.03 -43.22 30.63
C TYR A 93 -0.80 -41.90 30.55
N CYS A 94 -0.09 -40.78 30.75
CA CYS A 94 -0.74 -39.47 30.60
C CYS A 94 -0.14 -38.85 29.35
N LYS A 95 -0.97 -38.19 28.57
CA LYS A 95 -0.54 -37.61 27.31
C LYS A 95 -1.02 -36.18 27.16
N GLN A 96 -0.10 -35.30 26.76
CA GLN A 96 -0.47 -33.90 26.56
C GLN A 96 -0.76 -33.71 25.08
N SER A 97 -1.70 -32.82 24.77
CA SER A 97 -2.07 -32.57 23.38
C SER A 97 -2.01 -31.09 23.04
N TYR A 98 -1.39 -30.31 23.94
CA TYR A 98 -1.24 -28.85 23.81
C TYR A 98 -0.30 -28.42 22.66
N ASN A 99 0.96 -28.80 22.78
CA ASN A 99 1.97 -28.51 21.77
C ASN A 99 2.37 -29.87 21.21
N LEU A 100 1.68 -30.27 20.14
CA LEU A 100 1.85 -31.57 19.52
C LEU A 100 1.37 -32.63 20.52
N TRP A 101 2.10 -33.73 20.67
CA TRP A 101 1.66 -34.77 21.61
C TRP A 101 2.80 -35.45 22.35
N THR A 102 2.61 -35.74 23.64
CA THR A 102 3.64 -36.42 24.41
C THR A 102 3.10 -37.32 25.52
N PHE A 103 3.66 -38.51 25.65
CA PHE A 103 3.22 -39.46 26.67
C PHE A 103 4.23 -39.47 27.81
N GLY A 104 3.75 -39.80 28.99
CA GLY A 104 4.63 -39.89 30.13
C GLY A 104 5.24 -41.26 30.11
N GLY A 105 6.07 -41.58 31.09
CA GLY A 105 6.69 -42.90 31.14
C GLY A 105 5.71 -43.95 31.63
N GLY A 106 4.58 -43.49 32.17
CA GLY A 106 3.55 -44.37 32.66
C GLY A 106 3.80 -44.85 34.08
N THR A 107 2.72 -45.27 34.74
CA THR A 107 2.77 -45.80 36.09
C THR A 107 2.16 -47.19 36.02
N LYS A 108 2.97 -48.20 36.30
CA LYS A 108 2.50 -49.57 36.27
C LYS A 108 1.75 -49.82 37.58
N LEU A 109 0.49 -50.22 37.49
CA LEU A 109 -0.32 -50.51 38.66
C LEU A 109 -0.31 -52.01 38.94
N GLU A 110 0.26 -52.42 40.06
CA GLU A 110 0.27 -53.84 40.42
C GLU A 110 -0.76 -54.11 41.51
N ILE A 111 -1.18 -55.35 41.68
CA ILE A 111 -2.17 -55.67 42.71
C ILE A 111 -1.59 -56.50 43.85
N LYS A 112 -1.76 -56.03 45.08
CA LYS A 112 -1.28 -56.76 46.25
C LYS A 112 -2.33 -57.82 46.53
N ARG A 113 -1.87 -59.02 46.90
CA ARG A 113 -2.76 -60.14 47.13
C ARG A 113 -2.24 -61.02 48.26
N ALA A 114 -3.02 -62.01 48.68
CA ALA A 114 -2.60 -62.90 49.75
C ALA A 114 -1.56 -63.91 49.23
N ASP A 115 -0.55 -64.21 50.05
CA ASP A 115 0.48 -65.17 49.65
C ASP A 115 -0.15 -66.49 49.24
N ALA A 116 0.38 -67.12 48.21
CA ALA A 116 -0.16 -68.39 47.74
C ALA A 116 0.94 -69.23 47.13
N ALA A 117 0.94 -70.54 47.44
CA ALA A 117 1.93 -71.46 46.90
C ALA A 117 1.53 -71.92 45.50
N PRO A 118 2.51 -72.31 44.68
CA PRO A 118 2.27 -72.78 43.31
C PRO A 118 1.79 -74.21 43.17
N THR A 119 1.06 -74.47 42.10
CA THR A 119 0.56 -75.81 41.83
C THR A 119 1.50 -76.39 40.77
N VAL A 120 2.45 -77.20 41.23
CA VAL A 120 3.45 -77.80 40.35
C VAL A 120 3.02 -79.01 39.53
N SER A 121 3.47 -79.05 38.28
CA SER A 121 3.14 -80.14 37.36
C SER A 121 4.38 -80.47 36.56
N ILE A 122 4.68 -81.76 36.41
CA ILE A 122 5.87 -82.18 35.67
C ILE A 122 5.45 -82.83 34.35
N PHE A 123 6.21 -82.61 33.29
CA PHE A 123 5.88 -83.19 31.98
C PHE A 123 7.07 -83.80 31.25
N PRO A 124 7.04 -85.14 31.04
CA PRO A 124 8.09 -85.89 30.36
C PRO A 124 8.10 -85.55 28.88
N PRO A 125 9.26 -85.69 28.22
CA PRO A 125 9.35 -85.39 26.80
C PRO A 125 8.22 -85.98 25.95
N SER A 126 7.89 -85.28 24.88
CA SER A 126 6.85 -85.71 23.97
C SER A 126 7.39 -86.85 23.12
N SER A 127 6.52 -87.81 22.80
CA SER A 127 6.92 -88.92 21.97
C SER A 127 7.47 -88.44 20.61
N GLU A 128 6.82 -87.46 19.99
CA GLU A 128 7.30 -86.98 18.70
C GLU A 128 8.49 -86.04 18.80
N GLN A 129 8.76 -85.50 19.98
CA GLN A 129 9.93 -84.63 20.12
C GLN A 129 11.11 -85.57 20.22
N LEU A 130 10.88 -86.72 20.85
CA LEU A 130 11.93 -87.72 21.02
C LEU A 130 12.32 -88.30 19.67
N THR A 131 11.34 -88.80 18.93
CA THR A 131 11.64 -89.36 17.62
C THR A 131 12.30 -88.24 16.84
N SER A 132 11.92 -87.01 17.14
CA SER A 132 12.48 -85.84 16.47
C SER A 132 13.99 -85.76 16.72
N GLY A 133 14.41 -86.25 17.87
CA GLY A 133 15.83 -86.23 18.20
C GLY A 133 16.20 -85.45 19.45
N GLY A 134 15.21 -84.97 20.21
CA GLY A 134 15.51 -84.22 21.41
C GLY A 134 14.60 -84.58 22.58
N ALA A 135 14.77 -83.89 23.70
CA ALA A 135 13.95 -84.16 24.87
C ALA A 135 13.88 -82.97 25.81
N SER A 136 12.68 -82.43 25.98
CA SER A 136 12.46 -81.30 26.88
C SER A 136 11.52 -81.70 28.00
N VAL A 137 11.92 -81.39 29.23
CA VAL A 137 11.11 -81.70 30.40
C VAL A 137 10.55 -80.41 30.94
N VAL A 138 9.24 -80.24 30.79
CA VAL A 138 8.57 -79.03 31.26
C VAL A 138 7.99 -79.15 32.66
N CYS A 139 8.08 -78.07 33.42
CA CYS A 139 7.56 -78.06 34.78
C CYS A 139 6.78 -76.76 34.97
N PHE A 140 5.47 -76.88 35.17
CA PHE A 140 4.62 -75.70 35.38
C PHE A 140 4.37 -75.41 36.85
N LEU A 141 4.48 -74.14 37.22
CA LEU A 141 4.24 -73.70 38.60
C LEU A 141 3.14 -72.68 38.43
N ASN A 142 1.90 -73.12 38.63
CA ASN A 142 0.75 -72.25 38.43
C ASN A 142 0.11 -71.63 39.66
N ASN A 143 -0.21 -70.35 39.49
CA ASN A 143 -0.88 -69.53 40.50
C ASN A 143 -0.21 -69.40 41.85
N PHE A 144 0.79 -68.52 41.93
CA PHE A 144 1.45 -68.30 43.21
C PHE A 144 1.61 -66.80 43.43
N TYR A 145 2.05 -66.43 44.63
CA TYR A 145 2.25 -65.03 44.98
C TYR A 145 3.01 -65.04 46.29
N PRO A 146 4.07 -64.21 46.43
CA PRO A 146 4.66 -63.22 45.52
C PRO A 146 5.20 -63.79 44.22
N LYS A 147 5.75 -62.91 43.39
CA LYS A 147 6.27 -63.28 42.08
C LYS A 147 7.57 -64.06 42.14
N ASP A 148 8.25 -64.05 43.28
CA ASP A 148 9.53 -64.73 43.39
C ASP A 148 9.48 -66.18 43.83
N ILE A 149 9.99 -67.05 42.97
CA ILE A 149 10.07 -68.48 43.26
C ILE A 149 11.45 -68.93 42.83
N ASN A 150 11.83 -70.14 43.26
CA ASN A 150 13.12 -70.72 42.91
C ASN A 150 12.90 -72.14 42.44
N VAL A 151 13.00 -72.37 41.14
CA VAL A 151 12.83 -73.70 40.59
C VAL A 151 14.24 -74.30 40.50
N LYS A 152 14.36 -75.59 40.83
CA LYS A 152 15.64 -76.27 40.79
C LYS A 152 15.45 -77.65 40.18
N TRP A 153 16.29 -77.99 39.19
CA TRP A 153 16.19 -79.30 38.54
C TRP A 153 17.21 -80.31 39.07
N LYS A 154 16.78 -81.57 39.15
CA LYS A 154 17.63 -82.65 39.62
C LYS A 154 17.44 -83.91 38.76
N ILE A 155 18.54 -84.39 38.19
CA ILE A 155 18.51 -85.60 37.37
C ILE A 155 19.18 -86.70 38.19
N ASP A 156 18.39 -87.64 38.73
CA ASP A 156 18.94 -88.73 39.52
C ASP A 156 19.69 -88.14 40.72
N GLY A 157 19.05 -87.17 41.37
CA GLY A 157 19.64 -86.52 42.53
C GLY A 157 20.67 -85.45 42.24
N SER A 158 21.06 -85.31 40.97
CA SER A 158 22.06 -84.32 40.61
C SER A 158 21.44 -83.04 40.05
N GLU A 159 21.76 -81.91 40.65
CA GLU A 159 21.23 -80.63 40.20
C GLU A 159 21.87 -80.14 38.90
N ARG A 160 21.05 -80.01 37.87
CA ARG A 160 21.50 -79.50 36.57
C ARG A 160 21.28 -78.01 36.55
N ALA A 161 22.28 -77.24 36.11
CA ALA A 161 22.14 -75.80 36.08
C ALA A 161 21.96 -75.25 34.66
N ALA A 162 22.78 -75.70 33.72
CA ALA A 162 22.68 -75.21 32.35
C ALA A 162 21.67 -76.01 31.49
N GLY A 163 20.88 -75.29 30.69
CA GLY A 163 19.92 -75.94 29.83
C GLY A 163 18.47 -75.65 30.17
N VAL A 164 18.23 -74.66 31.02
CA VAL A 164 16.87 -74.29 31.42
C VAL A 164 16.44 -72.90 30.93
N LEU A 165 15.16 -72.75 30.62
CA LEU A 165 14.61 -71.48 30.16
C LEU A 165 13.31 -71.24 30.91
N ASN A 166 13.29 -70.23 31.78
CA ASN A 166 12.11 -69.92 32.55
C ASN A 166 11.32 -68.76 31.99
N SER A 167 10.02 -68.71 32.31
CA SER A 167 9.15 -67.65 31.82
C SER A 167 7.98 -67.42 32.78
N TRP A 168 7.81 -66.17 33.23
CA TRP A 168 6.71 -65.79 34.12
C TRP A 168 5.60 -65.12 33.35
N THR A 169 4.37 -65.31 33.79
CA THR A 169 3.24 -64.69 33.12
C THR A 169 2.95 -63.35 33.78
N ASP A 170 2.02 -62.62 33.17
CA ASP A 170 1.61 -61.35 33.72
C ASP A 170 0.57 -61.64 34.78
N GLN A 171 0.69 -60.97 35.91
CA GLN A 171 -0.25 -61.14 37.01
C GLN A 171 -1.68 -61.31 36.48
N ASP A 172 -2.33 -62.40 36.90
CA ASP A 172 -3.69 -62.71 36.46
C ASP A 172 -4.69 -61.62 36.74
N SER A 173 -5.39 -61.17 35.70
CA SER A 173 -6.37 -60.10 35.86
C SER A 173 -7.65 -60.60 36.52
N LYS A 174 -7.58 -61.74 37.18
CA LYS A 174 -8.74 -62.30 37.86
C LYS A 174 -8.45 -62.60 39.32
N ASP A 175 -7.35 -63.28 39.59
CA ASP A 175 -6.96 -63.61 40.95
C ASP A 175 -5.64 -62.96 41.33
N SER A 176 -5.09 -62.16 40.43
CA SER A 176 -3.85 -61.44 40.68
C SER A 176 -2.70 -62.31 41.12
N THR A 177 -2.52 -63.47 40.50
CA THR A 177 -1.42 -64.36 40.87
C THR A 177 -0.47 -64.51 39.71
N TYR A 178 0.66 -65.17 39.96
CA TYR A 178 1.64 -65.41 38.93
C TYR A 178 1.74 -66.89 38.64
N SER A 179 2.35 -67.21 37.51
CA SER A 179 2.55 -68.58 37.08
C SER A 179 3.84 -68.58 36.29
N MET A 180 4.61 -69.65 36.41
CA MET A 180 5.86 -69.73 35.70
C MET A 180 6.00 -71.06 35.00
N SER A 181 6.81 -71.09 33.95
CA SER A 181 7.07 -72.30 33.20
C SER A 181 8.58 -72.51 33.11
N SER A 182 9.05 -73.66 33.57
CA SER A 182 10.47 -73.97 33.52
C SER A 182 10.68 -75.12 32.54
N THR A 183 11.61 -74.95 31.61
CA THR A 183 11.86 -75.96 30.59
C THR A 183 13.31 -76.42 30.50
N LEU A 184 13.54 -77.68 30.85
CA LEU A 184 14.89 -78.28 30.79
C LEU A 184 15.03 -79.01 29.45
N THR A 185 15.99 -78.61 28.65
CA THR A 185 16.16 -79.23 27.36
C THR A 185 17.43 -80.06 27.24
N LEU A 186 17.28 -81.28 26.73
CA LEU A 186 18.39 -82.22 26.55
C LEU A 186 18.30 -82.90 25.19
N THR A 187 19.24 -83.79 24.90
CA THR A 187 19.24 -84.55 23.65
C THR A 187 18.57 -85.87 24.02
N LYS A 188 18.03 -86.58 23.05
CA LYS A 188 17.37 -87.85 23.39
C LYS A 188 18.35 -88.78 24.12
N ASP A 189 19.62 -88.66 23.77
CA ASP A 189 20.65 -89.50 24.36
C ASP A 189 20.81 -89.30 25.87
N GLU A 190 21.19 -88.09 26.27
CA GLU A 190 21.37 -87.81 27.70
C GLU A 190 20.09 -88.12 28.46
N TYR A 191 18.96 -87.85 27.82
CA TYR A 191 17.68 -88.09 28.44
C TYR A 191 17.50 -89.55 28.81
N GLU A 192 17.93 -90.44 27.92
CA GLU A 192 17.80 -91.86 28.18
C GLU A 192 18.93 -92.40 29.06
N ARG A 193 20.01 -91.63 29.19
CA ARG A 193 21.13 -92.04 30.02
C ARG A 193 20.95 -91.49 31.43
N HIS A 194 19.71 -91.48 31.88
CA HIS A 194 19.33 -91.01 33.22
C HIS A 194 17.95 -91.55 33.51
N ASN A 195 17.51 -91.54 34.77
CA ASN A 195 16.20 -92.11 35.06
C ASN A 195 15.21 -91.28 35.87
N SER A 196 15.70 -90.52 36.85
CA SER A 196 14.83 -89.69 37.68
C SER A 196 14.96 -88.20 37.37
N TYR A 197 13.82 -87.58 37.07
CA TYR A 197 13.75 -86.16 36.76
C TYR A 197 12.95 -85.44 37.82
N THR A 198 13.46 -84.32 38.33
CA THR A 198 12.78 -83.59 39.39
C THR A 198 12.91 -82.07 39.35
N CYS A 199 11.79 -81.38 39.56
CA CYS A 199 11.86 -79.92 39.66
C CYS A 199 11.45 -79.60 41.08
N GLU A 200 12.29 -78.81 41.72
CA GLU A 200 12.16 -78.41 43.12
C GLU A 200 11.81 -76.92 43.19
N ALA A 201 10.63 -76.61 43.70
CA ALA A 201 10.17 -75.23 43.81
C ALA A 201 10.31 -74.72 45.23
N THR A 202 10.87 -73.53 45.37
CA THR A 202 11.05 -72.91 46.67
C THR A 202 10.40 -71.54 46.67
N HIS A 203 9.34 -71.41 47.47
CA HIS A 203 8.57 -70.16 47.58
C HIS A 203 8.47 -69.79 49.05
N LYS A 204 8.41 -68.50 49.35
CA LYS A 204 8.33 -68.07 50.74
C LYS A 204 7.15 -68.72 51.48
N THR A 205 6.18 -69.22 50.74
CA THR A 205 5.02 -69.85 51.36
C THR A 205 5.36 -71.16 52.05
N SER A 206 6.64 -71.51 52.10
CA SER A 206 7.08 -72.74 52.73
C SER A 206 8.61 -72.94 52.66
N THR A 207 9.17 -73.54 53.70
CA THR A 207 10.62 -73.79 53.75
C THR A 207 10.91 -75.16 53.17
N SER A 208 9.86 -75.94 52.98
CA SER A 208 9.98 -77.29 52.41
C SER A 208 9.59 -77.22 50.93
N PRO A 209 10.59 -77.28 50.04
CA PRO A 209 10.40 -77.24 48.59
C PRO A 209 9.40 -78.24 48.03
N ILE A 210 8.52 -77.77 47.14
CA ILE A 210 7.53 -78.62 46.50
C ILE A 210 8.25 -79.37 45.37
N VAL A 211 8.08 -80.68 45.29
CA VAL A 211 8.74 -81.45 44.25
C VAL A 211 7.82 -82.37 43.50
N LYS A 212 8.17 -82.59 42.23
CA LYS A 212 7.41 -83.47 41.36
C LYS A 212 8.44 -84.22 40.52
N SER A 213 8.34 -85.54 40.48
CA SER A 213 9.27 -86.36 39.72
C SER A 213 8.58 -87.41 38.86
N PHE A 214 9.38 -88.15 38.10
CA PHE A 214 8.89 -89.20 37.23
C PHE A 214 10.10 -89.97 36.72
N ASN A 215 9.89 -91.22 36.30
CA ASN A 215 10.97 -92.03 35.76
C ASN A 215 10.61 -92.54 34.39
N ARG A 216 11.57 -92.54 33.48
CA ARG A 216 11.35 -92.98 32.10
C ARG A 216 10.67 -94.34 32.02
N ASN A 217 11.03 -95.22 32.95
CA ASN A 217 10.47 -96.57 33.02
C ASN A 217 9.19 -96.57 33.88
N GLU A 218 8.16 -95.89 33.38
CA GLU A 218 6.89 -95.79 34.08
C GLU A 218 5.81 -95.55 33.02
N CYS A 219 6.23 -94.87 31.95
CA CYS A 219 5.35 -94.52 30.83
C CYS A 219 5.22 -95.65 29.81
N GLN B 1 -19.87 -50.84 13.73
CA GLN B 1 -18.97 -50.21 14.74
C GLN B 1 -17.69 -49.67 14.12
N VAL B 2 -17.02 -48.77 14.84
CA VAL B 2 -15.76 -48.21 14.35
C VAL B 2 -14.72 -49.33 14.45
N GLN B 3 -13.89 -49.46 13.42
CA GLN B 3 -12.89 -50.50 13.46
C GLN B 3 -11.64 -50.19 12.62
N LEU B 4 -10.48 -50.54 13.18
CA LEU B 4 -9.20 -50.30 12.52
C LEU B 4 -8.40 -51.59 12.39
N GLN B 5 -8.25 -52.08 11.17
CA GLN B 5 -7.52 -53.32 10.93
C GLN B 5 -6.10 -53.07 10.46
N GLN B 6 -5.13 -53.33 11.32
CA GLN B 6 -3.75 -53.14 10.92
C GLN B 6 -3.20 -54.40 10.30
N SER B 7 -2.26 -54.23 9.37
CA SER B 7 -1.65 -55.34 8.67
C SER B 7 -0.96 -56.32 9.65
N GLY B 8 -0.46 -57.42 9.11
CA GLY B 8 0.18 -58.42 9.95
C GLY B 8 1.56 -58.03 10.38
N ALA B 9 2.16 -58.88 11.21
CA ALA B 9 3.51 -58.70 11.72
C ALA B 9 4.51 -58.60 10.58
N GLU B 10 5.74 -58.21 10.90
CA GLU B 10 6.73 -58.03 9.87
C GLU B 10 8.15 -58.32 10.38
N LEU B 11 8.96 -58.89 9.50
CA LEU B 11 10.36 -59.19 9.81
C LEU B 11 11.15 -58.61 8.65
N ALA B 12 12.05 -57.67 8.95
CA ALA B 12 12.88 -57.04 7.94
C ALA B 12 14.34 -57.06 8.33
N LYS B 13 15.20 -57.01 7.32
CA LYS B 13 16.64 -57.02 7.54
C LYS B 13 17.10 -55.62 7.94
N PRO B 14 18.15 -55.52 8.75
CA PRO B 14 18.62 -54.18 9.15
C PRO B 14 18.90 -53.36 7.89
N GLY B 15 18.68 -52.05 7.95
CA GLY B 15 18.92 -51.22 6.78
C GLY B 15 17.78 -51.23 5.76
N ALA B 16 16.89 -52.20 5.85
CA ALA B 16 15.74 -52.30 4.94
C ALA B 16 14.64 -51.35 5.37
N SER B 17 13.49 -51.46 4.71
CA SER B 17 12.33 -50.63 5.03
C SER B 17 11.13 -51.58 5.12
N VAL B 18 9.99 -51.05 5.56
CA VAL B 18 8.76 -51.82 5.70
C VAL B 18 7.60 -50.84 5.62
N LYS B 19 6.43 -51.30 5.19
CA LYS B 19 5.29 -50.41 5.09
C LYS B 19 4.01 -51.04 5.60
N MET B 20 3.54 -50.59 6.76
CA MET B 20 2.33 -51.11 7.39
C MET B 20 1.07 -50.41 6.89
N SER B 21 -0.09 -50.94 7.26
CA SER B 21 -1.35 -50.36 6.87
C SER B 21 -2.34 -50.42 8.02
N CYS B 22 -3.44 -49.72 7.86
CA CYS B 22 -4.49 -49.61 8.87
C CYS B 22 -5.72 -49.39 8.01
N LYS B 23 -6.64 -50.34 8.04
CA LYS B 23 -7.85 -50.25 7.26
C LYS B 23 -8.96 -49.77 8.18
N ALA B 24 -9.52 -48.60 7.84
CA ALA B 24 -10.57 -48.03 8.67
C ALA B 24 -11.97 -48.23 8.12
N SER B 25 -12.93 -48.36 9.03
CA SER B 25 -14.31 -48.56 8.63
C SER B 25 -15.28 -48.27 9.77
N GLY B 26 -16.52 -47.98 9.43
CA GLY B 26 -17.51 -47.69 10.46
C GLY B 26 -17.68 -46.22 10.80
N TYR B 27 -17.14 -45.34 9.96
CA TYR B 27 -17.24 -43.90 10.18
C TYR B 27 -16.69 -43.24 8.94
N THR B 28 -17.02 -41.97 8.73
CA THR B 28 -16.54 -41.23 7.56
C THR B 28 -15.02 -41.09 7.65
N PHE B 29 -14.31 -41.76 6.75
CA PHE B 29 -12.87 -41.75 6.76
C PHE B 29 -12.26 -40.36 6.85
N THR B 30 -12.82 -39.46 6.04
CA THR B 30 -12.34 -38.09 5.94
C THR B 30 -12.73 -37.13 7.07
N ARG B 31 -13.38 -37.63 8.10
CA ARG B 31 -13.85 -36.80 9.20
C ARG B 31 -12.96 -36.79 10.44
N TYR B 32 -11.91 -37.61 10.48
CA TYR B 32 -11.06 -37.68 11.67
C TYR B 32 -9.61 -37.86 11.31
N TRP B 33 -8.73 -37.43 12.21
CA TRP B 33 -7.30 -37.53 12.02
C TRP B 33 -6.85 -38.91 12.45
N MET B 34 -5.74 -39.35 11.87
CA MET B 34 -5.18 -40.68 12.15
C MET B 34 -3.74 -40.58 12.70
N HIS B 35 -3.53 -40.99 13.94
CA HIS B 35 -2.21 -40.93 14.56
C HIS B 35 -1.50 -42.27 14.67
N TRP B 36 -0.17 -42.25 14.71
CA TRP B 36 0.60 -43.48 14.87
C TRP B 36 1.48 -43.43 16.13
N VAL B 37 1.59 -44.57 16.82
CA VAL B 37 2.33 -44.64 18.06
C VAL B 37 3.23 -45.85 18.13
N LYS B 38 4.42 -45.66 18.70
CA LYS B 38 5.41 -46.73 18.83
C LYS B 38 5.55 -47.25 20.25
N GLN B 39 5.89 -48.53 20.39
CA GLN B 39 6.09 -49.11 21.70
C GLN B 39 7.04 -50.32 21.69
N ARG B 40 8.26 -50.10 22.18
CA ARG B 40 9.25 -51.16 22.24
C ARG B 40 8.80 -52.15 23.33
N PRO B 41 9.17 -53.42 23.17
CA PRO B 41 8.79 -54.44 24.17
C PRO B 41 9.13 -54.04 25.59
N GLY B 42 8.11 -53.94 26.43
CA GLY B 42 8.31 -53.59 27.82
C GLY B 42 8.57 -52.12 28.08
N GLN B 43 8.13 -51.26 27.18
CA GLN B 43 8.33 -49.84 27.37
C GLN B 43 7.06 -49.06 27.10
N GLY B 44 7.10 -47.76 27.38
CA GLY B 44 5.93 -46.92 27.19
C GLY B 44 5.61 -46.56 25.77
N LEU B 45 4.51 -45.83 25.64
CA LEU B 45 4.00 -45.34 24.36
C LEU B 45 4.84 -44.18 23.89
N GLU B 46 4.89 -43.98 22.59
CA GLU B 46 5.66 -42.88 22.03
C GLU B 46 5.01 -42.35 20.76
N TRP B 47 4.61 -41.09 20.75
CA TRP B 47 3.97 -40.48 19.59
C TRP B 47 4.92 -40.36 18.40
N ILE B 48 4.44 -40.72 17.20
CA ILE B 48 5.25 -40.66 15.98
C ILE B 48 4.83 -39.53 15.06
N GLY B 49 3.55 -39.49 14.70
CA GLY B 49 3.09 -38.45 13.82
C GLY B 49 1.61 -38.62 13.54
N TYR B 50 1.05 -37.74 12.73
CA TYR B 50 -0.36 -37.87 12.41
C TYR B 50 -0.62 -37.44 10.99
N ILE B 51 -1.78 -37.82 10.46
CA ILE B 51 -2.09 -37.45 9.10
C ILE B 51 -3.57 -37.20 8.94
N ASN B 52 -3.90 -36.23 8.09
CA ASN B 52 -5.29 -35.90 7.83
C ASN B 52 -5.65 -36.63 6.54
N PRO B 53 -6.40 -37.74 6.66
CA PRO B 53 -6.85 -38.56 5.55
C PRO B 53 -7.40 -37.72 4.40
N SER B 54 -8.17 -36.69 4.76
CA SER B 54 -8.80 -35.83 3.77
C SER B 54 -7.89 -34.97 2.95
N THR B 55 -6.80 -34.49 3.53
CA THR B 55 -5.91 -33.59 2.79
C THR B 55 -4.50 -34.08 2.62
N GLY B 56 -4.16 -35.12 3.36
CA GLY B 56 -2.80 -35.66 3.28
C GLY B 56 -1.81 -34.85 4.10
N TYR B 57 -2.31 -33.84 4.80
CA TYR B 57 -1.45 -33.00 5.62
C TYR B 57 -0.84 -33.85 6.72
N THR B 58 0.44 -33.68 6.98
CA THR B 58 1.10 -34.46 8.02
C THR B 58 2.04 -33.66 8.90
N GLU B 59 2.31 -34.22 10.08
CA GLU B 59 3.22 -33.61 11.06
C GLU B 59 3.83 -34.75 11.85
N TYR B 60 5.16 -34.73 11.99
CA TYR B 60 5.83 -35.80 12.73
C TYR B 60 6.57 -35.32 13.97
N ASN B 61 6.87 -36.27 14.82
CA ASN B 61 7.67 -35.98 15.95
C ASN B 61 9.07 -35.72 15.40
N GLN B 62 9.72 -34.70 15.89
CA GLN B 62 11.03 -34.40 15.33
C GLN B 62 11.94 -35.63 15.30
N LYS B 63 11.80 -36.46 16.32
CA LYS B 63 12.59 -37.68 16.47
C LYS B 63 12.41 -38.71 15.35
N PHE B 64 11.25 -38.71 14.70
CA PHE B 64 10.96 -39.67 13.63
C PHE B 64 10.92 -39.07 12.24
N LYS B 65 11.08 -37.76 12.16
CA LYS B 65 11.03 -37.03 10.90
C LYS B 65 11.62 -37.72 9.68
N ASP B 66 12.77 -38.35 9.84
CA ASP B 66 13.43 -39.02 8.72
C ASP B 66 13.23 -40.54 8.68
N LYS B 67 12.47 -41.07 9.62
CA LYS B 67 12.23 -42.50 9.67
C LYS B 67 10.85 -42.91 9.18
N ALA B 68 9.81 -42.21 9.63
CA ALA B 68 8.44 -42.53 9.26
C ALA B 68 7.80 -41.64 8.23
N THR B 69 6.87 -42.20 7.46
CA THR B 69 6.15 -41.46 6.42
C THR B 69 4.69 -41.90 6.37
N LEU B 70 3.78 -40.97 6.61
CA LEU B 70 2.37 -41.29 6.57
C LEU B 70 1.70 -40.90 5.26
N THR B 71 0.83 -41.79 4.79
CA THR B 71 0.07 -41.59 3.55
C THR B 71 -1.33 -42.14 3.74
N ALA B 72 -2.25 -41.75 2.86
CA ALA B 72 -3.62 -42.23 2.98
C ALA B 72 -4.30 -42.36 1.63
N ASP B 73 -5.11 -43.41 1.46
CA ASP B 73 -5.84 -43.60 0.22
C ASP B 73 -7.32 -43.48 0.54
N LYS B 74 -7.92 -42.36 0.16
CA LYS B 74 -9.34 -42.14 0.44
C LYS B 74 -10.26 -43.18 -0.19
N SER B 75 -9.89 -43.64 -1.38
CA SER B 75 -10.70 -44.64 -2.07
C SER B 75 -10.78 -45.99 -1.34
N SER B 76 -9.75 -46.32 -0.58
CA SER B 76 -9.72 -47.58 0.16
C SER B 76 -9.89 -47.39 1.64
N SER B 77 -9.97 -46.14 2.07
CA SER B 77 -10.13 -45.84 3.49
C SER B 77 -9.07 -46.50 4.35
N THR B 78 -7.82 -46.44 3.92
CA THR B 78 -6.76 -47.04 4.70
C THR B 78 -5.57 -46.08 4.77
N VAL B 79 -4.84 -46.15 5.87
CA VAL B 79 -3.68 -45.30 6.10
C VAL B 79 -2.44 -46.15 6.17
N TYR B 80 -1.38 -45.72 5.50
CA TYR B 80 -0.12 -46.44 5.51
C TYR B 80 0.95 -45.68 6.31
N MET B 81 1.86 -46.43 6.92
CA MET B 81 2.95 -45.84 7.67
C MET B 81 4.17 -46.60 7.18
N GLN B 82 5.18 -45.89 6.70
CA GLN B 82 6.36 -46.57 6.20
C GLN B 82 7.61 -46.19 6.95
N LEU B 83 8.37 -47.20 7.39
CA LEU B 83 9.62 -47.00 8.12
C LEU B 83 10.80 -47.34 7.24
N SER B 84 11.83 -46.49 7.26
CA SER B 84 13.01 -46.73 6.41
C SER B 84 14.30 -46.86 7.22
N SER B 85 15.35 -47.38 6.59
CA SER B 85 16.65 -47.57 7.23
C SER B 85 16.45 -48.16 8.61
N LEU B 86 15.88 -49.36 8.64
CA LEU B 86 15.61 -50.01 9.92
C LEU B 86 16.84 -50.41 10.73
N THR B 87 16.65 -50.52 12.04
CA THR B 87 17.71 -50.91 12.96
C THR B 87 17.02 -51.65 14.12
N SER B 88 17.81 -52.31 14.97
CA SER B 88 17.24 -53.05 16.09
C SER B 88 16.38 -52.11 16.93
N GLU B 89 16.71 -50.83 16.90
CA GLU B 89 15.97 -49.84 17.67
C GLU B 89 14.54 -49.64 17.14
N ASP B 90 14.30 -50.09 15.91
CA ASP B 90 12.98 -49.93 15.32
C ASP B 90 12.04 -51.08 15.63
N SER B 91 12.57 -52.12 16.26
CA SER B 91 11.76 -53.28 16.60
C SER B 91 10.77 -52.90 17.70
N ALA B 92 9.49 -52.87 17.35
CA ALA B 92 8.46 -52.53 18.30
C ALA B 92 7.11 -52.73 17.64
N VAL B 93 6.02 -52.53 18.39
CA VAL B 93 4.69 -52.65 17.84
C VAL B 93 4.20 -51.23 17.56
N TYR B 94 3.61 -51.04 16.39
CA TYR B 94 3.09 -49.74 15.97
C TYR B 94 1.55 -49.69 15.91
N TYR B 95 0.97 -48.67 16.52
CA TYR B 95 -0.48 -48.53 16.53
C TYR B 95 -0.97 -47.34 15.72
N CYS B 96 -2.13 -47.45 15.11
CA CYS B 96 -2.78 -46.34 14.41
C CYS B 96 -3.97 -46.02 15.30
N ALA B 97 -4.35 -44.77 15.44
CA ALA B 97 -5.48 -44.41 16.28
C ALA B 97 -6.26 -43.29 15.63
N ARG B 98 -7.59 -43.38 15.71
CA ARG B 98 -8.46 -42.38 15.14
C ARG B 98 -8.75 -41.39 16.27
N THR B 99 -8.70 -40.11 15.96
CA THR B 99 -8.92 -39.11 17.01
C THR B 99 -10.39 -38.96 17.38
N THR B 100 -10.61 -38.16 18.41
CA THR B 100 -11.93 -37.83 18.89
C THR B 100 -12.42 -36.79 17.88
N VAL B 101 -13.56 -36.17 18.11
CA VAL B 101 -14.08 -35.19 17.14
C VAL B 101 -13.22 -33.94 17.01
N ASP B 102 -12.74 -33.44 18.14
CA ASP B 102 -11.91 -32.23 18.18
C ASP B 102 -10.50 -32.48 17.62
N GLY B 103 -10.13 -33.75 17.49
CA GLY B 103 -8.85 -34.10 16.93
C GLY B 103 -7.66 -34.03 17.88
N TYR B 104 -7.90 -34.00 19.18
CA TYR B 104 -6.81 -33.92 20.13
C TYR B 104 -6.49 -35.22 20.83
N ASP B 105 -7.49 -36.05 21.02
CA ASP B 105 -7.25 -37.32 21.69
C ASP B 105 -7.59 -38.55 20.84
N PHE B 106 -6.97 -39.67 21.21
CA PHE B 106 -7.13 -40.93 20.48
C PHE B 106 -8.26 -41.81 20.99
N ALA B 107 -9.38 -41.81 20.27
CA ALA B 107 -10.57 -42.56 20.67
C ALA B 107 -10.56 -44.05 20.36
N TYR B 108 -10.03 -44.39 19.18
CA TYR B 108 -9.98 -45.76 18.73
C TYR B 108 -8.60 -46.18 18.30
N TRP B 109 -8.24 -47.41 18.64
CA TRP B 109 -6.93 -47.93 18.29
C TRP B 109 -6.97 -49.23 17.49
N GLY B 110 -5.89 -49.49 16.76
CA GLY B 110 -5.79 -50.71 15.99
C GLY B 110 -5.23 -51.77 16.93
N GLN B 111 -5.04 -52.98 16.45
CA GLN B 111 -4.53 -54.03 17.32
C GLN B 111 -3.02 -53.92 17.40
N GLY B 112 -2.46 -53.15 16.49
CA GLY B 112 -1.03 -52.99 16.48
C GLY B 112 -0.35 -53.89 15.46
N THR B 113 0.84 -53.52 15.05
CA THR B 113 1.61 -54.30 14.08
C THR B 113 3.01 -54.39 14.62
N LEU B 114 3.44 -55.60 14.94
CA LEU B 114 4.77 -55.83 15.48
C LEU B 114 5.77 -55.91 14.35
N VAL B 115 6.90 -55.22 14.49
CA VAL B 115 7.94 -55.27 13.46
C VAL B 115 9.23 -55.72 14.12
N THR B 116 9.90 -56.70 13.50
CA THR B 116 11.14 -57.21 14.04
C THR B 116 12.22 -56.94 13.04
N VAL B 117 13.29 -56.27 13.47
CA VAL B 117 14.41 -55.98 12.58
C VAL B 117 15.58 -56.88 12.93
N SER B 118 15.79 -57.90 12.13
CA SER B 118 16.87 -58.85 12.39
C SER B 118 17.39 -59.52 11.12
N ALA B 119 18.68 -59.83 11.15
CA ALA B 119 19.34 -60.50 10.02
C ALA B 119 19.02 -61.99 10.08
N ALA B 120 18.51 -62.42 11.23
CA ALA B 120 18.13 -63.82 11.45
C ALA B 120 17.07 -64.25 10.43
N LYS B 121 16.97 -65.57 10.21
CA LYS B 121 16.02 -66.11 9.25
C LYS B 121 14.83 -66.79 9.89
N THR B 122 13.66 -66.62 9.26
CA THR B 122 12.42 -67.22 9.71
C THR B 122 12.64 -68.68 9.91
N THR B 123 11.88 -69.28 10.82
CA THR B 123 12.01 -70.72 11.07
C THR B 123 10.76 -71.18 11.80
N ALA B 124 10.10 -72.20 11.23
CA ALA B 124 8.87 -72.72 11.81
C ALA B 124 9.11 -73.36 13.17
N PRO B 125 8.12 -73.25 14.06
CA PRO B 125 8.23 -73.83 15.40
C PRO B 125 7.82 -75.28 15.34
N SER B 126 7.98 -75.97 16.46
CA SER B 126 7.63 -77.37 16.54
C SER B 126 6.68 -77.42 17.73
N VAL B 127 5.51 -78.01 17.54
CA VAL B 127 4.56 -78.07 18.61
C VAL B 127 4.46 -79.47 19.19
N TYR B 128 4.86 -79.61 20.46
CA TYR B 128 4.81 -80.89 21.14
C TYR B 128 3.76 -80.83 22.22
N PRO B 129 3.01 -81.94 22.40
CA PRO B 129 1.96 -82.03 23.42
C PRO B 129 2.52 -82.42 24.77
N LEU B 130 1.94 -81.90 25.84
CA LEU B 130 2.40 -82.23 27.18
C LEU B 130 1.29 -82.91 27.98
N ALA B 131 1.41 -84.23 28.15
CA ALA B 131 0.45 -85.05 28.90
C ALA B 131 1.04 -85.47 30.24
N PRO B 132 0.19 -85.64 31.26
CA PRO B 132 0.57 -86.04 32.63
C PRO B 132 1.46 -87.27 32.77
N GLY B 133 2.21 -87.32 33.88
CA GLY B 133 3.12 -88.42 34.14
C GLY B 133 2.58 -89.78 33.70
N SER B 134 1.96 -90.50 34.62
CA SER B 134 1.38 -91.82 34.33
C SER B 134 0.43 -92.26 35.43
N ALA B 135 0.81 -92.02 36.68
CA ALA B 135 -0.04 -92.38 37.82
C ALA B 135 -1.23 -91.43 37.87
N ALA B 136 -2.15 -91.61 36.93
CA ALA B 136 -3.37 -90.80 36.81
C ALA B 136 -4.15 -90.78 38.12
N GLN B 137 -3.85 -91.75 38.99
CA GLN B 137 -4.49 -91.87 40.29
C GLN B 137 -3.98 -90.77 41.22
N THR B 138 -4.32 -89.53 40.92
CA THR B 138 -3.89 -88.41 41.75
C THR B 138 -4.83 -87.21 41.71
N ASN B 139 -5.80 -87.22 42.63
CA ASN B 139 -6.76 -86.12 42.82
C ASN B 139 -7.70 -85.75 41.67
N SER B 140 -8.48 -84.69 41.91
CA SER B 140 -9.46 -84.16 40.95
C SER B 140 -8.78 -83.20 40.00
N MET B 141 -9.45 -82.81 38.93
CA MET B 141 -8.84 -81.87 37.98
C MET B 141 -7.64 -82.48 37.24
N VAL B 142 -6.91 -81.65 36.49
CA VAL B 142 -5.71 -82.06 35.77
C VAL B 142 -5.22 -80.93 34.86
N THR B 143 -3.90 -80.76 34.78
CA THR B 143 -3.34 -79.71 33.93
C THR B 143 -2.61 -80.34 32.74
N LEU B 144 -2.77 -79.72 31.58
CA LEU B 144 -2.13 -80.18 30.36
C LEU B 144 -1.24 -79.09 29.82
N GLY B 145 -0.56 -79.37 28.72
CA GLY B 145 0.32 -78.36 28.17
C GLY B 145 0.52 -78.45 26.68
N CYS B 146 1.38 -77.58 26.17
CA CYS B 146 1.66 -77.53 24.75
C CYS B 146 2.95 -76.73 24.65
N LEU B 147 3.99 -77.33 24.10
CA LEU B 147 5.27 -76.65 23.98
C LEU B 147 5.54 -76.27 22.55
N VAL B 148 5.83 -74.99 22.32
CA VAL B 148 6.11 -74.51 20.99
C VAL B 148 7.56 -74.08 21.02
N LYS B 149 8.43 -74.95 20.51
CA LYS B 149 9.84 -74.62 20.52
C LYS B 149 10.58 -74.47 19.18
N GLY B 150 11.20 -73.29 19.10
CA GLY B 150 12.29 -72.99 18.20
C GLY B 150 11.76 -72.35 16.93
N TYR B 151 11.31 -71.11 17.05
CA TYR B 151 10.76 -70.37 15.92
C TYR B 151 11.37 -68.96 15.85
N PHE B 152 10.85 -68.16 14.91
CA PHE B 152 11.31 -66.78 14.67
C PHE B 152 10.65 -66.21 13.42
N PRO B 153 10.13 -64.96 13.47
CA PRO B 153 10.10 -63.95 14.53
C PRO B 153 9.06 -64.28 15.60
N GLU B 154 8.95 -63.38 16.58
CA GLU B 154 8.12 -63.49 17.77
C GLU B 154 6.57 -63.60 17.63
N PRO B 155 5.93 -63.35 16.50
CA PRO B 155 4.46 -63.45 16.56
C PRO B 155 3.82 -64.84 16.36
N VAL B 156 3.26 -65.36 17.42
CA VAL B 156 2.63 -66.69 17.42
C VAL B 156 1.32 -66.69 18.22
N THR B 157 0.30 -67.44 17.84
CA THR B 157 -0.95 -67.42 18.61
C THR B 157 -1.28 -68.83 19.07
N VAL B 158 -1.72 -68.97 20.31
CA VAL B 158 -2.06 -70.27 20.88
C VAL B 158 -3.42 -70.23 21.52
N THR B 159 -4.32 -71.09 21.05
CA THR B 159 -5.66 -71.17 21.63
C THR B 159 -5.96 -72.64 21.94
N TRP B 160 -7.00 -72.89 22.74
CA TRP B 160 -7.37 -74.27 23.06
C TRP B 160 -8.77 -74.52 22.52
N ASN B 161 -8.87 -75.50 21.61
CA ASN B 161 -10.13 -75.86 20.97
C ASN B 161 -10.66 -74.60 20.28
N SER B 162 -9.81 -74.04 19.43
CA SER B 162 -10.12 -72.85 18.66
C SER B 162 -10.85 -71.79 19.47
N GLY B 163 -10.45 -71.61 20.72
CA GLY B 163 -11.07 -70.58 21.53
C GLY B 163 -12.14 -71.01 22.51
N SER B 164 -12.86 -72.09 22.20
CA SER B 164 -13.92 -72.54 23.10
C SER B 164 -13.40 -72.71 24.52
N LEU B 165 -12.18 -73.24 24.66
CA LEU B 165 -11.59 -73.41 25.98
C LEU B 165 -10.70 -72.21 26.27
N SER B 166 -11.15 -71.35 27.17
CA SER B 166 -10.40 -70.15 27.53
C SER B 166 -10.17 -70.07 29.04
N SER B 167 -10.94 -70.83 29.81
CA SER B 167 -10.81 -70.82 31.25
C SER B 167 -9.58 -71.62 31.71
N GLY B 168 -8.97 -71.20 32.83
CA GLY B 168 -7.80 -71.89 33.36
C GLY B 168 -6.65 -72.09 32.38
N VAL B 169 -6.39 -71.07 31.57
CA VAL B 169 -5.32 -71.13 30.57
C VAL B 169 -4.23 -70.09 30.83
N HIS B 170 -2.98 -70.50 30.70
CA HIS B 170 -1.84 -69.64 30.90
C HIS B 170 -0.86 -69.79 29.76
N THR B 171 -0.74 -68.77 28.93
CA THR B 171 0.23 -68.85 27.85
C THR B 171 1.44 -68.08 28.34
N PHE B 172 2.58 -68.75 28.44
CA PHE B 172 3.78 -68.11 28.91
C PHE B 172 4.51 -67.37 27.81
N PRO B 173 5.03 -66.18 28.14
CA PRO B 173 5.77 -65.31 27.22
C PRO B 173 6.96 -66.02 26.58
N ALA B 174 7.11 -65.83 25.29
CA ALA B 174 8.21 -66.44 24.57
C ALA B 174 9.54 -65.98 25.18
N VAL B 175 10.52 -66.87 25.18
CA VAL B 175 11.84 -66.55 25.71
C VAL B 175 12.86 -66.78 24.60
N LEU B 176 13.60 -65.73 24.25
CA LEU B 176 14.60 -65.84 23.18
C LEU B 176 15.83 -66.61 23.67
N GLN B 177 16.47 -67.33 22.75
CA GLN B 177 17.63 -68.14 23.09
C GLN B 177 18.26 -68.61 21.78
N SER B 178 19.46 -68.10 21.49
CA SER B 178 20.17 -68.43 20.25
C SER B 178 19.34 -68.15 19.00
N ASP B 179 18.67 -66.99 18.98
CA ASP B 179 17.84 -66.60 17.84
C ASP B 179 16.63 -67.51 17.58
N LEU B 180 16.13 -68.14 18.64
CA LEU B 180 14.97 -69.01 18.51
C LEU B 180 14.07 -68.89 19.73
N TYR B 181 12.81 -68.54 19.50
CA TYR B 181 11.88 -68.37 20.60
C TYR B 181 11.30 -69.69 21.02
N THR B 182 10.94 -69.78 22.29
CA THR B 182 10.32 -70.97 22.83
C THR B 182 9.20 -70.47 23.73
N LEU B 183 8.02 -71.02 23.53
CA LEU B 183 6.85 -70.63 24.27
C LEU B 183 6.06 -71.86 24.71
N SER B 184 5.33 -71.73 25.81
CA SER B 184 4.54 -72.84 26.28
C SER B 184 3.22 -72.32 26.85
N SER B 185 2.24 -73.21 26.95
CA SER B 185 0.93 -72.85 27.47
C SER B 185 0.41 -73.99 28.34
N SER B 186 -0.33 -73.65 29.40
CA SER B 186 -0.88 -74.68 30.28
C SER B 186 -2.38 -74.48 30.48
N VAL B 187 -3.11 -75.58 30.57
CA VAL B 187 -4.57 -75.52 30.77
C VAL B 187 -5.02 -76.54 31.82
N THR B 188 -5.93 -76.12 32.69
CA THR B 188 -6.45 -76.99 33.74
C THR B 188 -7.94 -77.27 33.55
N VAL B 189 -8.34 -78.50 33.87
CA VAL B 189 -9.73 -78.93 33.74
C VAL B 189 -10.07 -80.00 34.80
N PRO B 190 -11.36 -80.37 34.92
CA PRO B 190 -11.79 -81.39 35.90
C PRO B 190 -11.41 -82.80 35.45
N SER B 191 -11.03 -83.64 36.43
CA SER B 191 -10.65 -85.01 36.14
C SER B 191 -11.57 -85.64 35.11
N SER B 192 -12.87 -85.54 35.38
CA SER B 192 -13.91 -86.10 34.51
C SER B 192 -13.89 -85.62 33.05
N THR B 193 -13.56 -84.36 32.83
CA THR B 193 -13.54 -83.80 31.48
C THR B 193 -12.39 -84.30 30.59
N TRP B 194 -11.45 -85.04 31.16
CA TRP B 194 -10.34 -85.54 30.37
C TRP B 194 -9.82 -86.84 30.96
N PRO B 195 -9.39 -87.79 30.11
CA PRO B 195 -9.35 -87.71 28.65
C PRO B 195 -10.70 -87.78 27.94
N SER B 196 -11.79 -87.82 28.70
CA SER B 196 -13.13 -87.92 28.14
C SER B 196 -13.38 -86.91 27.02
N GLU B 197 -13.07 -85.65 27.30
CA GLU B 197 -13.25 -84.58 26.32
C GLU B 197 -11.95 -84.42 25.52
N THR B 198 -12.08 -84.02 24.25
CA THR B 198 -10.92 -83.84 23.38
C THR B 198 -10.33 -82.43 23.44
N VAL B 199 -9.20 -82.31 24.13
CA VAL B 199 -8.51 -81.04 24.30
C VAL B 199 -7.40 -80.88 23.28
N THR B 200 -7.63 -80.06 22.26
CA THR B 200 -6.63 -79.84 21.23
C THR B 200 -6.01 -78.43 21.28
N CYS B 201 -4.70 -78.36 21.01
CA CYS B 201 -3.93 -77.11 21.06
C CYS B 201 -3.68 -76.51 19.67
N ASN B 202 -4.37 -75.43 19.34
CA ASN B 202 -4.18 -74.80 18.02
C ASN B 202 -3.10 -73.74 18.05
N VAL B 203 -2.07 -73.94 17.24
CA VAL B 203 -0.95 -73.01 17.19
C VAL B 203 -0.73 -72.45 15.80
N ALA B 204 -0.45 -71.15 15.74
CA ALA B 204 -0.23 -70.49 14.47
C ALA B 204 1.00 -69.61 14.53
N HIS B 205 1.73 -69.56 13.43
CA HIS B 205 2.92 -68.75 13.33
C HIS B 205 2.99 -68.25 11.89
N PRO B 206 2.20 -67.21 11.58
CA PRO B 206 2.14 -66.63 10.23
C PRO B 206 3.50 -66.32 9.61
N ALA B 207 4.47 -65.95 10.42
CA ALA B 207 5.79 -65.62 9.89
C ALA B 207 6.34 -66.69 8.94
N SER B 208 5.87 -67.93 9.11
CA SER B 208 6.33 -69.03 8.27
C SER B 208 5.18 -69.92 7.82
N SER B 209 4.02 -69.29 7.63
CA SER B 209 2.83 -69.99 7.19
C SER B 209 2.66 -71.30 7.96
N THR B 210 3.14 -71.33 9.19
CA THR B 210 2.99 -72.53 9.99
C THR B 210 1.68 -72.44 10.73
N LYS B 211 0.88 -73.50 10.66
CA LYS B 211 -0.41 -73.53 11.34
C LYS B 211 -0.61 -75.00 11.69
N VAL B 212 -0.77 -75.29 12.97
CA VAL B 212 -0.96 -76.67 13.38
C VAL B 212 -1.84 -76.78 14.61
N ASP B 213 -2.51 -77.92 14.72
CA ASP B 213 -3.37 -78.19 15.86
C ASP B 213 -2.81 -79.51 16.43
N LYS B 214 -2.79 -79.64 17.75
CA LYS B 214 -2.24 -80.85 18.36
C LYS B 214 -3.15 -81.40 19.44
N LYS B 215 -3.77 -82.54 19.17
CA LYS B 215 -4.65 -83.15 20.14
C LYS B 215 -3.78 -83.66 21.29
N ILE B 216 -4.30 -83.62 22.50
CA ILE B 216 -3.53 -84.08 23.65
C ILE B 216 -3.98 -85.46 24.09
N VAL B 217 -3.27 -86.48 23.62
CA VAL B 217 -3.59 -87.86 23.97
C VAL B 217 -2.75 -88.27 25.18
N PRO B 218 -3.34 -89.06 26.11
CA PRO B 218 -2.68 -89.54 27.33
C PRO B 218 -1.45 -90.43 27.11
N ARG B 219 -0.74 -90.70 28.20
CA ARG B 219 0.47 -91.52 28.19
C ARG B 219 0.16 -93.02 28.33
N ASP C 1 -33.67 22.94 3.81
CA ASP C 1 -32.95 22.00 4.71
C ASP C 1 -33.75 21.72 5.99
N MET C 2 -33.38 22.40 7.06
CA MET C 2 -34.05 22.26 8.35
C MET C 2 -35.09 23.36 8.44
N VAL C 3 -36.27 23.01 8.96
CA VAL C 3 -37.33 23.99 9.07
C VAL C 3 -38.11 23.84 10.36
N MET C 4 -38.16 24.93 11.14
CA MET C 4 -38.86 24.91 12.39
C MET C 4 -40.20 25.60 12.27
N SER C 5 -41.26 24.90 12.67
CA SER C 5 -42.61 25.46 12.59
C SER C 5 -43.28 25.49 13.95
N GLN C 6 -43.54 26.71 14.43
CA GLN C 6 -44.19 26.87 15.71
C GLN C 6 -45.66 27.19 15.48
N SER C 7 -46.48 26.87 16.46
CA SER C 7 -47.91 27.12 16.35
C SER C 7 -48.55 27.07 17.72
N PRO C 8 -49.50 27.96 17.99
CA PRO C 8 -49.98 28.98 17.05
C PRO C 8 -49.00 30.15 16.97
N SER C 9 -49.33 31.16 16.17
CA SER C 9 -48.46 32.33 16.04
C SER C 9 -48.57 33.21 17.27
N SER C 10 -49.75 33.18 17.88
CA SER C 10 -50.02 33.97 19.08
C SER C 10 -51.24 33.40 19.78
N LEU C 11 -51.32 33.62 21.10
CA LEU C 11 -52.45 33.12 21.87
C LEU C 11 -52.72 33.96 23.12
N ALA C 12 -53.99 34.17 23.41
CA ALA C 12 -54.37 34.96 24.57
C ALA C 12 -54.89 34.05 25.67
N VAL C 13 -54.46 34.33 26.89
CA VAL C 13 -54.87 33.54 28.03
C VAL C 13 -54.87 34.44 29.26
N SER C 14 -55.75 34.16 30.22
CA SER C 14 -55.79 34.97 31.43
C SER C 14 -54.86 34.39 32.49
N ALA C 15 -54.47 35.23 33.45
CA ALA C 15 -53.58 34.80 34.52
C ALA C 15 -54.20 33.65 35.28
N GLY C 16 -53.38 32.66 35.60
CA GLY C 16 -53.88 31.50 36.30
C GLY C 16 -54.09 30.34 35.36
N GLU C 17 -54.61 30.61 34.18
CA GLU C 17 -54.87 29.58 33.18
C GLU C 17 -53.60 28.85 32.71
N LYS C 18 -53.79 27.81 31.91
CA LYS C 18 -52.68 27.01 31.40
C LYS C 18 -52.60 27.13 29.88
N VAL C 19 -51.38 27.07 29.35
CA VAL C 19 -51.16 27.16 27.90
C VAL C 19 -50.14 26.16 27.38
N SER C 20 -50.20 25.91 26.07
CA SER C 20 -49.28 25.00 25.41
C SER C 20 -49.08 25.44 24.00
N MET C 21 -47.85 25.35 23.53
CA MET C 21 -47.55 25.72 22.16
C MET C 21 -46.75 24.59 21.54
N SER C 22 -46.77 24.52 20.22
CA SER C 22 -46.07 23.47 19.51
C SER C 22 -44.91 23.92 18.64
N CYS C 23 -43.92 23.05 18.55
CA CYS C 23 -42.74 23.28 17.75
C CYS C 23 -42.53 21.96 17.03
N LYS C 24 -42.46 22.02 15.70
CA LYS C 24 -42.25 20.82 14.92
C LYS C 24 -41.16 21.03 13.89
N SER C 25 -40.23 20.09 13.80
CA SER C 25 -39.15 20.20 12.85
C SER C 25 -39.36 19.26 11.67
N SER C 26 -38.75 19.62 10.54
CA SER C 26 -38.86 18.83 9.34
C SER C 26 -37.83 17.71 9.35
N GLN C 27 -37.14 17.57 10.48
CA GLN C 27 -36.10 16.55 10.63
C GLN C 27 -36.07 16.14 12.07
N THR C 28 -35.75 14.88 12.35
CA THR C 28 -35.72 14.46 13.73
C THR C 28 -34.52 15.04 14.44
N LEU C 29 -34.74 15.49 15.66
CA LEU C 29 -33.71 16.10 16.48
C LEU C 29 -33.27 15.14 17.56
N LEU C 30 -33.65 13.88 17.40
CA LEU C 30 -33.29 12.86 18.39
C LEU C 30 -32.08 12.03 17.99
N ASN C 31 -31.25 11.72 18.98
CA ASN C 31 -30.06 10.92 18.77
C ASN C 31 -30.38 9.56 19.37
N SER C 32 -30.72 8.62 18.50
CA SER C 32 -31.09 7.25 18.87
C SER C 32 -30.21 6.71 19.98
N ARG C 33 -28.91 6.75 19.75
CA ARG C 33 -27.94 6.25 20.71
C ARG C 33 -28.02 6.85 22.11
N THR C 34 -27.91 8.18 22.18
CA THR C 34 -27.93 8.88 23.47
C THR C 34 -29.30 9.21 24.02
N ARG C 35 -30.32 9.16 23.17
CA ARG C 35 -31.68 9.47 23.60
C ARG C 35 -31.90 10.96 23.83
N LYS C 36 -30.94 11.78 23.41
CA LYS C 36 -31.01 13.23 23.58
C LYS C 36 -31.70 13.95 22.41
N ASN C 37 -32.56 14.91 22.74
CA ASN C 37 -33.26 15.72 21.76
C ASN C 37 -32.62 17.12 21.72
N TYR C 38 -31.87 17.41 20.66
CA TYR C 38 -31.19 18.69 20.50
C TYR C 38 -32.15 19.82 20.18
N LEU C 39 -32.98 20.18 21.14
CA LEU C 39 -33.93 21.29 20.96
C LEU C 39 -34.10 22.08 22.26
N ALA C 40 -34.14 23.41 22.13
CA ALA C 40 -34.32 24.28 23.30
C ALA C 40 -35.43 25.31 23.10
N TRP C 41 -35.81 25.94 24.20
CA TRP C 41 -36.85 26.98 24.21
C TRP C 41 -36.31 28.30 24.78
N TYR C 42 -36.60 29.40 24.11
CA TYR C 42 -36.15 30.71 24.53
C TYR C 42 -37.32 31.64 24.76
N GLN C 43 -37.20 32.49 25.78
CA GLN C 43 -38.24 33.47 26.11
C GLN C 43 -37.68 34.85 25.83
N GLN C 44 -38.46 35.72 25.19
CA GLN C 44 -38.00 37.08 24.93
C GLN C 44 -39.09 38.08 25.26
N LYS C 45 -38.98 38.69 26.44
CA LYS C 45 -39.96 39.69 26.88
C LYS C 45 -39.76 40.99 26.12
N PRO C 46 -40.85 41.73 25.87
CA PRO C 46 -40.74 43.00 25.13
C PRO C 46 -39.56 43.87 25.54
N GLY C 47 -38.85 44.35 24.52
CA GLY C 47 -37.69 45.20 24.73
C GLY C 47 -36.51 44.57 25.45
N GLN C 48 -36.44 43.23 25.46
CA GLN C 48 -35.33 42.56 26.14
C GLN C 48 -34.57 41.59 25.26
N SER C 49 -33.54 40.98 25.84
CA SER C 49 -32.76 39.99 25.12
C SER C 49 -33.44 38.65 25.33
N PRO C 50 -33.19 37.70 24.43
CA PRO C 50 -33.80 36.37 24.57
C PRO C 50 -33.17 35.65 25.77
N LYS C 51 -33.98 34.91 26.51
CA LYS C 51 -33.50 34.15 27.67
C LYS C 51 -33.68 32.64 27.46
N LEU C 52 -32.68 31.86 27.86
CA LEU C 52 -32.79 30.42 27.71
C LEU C 52 -33.70 29.86 28.81
N LEU C 53 -34.73 29.11 28.40
CA LEU C 53 -35.68 28.51 29.34
C LEU C 53 -35.49 27.01 29.53
N ILE C 54 -35.54 26.28 28.41
CA ILE C 54 -35.40 24.82 28.42
C ILE C 54 -34.37 24.38 27.40
N TYR C 55 -33.54 23.42 27.78
CA TYR C 55 -32.55 22.88 26.85
C TYR C 55 -32.67 21.34 26.90
N TRP C 56 -32.24 20.69 25.82
CA TRP C 56 -32.34 19.23 25.73
C TRP C 56 -33.80 18.82 25.74
N ALA C 57 -34.72 19.52 25.05
CA ALA C 57 -36.12 19.02 24.95
C ALA C 57 -36.96 19.00 26.21
N SER C 58 -36.34 19.04 27.40
CA SER C 58 -37.14 19.00 28.62
C SER C 58 -36.46 19.44 29.90
N THR C 59 -35.17 19.74 29.82
CA THR C 59 -34.44 20.19 31.01
C THR C 59 -34.55 21.70 31.25
N ARG C 60 -34.98 22.04 32.46
CA ARG C 60 -35.18 23.40 32.89
C ARG C 60 -33.83 24.08 33.14
N GLU C 61 -33.68 25.30 32.65
CA GLU C 61 -32.44 26.03 32.87
C GLU C 61 -32.46 26.57 34.29
N SER C 62 -31.28 26.68 34.89
CA SER C 62 -31.14 27.16 36.24
C SER C 62 -31.92 28.45 36.49
N GLY C 63 -32.66 28.49 37.59
CA GLY C 63 -33.44 29.67 37.93
C GLY C 63 -34.76 29.80 37.22
N VAL C 64 -35.15 28.83 36.41
CA VAL C 64 -36.43 28.91 35.70
C VAL C 64 -37.53 28.23 36.53
N PRO C 65 -38.59 28.97 36.88
CA PRO C 65 -39.70 28.41 37.66
C PRO C 65 -40.21 27.10 37.06
N ASP C 66 -40.67 26.22 37.92
CA ASP C 66 -41.15 24.92 37.49
C ASP C 66 -42.50 24.91 36.79
N ARG C 67 -43.15 26.07 36.68
CA ARG C 67 -44.42 26.09 35.98
C ARG C 67 -44.20 25.96 34.46
N PHE C 68 -42.95 26.09 34.02
CA PHE C 68 -42.59 25.94 32.61
C PHE C 68 -42.16 24.50 32.40
N THR C 69 -42.71 23.85 31.38
CA THR C 69 -42.39 22.45 31.12
C THR C 69 -42.10 22.13 29.67
N GLY C 70 -40.97 21.48 29.44
CA GLY C 70 -40.60 21.12 28.09
C GLY C 70 -40.85 19.66 27.85
N SER C 71 -41.55 19.35 26.76
CA SER C 71 -41.87 17.96 26.43
C SER C 71 -41.78 17.72 24.94
N GLY C 72 -41.93 16.45 24.57
CA GLY C 72 -41.87 16.07 23.17
C GLY C 72 -40.61 15.31 22.80
N SER C 73 -40.57 14.84 21.57
CA SER C 73 -39.41 14.11 21.11
C SER C 73 -39.43 13.97 19.59
N GLY C 74 -38.27 13.62 19.05
CA GLY C 74 -38.17 13.40 17.62
C GLY C 74 -38.40 14.61 16.76
N THR C 75 -39.66 14.94 16.50
CA THR C 75 -39.94 16.12 15.69
C THR C 75 -41.17 16.88 16.17
N ASP C 76 -41.71 16.48 17.31
CA ASP C 76 -42.87 17.15 17.85
C ASP C 76 -42.65 17.46 19.31
N PHE C 77 -42.53 18.76 19.57
CA PHE C 77 -42.28 19.25 20.92
C PHE C 77 -43.31 20.25 21.36
N THR C 78 -43.48 20.34 22.67
CA THR C 78 -44.45 21.26 23.24
C THR C 78 -43.93 21.95 24.49
N LEU C 79 -44.18 23.26 24.57
CA LEU C 79 -43.79 24.03 25.73
C LEU C 79 -45.09 24.28 26.47
N THR C 80 -45.08 24.12 27.79
CA THR C 80 -46.30 24.31 28.56
C THR C 80 -46.11 25.10 29.84
N ILE C 81 -46.87 26.18 29.98
CA ILE C 81 -46.83 27.02 31.17
C ILE C 81 -48.05 26.65 32.01
N SER C 82 -47.79 26.02 33.16
CA SER C 82 -48.87 25.55 34.04
C SER C 82 -49.88 26.60 34.45
N SER C 83 -49.40 27.73 34.98
CA SER C 83 -50.30 28.81 35.38
C SER C 83 -49.67 30.15 35.09
N VAL C 84 -49.87 30.60 33.85
CA VAL C 84 -49.33 31.86 33.37
C VAL C 84 -49.55 33.05 34.31
N GLN C 85 -48.61 33.99 34.27
CA GLN C 85 -48.65 35.21 35.06
C GLN C 85 -48.38 36.39 34.14
N ALA C 86 -48.80 37.58 34.52
CA ALA C 86 -48.60 38.76 33.69
C ALA C 86 -47.17 38.84 33.19
N GLU C 87 -46.22 38.70 34.10
CA GLU C 87 -44.82 38.77 33.74
C GLU C 87 -44.39 37.78 32.66
N ASP C 88 -45.24 36.81 32.35
CA ASP C 88 -44.89 35.82 31.34
C ASP C 88 -45.17 36.28 29.93
N LEU C 89 -45.71 37.48 29.81
CA LEU C 89 -45.99 38.06 28.50
C LEU C 89 -44.69 38.11 27.73
N ALA C 90 -44.66 37.46 26.56
CA ALA C 90 -43.44 37.43 25.76
C ALA C 90 -43.63 36.58 24.51
N VAL C 91 -42.60 36.55 23.66
CA VAL C 91 -42.65 35.70 22.48
C VAL C 91 -41.72 34.53 22.80
N TYR C 92 -42.20 33.31 22.57
CA TYR C 92 -41.40 32.14 22.83
C TYR C 92 -40.90 31.51 21.54
N TYR C 93 -39.59 31.30 21.47
CA TYR C 93 -38.93 30.74 20.30
C TYR C 93 -38.36 29.38 20.63
N CYS C 94 -38.46 28.43 19.69
CA CYS C 94 -37.87 27.12 19.89
C CYS C 94 -36.72 27.03 18.92
N LYS C 95 -35.60 26.47 19.36
CA LYS C 95 -34.43 26.40 18.52
C LYS C 95 -33.82 25.01 18.53
N GLN C 96 -33.48 24.53 17.34
CA GLN C 96 -32.87 23.20 17.22
C GLN C 96 -31.36 23.40 17.14
N SER C 97 -30.62 22.46 17.73
CA SER C 97 -29.16 22.52 17.73
C SER C 97 -28.53 21.26 17.19
N TYR C 98 -29.34 20.43 16.52
CA TYR C 98 -28.93 19.14 15.94
C TYR C 98 -28.01 19.29 14.72
N ASN C 99 -28.54 19.88 13.67
CA ASN C 99 -27.80 20.14 12.44
C ASN C 99 -27.68 21.67 12.34
N LEU C 100 -26.58 22.18 12.89
CA LEU C 100 -26.36 23.62 12.99
C LEU C 100 -27.42 24.19 13.95
N TRP C 101 -28.02 25.34 13.61
CA TRP C 101 -29.02 25.93 14.52
C TRP C 101 -30.17 26.63 13.79
N THR C 102 -31.38 26.46 14.29
CA THR C 102 -32.54 27.11 13.67
C THR C 102 -33.64 27.50 14.68
N PHE C 103 -34.20 28.69 14.52
CA PHE C 103 -35.25 29.17 15.41
C PHE C 103 -36.59 29.08 14.70
N GLY C 104 -37.64 28.88 15.48
CA GLY C 104 -38.98 28.83 14.93
C GLY C 104 -39.43 30.26 14.73
N GLY C 105 -40.66 30.45 14.25
CA GLY C 105 -41.17 31.80 14.04
C GLY C 105 -41.60 32.44 15.35
N GLY C 106 -41.70 31.61 16.39
CA GLY C 106 -42.09 32.09 17.70
C GLY C 106 -43.60 32.16 17.91
N THR C 107 -44.00 32.09 19.17
CA THR C 107 -45.41 32.17 19.52
C THR C 107 -45.48 33.34 20.48
N LYS C 108 -46.21 34.38 20.09
CA LYS C 108 -46.37 35.56 20.91
C LYS C 108 -47.44 35.23 21.92
N LEU C 109 -47.11 35.36 23.21
CA LEU C 109 -48.07 35.09 24.28
C LEU C 109 -48.67 36.40 24.78
N GLU C 110 -49.97 36.58 24.59
CA GLU C 110 -50.64 37.80 25.04
C GLU C 110 -51.46 37.48 26.30
N ILE C 111 -51.79 38.50 27.08
CA ILE C 111 -52.56 38.28 28.30
C ILE C 111 -53.98 38.84 28.23
N LYS C 112 -54.98 38.00 28.50
CA LYS C 112 -56.38 38.45 28.51
C LYS C 112 -56.60 39.10 29.85
N ARG C 113 -57.35 40.19 29.83
CA ARG C 113 -57.57 40.96 31.03
C ARG C 113 -58.99 41.57 31.00
N ALA C 114 -59.40 42.18 32.11
CA ALA C 114 -60.72 42.79 32.20
C ALA C 114 -60.76 44.12 31.42
N ASP C 115 -61.86 44.37 30.71
CA ASP C 115 -62.00 45.62 29.94
C ASP C 115 -61.75 46.83 30.83
N ALA C 116 -61.05 47.83 30.31
CA ALA C 116 -60.75 49.03 31.08
C ALA C 116 -60.67 50.26 30.18
N ALA C 117 -61.25 51.36 30.63
CA ALA C 117 -61.25 52.61 29.88
C ALA C 117 -59.94 53.37 30.11
N PRO C 118 -59.52 54.18 29.13
CA PRO C 118 -58.29 54.97 29.20
C PRO C 118 -58.37 56.24 30.04
N THR C 119 -57.24 56.63 30.61
CA THR C 119 -57.15 57.84 31.40
C THR C 119 -56.54 58.91 30.49
N VAL C 120 -57.42 59.73 29.92
CA VAL C 120 -57.03 60.77 28.99
C VAL C 120 -56.42 62.05 29.59
N SER C 121 -55.38 62.55 28.93
CA SER C 121 -54.69 63.76 29.37
C SER C 121 -54.35 64.57 28.13
N ILE C 122 -54.59 65.87 28.19
CA ILE C 122 -54.32 66.75 27.06
C ILE C 122 -53.10 67.65 27.37
N PHE C 123 -52.27 67.93 26.37
CA PHE C 123 -51.09 68.79 26.59
C PHE C 123 -50.87 69.85 25.52
N PRO C 124 -50.97 71.14 25.90
CA PRO C 124 -50.78 72.27 24.99
C PRO C 124 -49.33 72.39 24.59
N PRO C 125 -49.07 72.98 23.43
CA PRO C 125 -47.69 73.13 22.96
C PRO C 125 -46.75 73.67 24.03
N SER C 126 -45.49 73.27 23.92
CA SER C 126 -44.45 73.71 24.84
C SER C 126 -44.06 75.14 24.51
N SER C 127 -43.75 75.93 25.52
CA SER C 127 -43.35 77.31 25.31
C SER C 127 -42.12 77.39 24.40
N GLU C 128 -41.13 76.51 24.60
CA GLU C 128 -39.95 76.56 23.76
C GLU C 128 -40.13 75.93 22.39
N GLN C 129 -41.19 75.13 22.20
CA GLN C 129 -41.44 74.54 20.89
C GLN C 129 -42.07 75.64 20.06
N LEU C 130 -42.86 76.47 20.74
CA LEU C 130 -43.53 77.58 20.10
C LEU C 130 -42.51 78.60 19.64
N THR C 131 -41.67 79.08 20.56
CA THR C 131 -40.65 80.05 20.17
C THR C 131 -39.83 79.40 19.07
N SER C 132 -39.72 78.07 19.13
CA SER C 132 -38.98 77.31 18.15
C SER C 132 -39.59 77.51 16.76
N GLY C 133 -40.91 77.68 16.72
CA GLY C 133 -41.59 77.89 15.45
C GLY C 133 -42.67 76.87 15.11
N GLY C 134 -43.02 76.01 16.06
CA GLY C 134 -44.05 75.02 15.80
C GLY C 134 -44.96 74.82 16.99
N ALA C 135 -45.90 73.88 16.85
CA ALA C 135 -46.84 73.60 17.93
C ALA C 135 -47.41 72.21 17.83
N SER C 136 -47.14 71.40 18.84
CA SER C 136 -47.64 70.03 18.90
C SER C 136 -48.54 69.86 20.12
N VAL C 137 -49.73 69.30 19.90
CA VAL C 137 -50.69 69.05 20.97
C VAL C 137 -50.75 67.55 21.24
N VAL C 138 -50.21 67.14 22.38
CA VAL C 138 -50.17 65.75 22.75
C VAL C 138 -51.36 65.33 23.60
N CYS C 139 -51.84 64.11 23.37
CA CYS C 139 -52.97 63.58 24.10
C CYS C 139 -52.64 62.14 24.49
N PHE C 140 -52.52 61.88 25.79
CA PHE C 140 -52.21 60.55 26.29
C PHE C 140 -53.45 59.79 26.72
N LEU C 141 -53.52 58.53 26.33
CA LEU C 141 -54.63 57.66 26.71
C LEU C 141 -53.95 56.52 27.42
N ASN C 142 -53.92 56.59 28.74
CA ASN C 142 -53.22 55.59 29.52
C ASN C 142 -54.04 54.50 30.19
N ASN C 143 -53.51 53.28 30.09
CA ASN C 143 -54.06 52.07 30.68
C ASN C 143 -55.47 51.69 30.28
N PHE C 144 -55.61 51.08 29.11
CA PHE C 144 -56.92 50.63 28.67
C PHE C 144 -56.83 49.21 28.13
N TYR C 145 -57.98 48.61 27.86
CA TYR C 145 -58.04 47.26 27.33
C TYR C 145 -59.47 47.04 26.87
N PRO C 146 -59.69 46.47 25.68
CA PRO C 146 -58.78 45.97 24.65
C PRO C 146 -57.84 47.00 24.05
N LYS C 147 -57.01 46.55 23.12
CA LYS C 147 -56.02 47.40 22.47
C LYS C 147 -56.60 48.41 21.48
N ASP C 148 -57.84 48.21 21.08
CA ASP C 148 -58.45 49.10 20.10
C ASP C 148 -59.17 50.32 20.64
N ILE C 149 -58.70 51.50 20.26
CA ILE C 149 -59.34 52.75 20.66
C ILE C 149 -59.41 53.61 19.41
N ASN C 150 -60.20 54.68 19.49
CA ASN C 150 -60.36 55.60 18.38
C ASN C 150 -60.20 57.02 18.90
N VAL C 151 -59.06 57.64 18.61
CA VAL C 151 -58.82 59.00 19.05
C VAL C 151 -59.24 59.90 17.89
N LYS C 152 -59.87 61.03 18.21
CA LYS C 152 -60.33 61.95 17.19
C LYS C 152 -60.04 63.37 17.64
N TRP C 153 -59.44 64.17 16.77
CA TRP C 153 -59.10 65.56 17.10
C TRP C 153 -60.11 66.56 16.54
N LYS C 154 -60.35 67.60 17.32
CA LYS C 154 -61.28 68.67 16.94
C LYS C 154 -60.71 70.04 17.31
N ILE C 155 -60.58 70.92 16.31
CA ILE C 155 -60.09 72.28 16.53
C ILE C 155 -61.29 73.21 16.39
N ASP C 156 -61.78 73.74 17.50
CA ASP C 156 -62.93 74.63 17.46
C ASP C 156 -64.12 73.89 16.83
N GLY C 157 -64.33 72.65 17.28
CA GLY C 157 -65.43 71.86 16.76
C GLY C 157 -65.17 71.19 15.43
N SER C 158 -64.07 71.52 14.78
CA SER C 158 -63.77 70.92 13.48
C SER C 158 -62.78 69.78 13.58
N GLU C 159 -63.17 68.62 13.07
CA GLU C 159 -62.32 67.45 13.10
C GLU C 159 -61.16 67.51 12.10
N ARG C 160 -59.94 67.50 12.63
CA ARG C 160 -58.73 67.52 11.80
C ARG C 160 -58.30 66.09 11.58
N ALA C 161 -57.97 65.74 10.34
CA ALA C 161 -57.57 64.38 10.04
C ALA C 161 -56.08 64.23 9.78
N ALA C 162 -55.51 65.12 8.95
CA ALA C 162 -54.10 65.04 8.64
C ALA C 162 -53.21 65.79 9.63
N GLY C 163 -52.09 65.19 10.01
CA GLY C 163 -51.18 65.83 10.94
C GLY C 163 -51.03 65.13 12.28
N VAL C 164 -51.54 63.90 12.38
CA VAL C 164 -51.46 63.15 13.63
C VAL C 164 -50.57 61.91 13.53
N LEU C 165 -49.89 61.58 14.62
CA LEU C 165 -49.02 60.41 14.68
C LEU C 165 -49.31 59.68 15.99
N ASN C 166 -49.90 58.49 15.88
CA ASN C 166 -50.23 57.69 17.05
C ASN C 166 -49.21 56.60 17.35
N SER C 167 -49.15 56.16 18.60
CA SER C 167 -48.22 55.14 19.02
C SER C 167 -48.73 54.37 20.23
N TRP C 168 -48.81 53.05 20.12
CA TRP C 168 -49.27 52.19 21.22
C TRP C 168 -48.07 51.56 21.92
N THR C 169 -48.21 51.30 23.21
CA THR C 169 -47.14 50.68 23.94
C THR C 169 -47.36 49.18 23.95
N ASP C 170 -46.39 48.48 24.51
CA ASP C 170 -46.50 47.04 24.63
C ASP C 170 -47.28 46.76 25.91
N GLN C 171 -48.21 45.84 25.82
CA GLN C 171 -49.03 45.45 26.96
C GLN C 171 -48.18 45.44 28.23
N ASP C 172 -48.64 46.18 29.25
CA ASP C 172 -47.95 46.31 30.52
C ASP C 172 -47.69 44.96 31.21
N SER C 173 -46.43 44.69 31.51
CA SER C 173 -46.06 43.44 32.16
C SER C 173 -46.45 43.40 33.64
N LYS C 174 -47.36 44.29 34.03
CA LYS C 174 -47.79 44.36 35.43
C LYS C 174 -49.31 44.26 35.53
N ASP C 175 -50.01 45.05 34.73
CA ASP C 175 -51.48 45.05 34.75
C ASP C 175 -52.04 44.63 33.39
N SER C 176 -51.15 44.28 32.47
CA SER C 176 -51.57 43.84 31.15
C SER C 176 -52.49 44.77 30.40
N THR C 177 -52.22 46.07 30.46
CA THR C 177 -53.08 47.03 29.75
C THR C 177 -52.28 47.74 28.67
N TYR C 178 -52.97 48.54 27.87
CA TYR C 178 -52.31 49.28 26.80
C TYR C 178 -52.42 50.75 27.08
N SER C 179 -51.59 51.52 26.39
CA SER C 179 -51.56 52.97 26.52
C SER C 179 -51.17 53.50 25.15
N MET C 180 -51.74 54.62 24.77
CA MET C 180 -51.43 55.18 23.46
C MET C 180 -51.13 56.66 23.58
N SER C 181 -50.38 57.18 22.63
CA SER C 181 -50.02 58.58 22.59
C SER C 181 -50.40 59.15 21.23
N SER C 182 -51.21 60.19 21.21
CA SER C 182 -51.62 60.81 19.95
C SER C 182 -51.02 62.21 19.88
N THR C 183 -50.37 62.54 18.78
CA THR C 183 -49.73 63.83 18.65
C THR C 183 -50.16 64.60 17.40
N LEU C 184 -50.80 65.75 17.62
CA LEU C 184 -51.25 66.60 16.53
C LEU C 184 -50.21 67.70 16.35
N THR C 185 -49.63 67.79 15.16
CA THR C 185 -48.60 68.79 14.92
C THR C 185 -49.01 69.88 13.95
N LEU C 186 -48.81 71.14 14.35
CA LEU C 186 -49.15 72.31 13.53
C LEU C 186 -48.02 73.31 13.55
N THR C 187 -48.21 74.43 12.86
CA THR C 187 -47.21 75.51 12.83
C THR C 187 -47.68 76.47 13.92
N LYS C 188 -46.80 77.30 14.45
CA LYS C 188 -47.24 78.22 15.49
C LYS C 188 -48.39 79.10 15.00
N ASP C 189 -48.37 79.38 13.71
CA ASP C 189 -49.40 80.21 13.10
C ASP C 189 -50.80 79.60 13.19
N GLU C 190 -51.00 78.46 12.56
CA GLU C 190 -52.31 77.81 12.59
C GLU C 190 -52.75 77.61 14.03
N TYR C 191 -51.79 77.28 14.88
CA TYR C 191 -52.09 77.03 16.28
C TYR C 191 -52.72 78.24 16.92
N GLU C 192 -52.21 79.42 16.60
CA GLU C 192 -52.75 80.64 17.18
C GLU C 192 -54.00 81.13 16.46
N ARG C 193 -54.24 80.62 15.26
CA ARG C 193 -55.41 81.01 14.49
C ARG C 193 -56.55 80.04 14.77
N HIS C 194 -56.65 79.62 16.03
CA HIS C 194 -57.69 78.71 16.50
C HIS C 194 -57.70 78.82 18.02
N ASN C 195 -58.75 78.34 18.67
CA ASN C 195 -58.81 78.49 20.12
C ASN C 195 -59.10 77.25 20.97
N SER C 196 -59.97 76.37 20.48
CA SER C 196 -60.32 75.15 21.21
C SER C 196 -59.71 73.90 20.60
N TYR C 197 -59.01 73.16 21.44
CA TYR C 197 -58.37 71.91 21.03
C TYR C 197 -59.00 70.75 21.79
N THR C 198 -59.32 69.67 21.08
CA THR C 198 -59.97 68.53 21.71
C THR C 198 -59.63 67.15 21.14
N CYS C 199 -59.35 66.19 22.03
CA CYS C 199 -59.12 64.82 21.56
C CYS C 199 -60.27 64.02 22.14
N GLU C 200 -60.90 63.27 21.25
CA GLU C 200 -62.07 62.46 21.55
C GLU C 200 -61.69 61.00 21.44
N ALA C 201 -61.79 60.29 22.56
CA ALA C 201 -61.45 58.87 22.61
C ALA C 201 -62.71 58.01 22.63
N THR C 202 -62.72 56.99 21.78
CA THR C 202 -63.86 56.07 21.69
C THR C 202 -63.35 54.64 21.91
N HIS C 203 -63.77 54.05 23.02
CA HIS C 203 -63.37 52.69 23.40
C HIS C 203 -64.63 51.88 23.67
N LYS C 204 -64.60 50.58 23.42
CA LYS C 204 -65.77 49.74 23.64
C LYS C 204 -66.30 49.86 25.08
N THR C 205 -65.46 50.35 25.99
CA THR C 205 -65.86 50.48 27.38
C THR C 205 -66.92 51.58 27.59
N SER C 206 -67.38 52.18 26.50
CA SER C 206 -68.40 53.24 26.56
C SER C 206 -68.78 53.76 25.17
N THR C 207 -70.04 54.16 25.01
CA THR C 207 -70.52 54.70 23.74
C THR C 207 -70.38 56.21 23.76
N SER C 208 -70.11 56.76 24.94
CA SER C 208 -69.93 58.20 25.10
C SER C 208 -68.42 58.49 25.14
N PRO C 209 -67.87 59.04 24.06
CA PRO C 209 -66.46 59.39 23.93
C PRO C 209 -65.89 60.25 25.05
N ILE C 210 -64.72 59.87 25.55
CA ILE C 210 -64.05 60.64 26.60
C ILE C 210 -63.37 61.81 25.91
N VAL C 211 -63.56 63.02 26.43
CA VAL C 211 -62.93 64.20 25.82
C VAL C 211 -62.19 65.07 26.81
N LYS C 212 -61.14 65.72 26.32
CA LYS C 212 -60.34 66.62 27.11
C LYS C 212 -60.00 67.79 26.18
N SER C 213 -60.22 69.02 26.65
CA SER C 213 -59.95 70.21 25.86
C SER C 213 -59.20 71.27 26.64
N PHE C 214 -58.90 72.37 25.95
CA PHE C 214 -58.20 73.49 26.56
C PHE C 214 -58.23 74.63 25.54
N ASN C 215 -58.07 75.86 26.01
CA ASN C 215 -58.07 77.02 25.13
C ASN C 215 -56.79 77.82 25.34
N ARG C 216 -56.20 78.31 24.25
CA ARG C 216 -54.95 79.06 24.33
C ARG C 216 -55.03 80.20 25.35
N ASN C 217 -56.19 80.83 25.45
CA ASN C 217 -56.42 81.93 26.38
C ASN C 217 -56.87 81.40 27.73
N GLU C 218 -55.98 80.69 28.42
CA GLU C 218 -56.26 80.10 29.73
C GLU C 218 -54.93 79.95 30.46
N CYS C 219 -53.87 79.73 29.65
CA CYS C 219 -52.51 79.54 30.15
C CYS C 219 -51.79 80.86 30.40
N GLN D 1 -19.86 38.34 37.99
CA GLN D 1 -20.91 37.67 37.16
C GLN D 1 -20.54 37.65 35.67
N VAL D 2 -21.18 36.76 34.92
CA VAL D 2 -20.92 36.67 33.49
C VAL D 2 -21.53 37.90 32.86
N GLN D 3 -20.82 38.51 31.91
CA GLN D 3 -21.36 39.70 31.29
C GLN D 3 -20.83 39.92 29.87
N LEU D 4 -21.71 40.38 28.99
CA LEU D 4 -21.35 40.63 27.60
C LEU D 4 -21.75 42.05 27.19
N GLN D 5 -20.75 42.91 26.99
CA GLN D 5 -21.01 44.29 26.62
C GLN D 5 -20.87 44.54 25.14
N GLN D 6 -21.99 44.75 24.46
CA GLN D 6 -21.94 45.01 23.03
C GLN D 6 -21.77 46.49 22.75
N SER D 7 -21.11 46.80 21.64
CA SER D 7 -20.88 48.18 21.24
C SER D 7 -22.18 48.96 21.07
N GLY D 8 -22.04 50.26 20.83
CA GLY D 8 -23.20 51.10 20.66
C GLY D 8 -23.89 50.94 19.34
N ALA D 9 -25.03 51.61 19.19
CA ALA D 9 -25.82 51.56 17.96
C ALA D 9 -24.98 52.05 16.78
N GLU D 10 -25.50 51.87 15.58
CA GLU D 10 -24.76 52.25 14.40
C GLU D 10 -25.65 52.68 13.24
N LEU D 11 -25.17 53.67 12.48
CA LEU D 11 -25.90 54.17 11.32
C LEU D 11 -24.90 54.17 10.19
N ALA D 12 -25.19 53.40 9.14
CA ALA D 12 -24.30 53.32 8.00
C ALA D 12 -25.06 53.54 6.69
N LYS D 13 -24.33 54.00 5.67
CA LYS D 13 -24.91 54.27 4.36
C LYS D 13 -25.06 52.96 3.61
N PRO D 14 -26.08 52.86 2.75
CA PRO D 14 -26.25 51.60 2.00
C PRO D 14 -24.94 51.30 1.26
N GLY D 15 -24.63 50.01 1.11
CA GLY D 15 -23.40 49.62 0.42
C GLY D 15 -22.17 49.65 1.31
N ALA D 16 -22.24 50.34 2.45
CA ALA D 16 -21.11 50.43 3.38
C ALA D 16 -21.01 49.18 4.22
N SER D 17 -20.13 49.22 5.21
CA SER D 17 -19.96 48.09 6.11
C SER D 17 -19.95 48.65 7.53
N VAL D 18 -19.94 47.76 8.51
CA VAL D 18 -19.94 48.17 9.91
C VAL D 18 -19.34 47.03 10.71
N LYS D 19 -18.74 47.32 11.87
CA LYS D 19 -18.12 46.26 12.66
C LYS D 19 -18.42 46.40 14.15
N MET D 20 -19.26 45.51 14.67
CA MET D 20 -19.67 45.52 16.07
C MET D 20 -18.74 44.72 16.95
N SER D 21 -18.92 44.86 18.25
CA SER D 21 -18.09 44.15 19.20
C SER D 21 -18.95 43.64 20.35
N CYS D 22 -18.34 42.77 21.15
CA CYS D 22 -18.98 42.14 22.30
C CYS D 22 -17.82 41.92 23.25
N LYS D 23 -17.84 42.59 24.39
CA LYS D 23 -16.76 42.45 25.35
C LYS D 23 -17.21 41.48 26.43
N ALA D 24 -16.49 40.37 26.56
CA ALA D 24 -16.86 39.37 27.54
C ALA D 24 -16.03 39.42 28.79
N SER D 25 -16.65 39.03 29.90
CA SER D 25 -15.98 39.02 31.19
C SER D 25 -16.75 38.19 32.20
N GLY D 26 -16.06 37.73 33.23
CA GLY D 26 -16.70 36.93 34.26
C GLY D 26 -16.62 35.43 34.06
N TYR D 27 -15.78 34.98 33.13
CA TYR D 27 -15.61 33.57 32.87
C TYR D 27 -14.43 33.43 31.93
N THR D 28 -13.87 32.22 31.83
CA THR D 28 -12.74 32.00 30.95
C THR D 28 -13.18 32.20 29.51
N PHE D 29 -12.65 33.23 28.88
CA PHE D 29 -13.01 33.57 27.50
C PHE D 29 -12.94 32.39 26.56
N THR D 30 -11.83 31.66 26.66
CA THR D 30 -11.54 30.53 25.79
C THR D 30 -12.27 29.22 26.09
N ARG D 31 -13.18 29.24 27.05
CA ARG D 31 -13.89 28.02 27.43
C ARG D 31 -15.28 27.86 26.83
N TYR D 32 -15.76 28.87 26.11
CA TYR D 32 -17.12 28.78 25.54
C TYR D 32 -17.21 29.37 24.15
N TRP D 33 -18.19 28.89 23.38
CA TRP D 33 -18.40 29.37 22.03
C TRP D 33 -19.23 30.65 22.09
N MET D 34 -19.08 31.49 21.06
CA MET D 34 -19.80 32.75 20.98
C MET D 34 -20.64 32.83 19.70
N HIS D 35 -21.96 32.89 19.83
CA HIS D 35 -22.86 32.96 18.66
C HIS D 35 -23.44 34.32 18.42
N TRP D 36 -23.85 34.58 17.19
CA TRP D 36 -24.49 35.86 16.86
C TRP D 36 -25.88 35.64 16.26
N VAL D 37 -26.81 36.53 16.60
CA VAL D 37 -28.19 36.40 16.14
C VAL D 37 -28.76 37.72 15.67
N LYS D 38 -29.58 37.66 14.62
CA LYS D 38 -30.19 38.85 14.04
C LYS D 38 -31.68 38.94 14.32
N GLN D 39 -32.21 40.16 14.37
CA GLN D 39 -33.63 40.34 14.60
C GLN D 39 -34.14 41.66 14.06
N ARG D 40 -34.86 41.60 12.93
CA ARG D 40 -35.41 42.80 12.33
C ARG D 40 -36.54 43.29 13.22
N PRO D 41 -36.79 44.62 13.22
CA PRO D 41 -37.86 45.17 14.05
C PRO D 41 -39.19 44.46 13.89
N GLY D 42 -39.68 43.89 14.99
CA GLY D 42 -40.95 43.21 14.97
C GLY D 42 -40.94 41.83 14.34
N GLN D 43 -39.77 41.19 14.32
CA GLN D 43 -39.70 39.87 13.75
C GLN D 43 -38.93 38.93 14.65
N GLY D 44 -38.89 37.66 14.30
CA GLY D 44 -38.22 36.69 15.12
C GLY D 44 -36.71 36.67 15.05
N LEU D 45 -36.14 35.80 15.89
CA LEU D 45 -34.70 35.60 15.98
C LEU D 45 -34.20 34.85 14.75
N GLU D 46 -32.95 35.06 14.39
CA GLU D 46 -32.35 34.39 13.25
C GLU D 46 -30.87 34.12 13.48
N TRP D 47 -30.47 32.86 13.49
CA TRP D 47 -29.07 32.49 13.70
C TRP D 47 -28.16 32.94 12.53
N ILE D 48 -27.01 33.52 12.86
CA ILE D 48 -26.06 34.01 11.87
C ILE D 48 -24.83 33.12 11.75
N GLY D 49 -24.15 32.88 12.87
CA GLY D 49 -22.96 32.07 12.84
C GLY D 49 -22.37 31.98 14.23
N TYR D 50 -21.24 31.30 14.36
CA TYR D 50 -20.62 31.18 15.67
C TYR D 50 -19.12 31.14 15.51
N ILE D 51 -18.41 31.38 16.62
CA ILE D 51 -16.96 31.36 16.57
C ILE D 51 -16.37 30.83 17.84
N ASN D 52 -15.26 30.11 17.71
CA ASN D 52 -14.59 29.56 18.87
C ASN D 52 -13.46 30.52 19.21
N PRO D 53 -13.64 31.34 20.25
CA PRO D 53 -12.68 32.34 20.71
C PRO D 53 -11.28 31.77 20.79
N SER D 54 -11.16 30.55 21.28
CA SER D 54 -9.86 29.89 21.43
C SER D 54 -9.12 29.53 20.15
N THR D 55 -9.84 29.17 19.10
CA THR D 55 -9.17 28.75 17.86
C THR D 55 -9.49 29.59 16.65
N GLY D 56 -10.52 30.43 16.76
CA GLY D 56 -10.89 31.25 15.63
C GLY D 56 -11.73 30.47 14.62
N TYR D 57 -12.04 29.21 14.92
CA TYR D 57 -12.85 28.40 14.02
C TYR D 57 -14.23 29.00 13.91
N THR D 58 -14.77 29.07 12.70
CA THR D 58 -16.10 29.64 12.52
C THR D 58 -16.97 28.85 11.57
N GLU D 59 -18.25 29.05 11.69
CA GLU D 59 -19.28 28.46 10.86
C GLU D 59 -20.47 29.40 10.71
N TYR D 60 -20.97 29.59 9.52
CA TYR D 60 -22.03 30.56 9.33
C TYR D 60 -23.28 29.90 8.73
N ASN D 61 -24.39 30.62 8.88
CA ASN D 61 -25.63 30.24 8.29
C ASN D 61 -25.41 30.45 6.80
N GLN D 62 -25.75 29.50 5.93
CA GLN D 62 -25.49 29.69 4.50
C GLN D 62 -25.99 31.05 4.02
N LYS D 63 -27.09 31.50 4.59
CA LYS D 63 -27.72 32.77 4.24
C LYS D 63 -26.87 33.99 4.49
N PHE D 64 -25.95 33.92 5.45
CA PHE D 64 -25.10 35.05 5.81
C PHE D 64 -23.64 34.89 5.41
N LYS D 65 -23.30 33.74 4.86
CA LYS D 65 -21.93 33.44 4.46
C LYS D 65 -21.09 34.57 3.89
N ASP D 66 -21.69 35.38 3.01
CA ASP D 66 -20.98 36.49 2.38
C ASP D 66 -21.24 37.86 3.00
N LYS D 67 -22.04 37.90 4.04
CA LYS D 67 -22.36 39.16 4.69
C LYS D 67 -21.64 39.36 6.03
N ALA D 68 -21.64 38.34 6.87
CA ALA D 68 -21.03 38.43 8.18
C ALA D 68 -19.67 37.78 8.32
N THR D 69 -18.85 38.32 9.22
CA THR D 69 -17.51 37.78 9.50
C THR D 69 -17.17 37.86 10.97
N LEU D 70 -16.96 36.71 11.60
CA LEU D 70 -16.64 36.71 13.02
C LEU D 70 -15.15 36.59 13.29
N THR D 71 -14.69 37.34 14.29
CA THR D 71 -13.30 37.35 14.72
C THR D 71 -13.24 37.50 16.23
N ALA D 72 -12.11 37.15 16.82
CA ALA D 72 -11.97 37.24 18.26
C ALA D 72 -10.56 37.61 18.70
N ASP D 73 -10.44 38.43 19.73
CA ASP D 73 -9.14 38.81 20.24
C ASP D 73 -9.01 38.27 21.66
N LYS D 74 -8.25 37.20 21.83
CA LYS D 74 -8.11 36.59 23.14
C LYS D 74 -7.51 37.52 24.19
N SER D 75 -6.62 38.40 23.77
CA SER D 75 -5.96 39.33 24.69
C SER D 75 -6.94 40.35 25.29
N SER D 76 -8.00 40.69 24.54
CA SER D 76 -8.98 41.64 25.02
C SER D 76 -10.29 40.99 25.39
N SER D 77 -10.39 39.67 25.19
CA SER D 77 -11.61 38.94 25.50
C SER D 77 -12.85 39.56 24.87
N THR D 78 -12.75 39.92 23.60
CA THR D 78 -13.89 40.50 22.92
C THR D 78 -14.05 39.84 21.56
N VAL D 79 -15.29 39.76 21.10
CA VAL D 79 -15.58 39.16 19.80
C VAL D 79 -16.18 40.20 18.87
N TYR D 80 -15.73 40.22 17.63
CA TYR D 80 -16.24 41.19 16.65
C TYR D 80 -17.08 40.51 15.58
N MET D 81 -18.05 41.23 15.05
CA MET D 81 -18.89 40.71 13.99
C MET D 81 -18.94 41.83 12.99
N GLN D 82 -18.59 41.55 11.75
CA GLN D 82 -18.57 42.60 10.74
C GLN D 82 -19.52 42.31 9.59
N LEU D 83 -20.35 43.30 9.26
CA LEU D 83 -21.30 43.18 8.16
C LEU D 83 -20.86 44.03 6.99
N SER D 84 -20.96 43.48 5.79
CA SER D 84 -20.52 44.20 4.59
C SER D 84 -21.64 44.37 3.56
N SER D 85 -21.43 45.28 2.61
CA SER D 85 -22.40 45.57 1.56
C SER D 85 -23.78 45.68 2.18
N LEU D 86 -23.94 46.64 3.07
CA LEU D 86 -25.21 46.82 3.75
C LEU D 86 -26.38 47.23 2.86
N THR D 87 -27.59 46.90 3.30
CA THR D 87 -28.82 47.24 2.60
C THR D 87 -29.90 47.43 3.67
N SER D 88 -31.06 47.97 3.27
CA SER D 88 -32.14 48.19 4.22
C SER D 88 -32.50 46.88 4.91
N GLU D 89 -32.24 45.78 4.23
CA GLU D 89 -32.54 44.48 4.79
C GLU D 89 -31.64 44.12 5.96
N ASP D 90 -30.53 44.83 6.11
CA ASP D 90 -29.59 44.56 7.19
C ASP D 90 -29.90 45.32 8.47
N SER D 91 -30.86 46.23 8.40
CA SER D 91 -31.25 47.02 9.56
C SER D 91 -31.94 46.13 10.57
N ALA D 92 -31.27 45.89 11.69
CA ALA D 92 -31.82 45.05 12.74
C ALA D 92 -30.91 45.12 13.95
N VAL D 93 -31.30 44.47 15.04
CA VAL D 93 -30.45 44.44 16.22
C VAL D 93 -29.74 43.09 16.23
N TYR D 94 -28.45 43.12 16.53
CA TYR D 94 -27.62 41.91 16.54
C TYR D 94 -27.18 41.54 17.95
N TYR D 95 -27.35 40.28 18.32
CA TYR D 95 -26.96 39.81 19.65
C TYR D 95 -25.80 38.81 19.62
N CYS D 96 -24.92 38.85 20.60
CA CYS D 96 -23.87 37.86 20.76
C CYS D 96 -24.36 37.06 21.95
N ALA D 97 -24.05 35.78 21.98
CA ALA D 97 -24.46 34.92 23.08
C ALA D 97 -23.38 33.90 23.37
N ARG D 98 -23.14 33.68 24.67
CA ARG D 98 -22.16 32.69 25.09
C ARG D 98 -22.93 31.37 25.28
N THR D 99 -22.37 30.29 24.80
CA THR D 99 -23.05 29.00 24.91
C THR D 99 -22.96 28.41 26.29
N THR D 100 -23.67 27.31 26.45
CA THR D 100 -23.71 26.55 27.68
C THR D 100 -22.40 25.76 27.65
N VAL D 101 -22.16 24.89 28.62
CA VAL D 101 -20.90 24.14 28.63
C VAL D 101 -20.70 23.23 27.43
N ASP D 102 -21.78 22.53 27.05
CA ASP D 102 -21.74 21.60 25.93
C ASP D 102 -21.62 22.31 24.59
N GLY D 103 -21.89 23.61 24.58
CA GLY D 103 -21.78 24.37 23.35
C GLY D 103 -22.94 24.31 22.38
N TYR D 104 -24.10 23.87 22.85
CA TYR D 104 -25.26 23.76 21.97
C TYR D 104 -26.32 24.84 22.19
N ASP D 105 -26.43 25.34 23.42
CA ASP D 105 -27.42 26.36 23.69
C ASP D 105 -26.83 27.67 24.22
N PHE D 106 -27.59 28.75 24.04
CA PHE D 106 -27.17 30.09 24.42
C PHE D 106 -27.57 30.48 25.83
N ALA D 107 -26.60 30.43 26.75
CA ALA D 107 -26.83 30.73 28.17
C ALA D 107 -26.87 32.20 28.51
N TYR D 108 -26.00 32.98 27.88
CA TYR D 108 -25.92 34.40 28.16
C TYR D 108 -25.99 35.22 26.89
N TRP D 109 -26.67 36.36 26.97
CA TRP D 109 -26.81 37.26 25.84
C TRP D 109 -26.34 38.69 26.11
N GLY D 110 -25.99 39.40 25.04
CA GLY D 110 -25.59 40.79 25.16
C GLY D 110 -26.87 41.62 25.10
N GLN D 111 -26.76 42.93 25.20
CA GLN D 111 -27.96 43.76 25.18
C GLN D 111 -28.39 43.97 23.76
N GLY D 112 -27.49 43.66 22.82
CA GLY D 112 -27.80 43.83 21.43
C GLY D 112 -27.22 45.12 20.89
N THR D 113 -27.07 45.17 19.56
CA THR D 113 -26.54 46.35 18.91
C THR D 113 -27.44 46.60 17.73
N LEU D 114 -28.13 47.73 17.73
CA LEU D 114 -29.03 48.09 16.65
C LEU D 114 -28.23 48.71 15.52
N VAL D 115 -28.51 48.31 14.28
CA VAL D 115 -27.82 48.89 13.13
C VAL D 115 -28.87 49.43 12.17
N THR D 116 -28.67 50.66 11.71
CA THR D 116 -29.63 51.27 10.78
C THR D 116 -28.90 51.56 9.48
N VAL D 117 -29.43 51.05 8.38
CA VAL D 117 -28.81 51.29 7.08
C VAL D 117 -29.67 52.30 6.32
N SER D 118 -29.20 53.55 6.26
CA SER D 118 -29.94 54.59 5.57
C SER D 118 -29.05 55.70 5.04
N ALA D 119 -29.48 56.28 3.93
CA ALA D 119 -28.75 57.37 3.30
C ALA D 119 -29.05 58.67 4.05
N ALA D 120 -30.11 58.63 4.88
CA ALA D 120 -30.52 59.77 5.67
C ALA D 120 -29.41 60.24 6.61
N LYS D 121 -29.49 61.49 7.05
CA LYS D 121 -28.45 62.06 7.91
C LYS D 121 -28.90 62.24 9.36
N THR D 122 -27.96 61.99 10.27
CA THR D 122 -28.21 62.12 11.70
C THR D 122 -28.81 63.48 11.95
N THR D 123 -29.58 63.61 13.01
CA THR D 123 -30.18 64.89 13.36
C THR D 123 -30.65 64.81 14.80
N ALA D 124 -30.20 65.77 15.62
CA ALA D 124 -30.54 65.79 17.03
C ALA D 124 -32.02 66.04 17.24
N PRO D 125 -32.59 65.46 18.31
CA PRO D 125 -34.01 65.63 18.62
C PRO D 125 -34.19 66.92 19.40
N SER D 126 -35.44 67.27 19.64
CA SER D 126 -35.77 68.47 20.41
C SER D 126 -36.65 67.96 21.54
N VAL D 127 -36.29 68.27 22.77
CA VAL D 127 -37.07 67.80 23.88
C VAL D 127 -37.91 68.89 24.50
N TYR D 128 -39.23 68.75 24.38
CA TYR D 128 -40.17 69.72 24.92
C TYR D 128 -40.90 69.12 26.10
N PRO D 129 -41.14 69.91 27.15
CA PRO D 129 -41.84 69.45 28.35
C PRO D 129 -43.34 69.54 28.19
N LEU D 130 -44.06 68.61 28.79
CA LEU D 130 -45.52 68.63 28.70
C LEU D 130 -46.14 68.78 30.09
N ALA D 131 -46.65 69.98 30.38
CA ALA D 131 -47.29 70.28 31.67
C ALA D 131 -48.79 70.43 31.48
N PRO D 132 -49.58 70.09 32.53
CA PRO D 132 -51.05 70.15 32.54
C PRO D 132 -51.70 71.45 32.08
N GLY D 133 -52.95 71.34 31.60
CA GLY D 133 -53.69 72.50 31.12
C GLY D 133 -53.44 73.76 31.93
N SER D 134 -54.31 74.03 32.90
CA SER D 134 -54.20 75.20 33.77
C SER D 134 -55.09 75.07 35.00
N ALA D 135 -56.31 74.58 34.81
CA ALA D 135 -57.24 74.40 35.90
C ALA D 135 -56.76 73.22 36.77
N ALA D 136 -55.67 73.47 37.51
CA ALA D 136 -55.06 72.46 38.39
C ALA D 136 -56.08 71.86 39.36
N GLN D 137 -57.19 72.57 39.52
CA GLN D 137 -58.29 72.15 40.40
C GLN D 137 -59.03 70.98 39.77
N THR D 138 -58.36 69.84 39.68
CA THR D 138 -58.98 68.66 39.10
C THR D 138 -58.44 67.33 39.62
N ASN D 139 -59.06 66.86 40.69
CA ASN D 139 -58.74 65.56 41.31
C ASN D 139 -57.33 65.33 41.89
N SER D 140 -57.12 64.11 42.36
CA SER D 140 -55.85 63.66 42.95
C SER D 140 -54.90 63.21 41.84
N MET D 141 -53.62 63.02 42.16
CA MET D 141 -52.66 62.56 41.15
C MET D 141 -52.43 63.63 40.06
N VAL D 142 -51.73 63.23 39.00
CA VAL D 142 -51.46 64.11 37.85
C VAL D 142 -50.47 63.44 36.90
N THR D 143 -50.70 63.60 35.60
CA THR D 143 -49.80 63.02 34.62
C THR D 143 -49.01 64.11 33.89
N LEU D 144 -47.74 63.83 33.65
CA LEU D 144 -46.84 64.75 32.95
C LEU D 144 -46.32 64.10 31.70
N GLY D 145 -45.52 64.84 30.93
CA GLY D 145 -45.01 64.28 29.71
C GLY D 145 -43.68 64.84 29.27
N CYS D 146 -43.22 64.38 28.12
CA CYS D 146 -41.95 64.82 27.58
C CYS D 146 -41.99 64.39 26.12
N LEU D 147 -41.92 65.35 25.21
CA LEU D 147 -41.96 65.05 23.79
C LEU D 147 -40.59 65.18 23.16
N VAL D 148 -40.13 64.13 22.50
CA VAL D 148 -38.83 64.15 21.84
C VAL D 148 -39.14 64.07 20.34
N LYS D 149 -39.18 65.21 19.69
CA LYS D 149 -39.55 65.23 18.28
C LYS D 149 -38.44 65.54 17.31
N GLY D 150 -38.42 64.82 16.18
CA GLY D 150 -37.52 65.02 15.07
C GLY D 150 -36.02 64.63 15.17
N TYR D 151 -35.74 63.34 15.28
CA TYR D 151 -34.37 62.85 15.33
C TYR D 151 -34.12 61.73 14.32
N PHE D 152 -32.94 61.12 14.41
CA PHE D 152 -32.50 60.02 13.50
C PHE D 152 -31.01 59.69 13.76
N PRO D 153 -30.64 58.40 13.88
CA PRO D 153 -31.39 57.15 13.84
C PRO D 153 -32.21 56.92 15.10
N GLU D 154 -32.88 55.79 15.12
CA GLU D 154 -33.81 55.40 16.17
C GLU D 154 -33.33 55.14 17.60
N PRO D 155 -32.02 55.07 17.94
CA PRO D 155 -31.74 54.78 19.36
C PRO D 155 -31.71 55.98 20.30
N VAL D 156 -32.66 55.99 21.21
CA VAL D 156 -32.80 57.05 22.16
C VAL D 156 -33.13 56.45 23.52
N THR D 157 -32.83 57.13 24.61
CA THR D 157 -33.18 56.61 25.95
C THR D 157 -33.84 57.73 26.75
N VAL D 158 -34.93 57.40 27.44
CA VAL D 158 -35.69 58.36 28.25
C VAL D 158 -35.93 57.81 29.64
N THR D 159 -35.45 58.54 30.64
CA THR D 159 -35.65 58.16 32.03
C THR D 159 -36.21 59.37 32.80
N TRP D 160 -36.75 59.13 33.99
CA TRP D 160 -37.28 60.22 34.79
C TRP D 160 -36.47 60.31 36.08
N ASN D 161 -35.83 61.47 36.30
CA ASN D 161 -34.99 61.69 37.47
C ASN D 161 -33.92 60.61 37.47
N SER D 162 -33.20 60.54 36.36
CA SER D 162 -32.13 59.56 36.17
C SER D 162 -32.45 58.17 36.69
N GLY D 163 -33.69 57.73 36.49
CA GLY D 163 -34.07 56.40 36.91
C GLY D 163 -34.80 56.26 38.22
N SER D 164 -34.59 57.19 39.15
CA SER D 164 -35.25 57.11 40.46
C SER D 164 -36.77 56.98 40.27
N LEU D 165 -37.32 57.69 39.30
CA LEU D 165 -38.75 57.60 39.07
C LEU D 165 -38.97 56.60 37.93
N SER D 166 -39.50 55.43 38.28
CA SER D 166 -39.75 54.39 37.28
C SER D 166 -41.20 53.92 37.32
N SER D 167 -41.89 54.24 38.41
CA SER D 167 -43.29 53.84 38.55
C SER D 167 -44.22 54.73 37.71
N GLY D 168 -45.32 54.16 37.22
CA GLY D 168 -46.28 54.91 36.43
C GLY D 168 -45.69 55.63 35.23
N VAL D 169 -44.76 54.98 34.55
CA VAL D 169 -44.12 55.56 33.37
C VAL D 169 -44.41 54.78 32.08
N HIS D 170 -44.70 55.51 31.01
CA HIS D 170 -44.96 54.89 29.71
C HIS D 170 -44.19 55.59 28.63
N THR D 171 -43.20 54.92 28.05
CA THR D 171 -42.46 55.53 26.97
C THR D 171 -43.05 54.94 25.71
N PHE D 172 -43.59 55.81 24.86
CA PHE D 172 -44.20 55.35 23.63
C PHE D 172 -43.19 55.15 22.52
N PRO D 173 -43.35 54.06 21.75
CA PRO D 173 -42.48 53.70 20.63
C PRO D 173 -42.36 54.81 19.61
N ALA D 174 -41.13 55.05 19.17
CA ALA D 174 -40.89 56.08 18.17
C ALA D 174 -41.69 55.78 16.91
N VAL D 175 -42.16 56.83 16.25
CA VAL D 175 -42.92 56.69 15.01
C VAL D 175 -42.18 57.45 13.92
N LEU D 176 -41.79 56.76 12.86
CA LEU D 176 -41.07 57.40 11.76
C LEU D 176 -42.01 58.25 10.92
N GLN D 177 -41.49 59.34 10.37
CA GLN D 177 -42.29 60.25 9.57
C GLN D 177 -41.34 61.20 8.86
N SER D 178 -41.25 61.09 7.54
CA SER D 178 -40.36 61.93 6.73
C SER D 178 -38.91 61.84 7.19
N ASP D 179 -38.44 60.64 7.49
CA ASP D 179 -37.07 60.41 7.94
C ASP D 179 -36.72 61.05 9.27
N LEU D 180 -37.72 61.21 10.13
CA LEU D 180 -37.52 61.79 11.46
C LEU D 180 -38.41 61.10 12.49
N TYR D 181 -37.79 60.57 13.53
CA TYR D 181 -38.53 59.87 14.56
C TYR D 181 -39.10 60.84 15.57
N THR D 182 -40.22 60.46 16.17
CA THR D 182 -40.85 61.26 17.19
C THR D 182 -41.28 60.30 18.27
N LEU D 183 -40.89 60.59 19.49
CA LEU D 183 -41.20 59.75 20.63
C LEU D 183 -41.69 60.56 21.81
N SER D 184 -42.53 59.97 22.64
CA SER D 184 -43.05 60.66 23.81
C SER D 184 -43.10 59.73 25.00
N SER D 185 -43.14 60.31 26.20
CA SER D 185 -43.22 59.52 27.42
C SER D 185 -44.16 60.20 28.40
N SER D 186 -44.88 59.41 29.19
CA SER D 186 -45.82 59.95 30.17
C SER D 186 -45.59 59.36 31.56
N VAL D 187 -45.72 60.21 32.58
CA VAL D 187 -45.53 59.78 33.96
C VAL D 187 -46.63 60.31 34.88
N THR D 188 -47.13 59.45 35.77
CA THR D 188 -48.17 59.84 36.70
C THR D 188 -47.67 59.82 38.15
N VAL D 189 -48.17 60.76 38.94
CA VAL D 189 -47.78 60.87 40.35
C VAL D 189 -48.94 61.48 41.17
N PRO D 190 -48.81 61.49 42.52
CA PRO D 190 -49.85 62.05 43.40
C PRO D 190 -49.87 63.57 43.37
N SER D 191 -51.06 64.16 43.42
CA SER D 191 -51.22 65.61 43.41
C SER D 191 -50.17 66.28 44.29
N SER D 192 -50.05 65.81 45.52
CA SER D 192 -49.11 66.34 46.49
C SER D 192 -47.63 66.33 46.06
N THR D 193 -47.22 65.30 45.34
CA THR D 193 -45.83 65.17 44.91
C THR D 193 -45.39 66.15 43.81
N TRP D 194 -46.33 66.89 43.26
CA TRP D 194 -46.01 67.85 42.21
C TRP D 194 -47.01 69.00 42.21
N PRO D 195 -46.54 70.24 41.93
CA PRO D 195 -45.15 70.62 41.61
C PRO D 195 -44.15 70.60 42.77
N SER D 196 -44.60 70.15 43.94
CA SER D 196 -43.74 70.10 45.12
C SER D 196 -42.39 69.42 44.84
N GLU D 197 -42.43 68.24 44.24
CA GLU D 197 -41.23 67.48 43.91
C GLU D 197 -40.78 67.85 42.51
N THR D 198 -39.47 67.83 42.28
CA THR D 198 -38.91 68.18 40.97
C THR D 198 -38.79 66.99 40.03
N VAL D 199 -39.70 66.95 39.06
CA VAL D 199 -39.74 65.89 38.08
C VAL D 199 -39.03 66.30 36.79
N THR D 200 -37.82 65.79 36.60
CA THR D 200 -37.05 66.09 35.39
C THR D 200 -36.94 64.90 34.40
N CYS D 201 -37.00 65.21 33.10
CA CYS D 201 -36.97 64.23 32.03
C CYS D 201 -35.60 64.13 31.36
N ASN D 202 -34.86 63.06 31.63
CA ASN D 202 -33.53 62.91 31.03
C ASN D 202 -33.57 62.17 29.70
N VAL D 203 -33.13 62.85 28.65
CA VAL D 203 -33.14 62.26 27.32
C VAL D 203 -31.75 62.19 26.72
N ALA D 204 -31.45 61.07 26.06
CA ALA D 204 -30.15 60.86 25.42
C ALA D 204 -30.33 60.30 24.02
N HIS D 205 -29.47 60.76 23.12
CA HIS D 205 -29.50 60.32 21.74
C HIS D 205 -28.06 60.30 21.27
N PRO D 206 -27.31 59.25 21.64
CA PRO D 206 -25.91 59.09 21.28
C PRO D 206 -25.59 59.29 19.80
N ALA D 207 -26.52 58.90 18.92
CA ALA D 207 -26.28 59.07 17.49
C ALA D 207 -25.79 60.46 17.10
N SER D 208 -26.11 61.47 17.93
CA SER D 208 -25.70 62.84 17.65
C SER D 208 -25.19 63.54 18.92
N SER D 209 -24.56 62.76 19.78
CA SER D 209 -24.01 63.27 21.02
C SER D 209 -24.99 64.22 21.71
N THR D 210 -26.28 64.00 21.52
CA THR D 210 -27.28 64.84 22.15
C THR D 210 -27.61 64.23 23.50
N LYS D 211 -27.59 65.05 24.54
CA LYS D 211 -27.91 64.58 25.88
C LYS D 211 -28.52 65.76 26.56
N VAL D 212 -29.76 65.63 27.03
CA VAL D 212 -30.41 66.75 27.68
C VAL D 212 -31.36 66.29 28.77
N ASP D 213 -31.57 67.17 29.75
CA ASP D 213 -32.48 66.90 30.85
C ASP D 213 -33.46 68.07 30.80
N LYS D 214 -34.73 67.82 31.07
CA LYS D 214 -35.72 68.88 31.02
C LYS D 214 -36.63 68.86 32.23
N LYS D 215 -36.50 69.86 33.09
CA LYS D 215 -37.33 69.95 34.29
C LYS D 215 -38.74 70.28 33.84
N ILE D 216 -39.75 69.76 34.52
CA ILE D 216 -41.12 70.03 34.14
C ILE D 216 -41.73 71.08 35.06
N VAL D 217 -41.72 72.34 34.60
CA VAL D 217 -42.28 73.44 35.38
C VAL D 217 -43.72 73.66 34.94
N PRO D 218 -44.62 73.99 35.88
CA PRO D 218 -46.05 74.23 35.62
C PRO D 218 -46.37 75.40 34.68
N ARG D 219 -47.64 75.49 34.30
CA ARG D 219 -48.12 76.52 33.39
C ARG D 219 -48.54 77.79 34.16
N ASP E 1 -11.62 -6.23 -41.76
CA ASP E 1 -10.33 -6.05 -41.03
C ASP E 1 -9.16 -5.89 -42.02
N MET E 2 -8.43 -6.99 -42.23
CA MET E 2 -7.30 -6.99 -43.13
C MET E 2 -7.78 -7.50 -44.47
N VAL E 3 -7.33 -6.87 -45.55
CA VAL E 3 -7.75 -7.27 -46.88
C VAL E 3 -6.61 -7.25 -47.88
N MET E 4 -6.37 -8.39 -48.52
CA MET E 4 -5.30 -8.46 -49.49
C MET E 4 -5.86 -8.44 -50.88
N SER E 5 -5.35 -7.53 -51.70
CA SER E 5 -5.81 -7.40 -53.08
C SER E 5 -4.68 -7.59 -54.07
N GLN E 6 -4.78 -8.66 -54.86
CA GLN E 6 -3.76 -8.95 -55.86
C GLN E 6 -4.28 -8.50 -57.20
N SER E 7 -3.36 -8.23 -58.11
CA SER E 7 -3.72 -7.77 -59.44
C SER E 7 -2.53 -7.90 -60.38
N PRO E 8 -2.77 -8.32 -61.63
CA PRO E 8 -4.09 -8.68 -62.16
C PRO E 8 -4.54 -10.06 -61.67
N SER E 9 -5.71 -10.51 -62.09
CA SER E 9 -6.20 -11.81 -61.66
C SER E 9 -5.45 -12.89 -62.41
N SER E 10 -5.05 -12.57 -63.64
CA SER E 10 -4.33 -13.51 -64.48
C SER E 10 -3.61 -12.73 -65.58
N LEU E 11 -2.52 -13.30 -66.09
CA LEU E 11 -1.75 -12.66 -67.16
C LEU E 11 -1.01 -13.66 -68.02
N ALA E 12 -0.97 -13.39 -69.32
CA ALA E 12 -0.30 -14.27 -70.24
C ALA E 12 1.01 -13.65 -70.69
N VAL E 13 2.05 -14.46 -70.74
CA VAL E 13 3.36 -13.99 -71.16
C VAL E 13 4.11 -15.14 -71.82
N SER E 14 4.99 -14.84 -72.78
CA SER E 14 5.76 -15.90 -73.43
C SER E 14 7.05 -16.17 -72.69
N ALA E 15 7.62 -17.35 -72.93
CA ALA E 15 8.87 -17.73 -72.26
C ALA E 15 9.95 -16.74 -72.62
N GLY E 16 10.74 -16.34 -71.63
CA GLY E 16 11.81 -15.39 -71.86
C GLY E 16 11.41 -14.01 -71.36
N GLU E 17 10.16 -13.63 -71.61
CA GLU E 17 9.66 -12.32 -71.20
C GLU E 17 9.69 -12.11 -69.69
N LYS E 18 9.37 -10.88 -69.26
CA LYS E 18 9.36 -10.52 -67.85
C LYS E 18 7.95 -10.16 -67.39
N VAL E 19 7.64 -10.47 -66.13
CA VAL E 19 6.32 -10.17 -65.57
C VAL E 19 6.37 -9.58 -64.16
N SER E 20 5.29 -8.93 -63.76
CA SER E 20 5.18 -8.34 -62.44
C SER E 20 3.73 -8.34 -62.02
N MET E 21 3.49 -8.64 -60.77
CA MET E 21 2.15 -8.65 -60.26
C MET E 21 2.16 -7.84 -58.96
N SER E 22 0.99 -7.32 -58.59
CA SER E 22 0.87 -6.49 -57.40
C SER E 22 0.05 -7.09 -56.29
N CYS E 23 0.44 -6.75 -55.07
CA CYS E 23 -0.24 -7.21 -53.87
C CYS E 23 -0.34 -5.96 -53.01
N LYS E 24 -1.55 -5.60 -52.60
CA LYS E 24 -1.74 -4.41 -51.78
C LYS E 24 -2.62 -4.73 -50.60
N SER E 25 -2.21 -4.28 -49.42
CA SER E 25 -2.99 -4.54 -48.23
C SER E 25 -3.70 -3.27 -47.76
N SER E 26 -4.80 -3.46 -47.05
CA SER E 26 -5.58 -2.35 -46.53
C SER E 26 -4.97 -1.87 -45.21
N GLN E 27 -3.81 -2.41 -44.86
CA GLN E 27 -3.14 -2.04 -43.63
C GLN E 27 -1.65 -2.19 -43.85
N THR E 28 -0.86 -1.35 -43.22
CA THR E 28 0.58 -1.47 -43.42
C THR E 28 1.12 -2.71 -42.74
N LEU E 29 2.01 -3.40 -43.44
CA LEU E 29 2.62 -4.62 -42.96
C LEU E 29 4.05 -4.36 -42.52
N LEU E 30 4.39 -3.08 -42.38
CA LEU E 30 5.73 -2.69 -41.97
C LEU E 30 5.86 -2.38 -40.48
N ASN E 31 6.98 -2.80 -39.90
CA ASN E 31 7.26 -2.55 -38.50
C ASN E 31 8.32 -1.48 -38.46
N SER E 32 7.87 -0.26 -38.22
CA SER E 32 8.73 0.93 -38.16
C SER E 32 10.08 0.66 -37.48
N ARG E 33 10.01 0.13 -36.27
CA ARG E 33 11.18 -0.18 -35.50
C ARG E 33 12.19 -1.11 -36.17
N THR E 34 11.72 -2.30 -36.56
CA THR E 34 12.59 -3.30 -37.18
C THR E 34 12.79 -3.17 -38.67
N ARG E 35 11.92 -2.41 -39.33
CA ARG E 35 12.02 -2.20 -40.77
C ARG E 35 11.59 -3.44 -41.55
N LYS E 36 10.99 -4.42 -40.86
CA LYS E 36 10.53 -5.67 -41.48
C LYS E 36 9.11 -5.59 -42.02
N ASN E 37 8.91 -6.15 -43.21
CA ASN E 37 7.59 -6.20 -43.86
C ASN E 37 7.05 -7.63 -43.77
N TYR E 38 6.06 -7.84 -42.90
CA TYR E 38 5.47 -9.15 -42.70
C TYR E 38 4.60 -9.61 -43.86
N LEU E 39 5.23 -9.87 -44.99
CA LEU E 39 4.52 -10.35 -46.17
C LEU E 39 5.34 -11.35 -46.98
N ALA E 40 4.69 -12.41 -47.44
CA ALA E 40 5.36 -13.44 -48.23
C ALA E 40 4.63 -13.77 -49.52
N TRP E 41 5.31 -14.52 -50.39
CA TRP E 41 4.78 -14.95 -51.68
C TRP E 41 4.81 -16.47 -51.81
N TYR E 42 3.70 -17.06 -52.26
CA TYR E 42 3.61 -18.51 -52.43
C TYR E 42 3.28 -18.86 -53.86
N GLN E 43 3.89 -19.95 -54.33
CA GLN E 43 3.65 -20.42 -55.69
C GLN E 43 2.90 -21.76 -55.61
N GLN E 44 1.87 -21.93 -56.44
CA GLN E 44 1.12 -23.20 -56.43
C GLN E 44 0.87 -23.68 -57.85
N LYS E 45 1.69 -24.64 -58.29
CA LYS E 45 1.59 -25.20 -59.64
C LYS E 45 0.41 -26.14 -59.72
N PRO E 46 -0.28 -26.19 -60.87
CA PRO E 46 -1.45 -27.08 -61.02
C PRO E 46 -1.30 -28.43 -60.35
N GLY E 47 -2.33 -28.81 -59.61
CA GLY E 47 -2.34 -30.10 -58.92
C GLY E 47 -1.29 -30.30 -57.86
N GLN E 48 -0.72 -29.22 -57.33
CA GLN E 48 0.28 -29.35 -56.29
C GLN E 48 -0.02 -28.57 -55.01
N SER E 49 0.88 -28.69 -54.04
CA SER E 49 0.73 -27.96 -52.80
C SER E 49 1.39 -26.60 -53.00
N PRO E 50 1.01 -25.62 -52.19
CA PRO E 50 1.60 -24.29 -52.31
C PRO E 50 3.05 -24.32 -51.81
N LYS E 51 3.92 -23.60 -52.51
CA LYS E 51 5.33 -23.53 -52.14
C LYS E 51 5.72 -22.11 -51.72
N LEU E 52 6.53 -22.01 -50.67
CA LEU E 52 6.98 -20.71 -50.20
C LEU E 52 8.09 -20.21 -51.12
N LEU E 53 7.91 -19.02 -51.68
CA LEU E 53 8.89 -18.41 -52.58
C LEU E 53 9.72 -17.29 -51.93
N ILE E 54 9.02 -16.29 -51.41
CA ILE E 54 9.65 -15.13 -50.80
C ILE E 54 9.04 -14.86 -49.44
N TYR E 55 9.87 -14.54 -48.46
CA TYR E 55 9.35 -14.20 -47.14
C TYR E 55 9.97 -12.87 -46.72
N TRP E 56 9.34 -12.17 -45.78
CA TRP E 56 9.84 -10.86 -45.35
C TRP E 56 9.85 -9.88 -46.53
N ALA E 57 8.83 -9.98 -47.37
CA ALA E 57 8.64 -9.10 -48.52
C ALA E 57 9.71 -9.14 -49.63
N SER E 58 10.97 -9.49 -49.35
CA SER E 58 12.00 -9.53 -50.39
C SER E 58 13.05 -10.63 -50.29
N THR E 59 13.05 -11.40 -49.21
CA THR E 59 14.01 -12.49 -49.03
C THR E 59 13.58 -13.79 -49.71
N ARG E 60 14.47 -14.27 -50.56
CA ARG E 60 14.26 -15.50 -51.34
C ARG E 60 14.37 -16.71 -50.42
N GLU E 61 13.44 -17.65 -50.58
CA GLU E 61 13.49 -18.87 -49.78
C GLU E 61 14.55 -19.78 -50.38
N SER E 62 15.18 -20.57 -49.52
CA SER E 62 16.23 -21.48 -49.94
C SER E 62 15.83 -22.30 -51.16
N GLY E 63 16.73 -22.36 -52.15
CA GLY E 63 16.46 -23.13 -53.34
C GLY E 63 15.59 -22.46 -54.39
N VAL E 64 15.23 -21.20 -54.17
CA VAL E 64 14.41 -20.51 -55.15
C VAL E 64 15.30 -19.72 -56.13
N PRO E 65 15.18 -20.01 -57.43
CA PRO E 65 15.99 -19.32 -58.45
C PRO E 65 15.93 -17.82 -58.29
N ASP E 66 17.03 -17.14 -58.63
CA ASP E 66 17.10 -15.70 -58.50
C ASP E 66 16.31 -14.89 -59.51
N ARG E 67 15.64 -15.55 -60.44
CA ARG E 67 14.85 -14.80 -61.40
C ARG E 67 13.55 -14.29 -60.76
N PHE E 68 13.26 -14.79 -59.55
CA PHE E 68 12.10 -14.37 -58.78
C PHE E 68 12.54 -13.25 -57.83
N THR E 69 11.82 -12.14 -57.83
CA THR E 69 12.21 -11.01 -56.98
C THR E 69 11.06 -10.41 -56.20
N GLY E 70 11.25 -10.27 -54.89
CA GLY E 70 10.22 -9.69 -54.06
C GLY E 70 10.57 -8.26 -53.70
N SER E 71 9.64 -7.35 -53.94
CA SER E 71 9.88 -5.94 -53.65
C SER E 71 8.65 -5.28 -53.06
N GLY E 72 8.82 -4.02 -52.65
CA GLY E 72 7.71 -3.28 -52.09
C GLY E 72 7.84 -3.07 -50.60
N SER E 73 6.91 -2.28 -50.05
CA SER E 73 6.94 -2.01 -48.62
C SER E 73 5.64 -1.36 -48.17
N GLY E 74 5.42 -1.39 -46.85
CA GLY E 74 4.23 -0.80 -46.29
C GLY E 74 2.94 -1.47 -46.68
N THR E 75 2.40 -1.11 -47.85
CA THR E 75 1.15 -1.70 -48.30
C THR E 75 1.13 -1.95 -49.79
N ASP E 76 2.26 -1.74 -50.45
CA ASP E 76 2.33 -1.98 -51.87
C ASP E 76 3.55 -2.84 -52.19
N PHE E 77 3.26 -4.07 -52.61
CA PHE E 77 4.30 -5.03 -52.93
C PHE E 77 4.17 -5.58 -54.33
N THR E 78 5.30 -6.00 -54.88
CA THR E 78 5.33 -6.54 -56.22
C THR E 78 6.23 -7.76 -56.33
N LEU E 79 5.74 -8.79 -57.03
CA LEU E 79 6.52 -9.99 -57.28
C LEU E 79 6.92 -9.89 -58.73
N THR E 80 8.19 -10.18 -59.03
CA THR E 80 8.67 -10.07 -60.40
C THR E 80 9.51 -11.24 -60.86
N ILE E 81 9.11 -11.86 -61.97
CA ILE E 81 9.85 -12.98 -62.54
C ILE E 81 10.61 -12.42 -63.74
N SER E 82 11.93 -12.38 -63.61
CA SER E 82 12.80 -11.81 -64.66
C SER E 82 12.62 -12.39 -66.05
N SER E 83 12.70 -13.71 -66.18
CA SER E 83 12.52 -14.34 -67.47
C SER E 83 11.76 -15.67 -67.30
N VAL E 84 10.44 -15.55 -67.27
CA VAL E 84 9.55 -16.69 -67.08
C VAL E 84 9.88 -17.91 -67.95
N GLN E 85 9.55 -19.09 -67.43
CA GLN E 85 9.78 -20.36 -68.12
C GLN E 85 8.48 -21.18 -68.03
N ALA E 86 8.30 -22.12 -68.94
CA ALA E 86 7.09 -22.93 -68.93
C ALA E 86 6.77 -23.45 -67.56
N GLU E 87 7.77 -24.02 -66.89
CA GLU E 87 7.57 -24.57 -65.55
C GLU E 87 7.07 -23.57 -64.52
N ASP E 88 7.08 -22.29 -64.87
CA ASP E 88 6.63 -21.27 -63.93
C ASP E 88 5.12 -21.08 -63.94
N LEU E 89 4.46 -21.82 -64.81
CA LEU E 89 3.00 -21.77 -64.92
C LEU E 89 2.44 -22.10 -63.55
N ALA E 90 1.66 -21.20 -62.96
CA ALA E 90 1.09 -21.43 -61.64
C ALA E 90 0.30 -20.23 -61.15
N VAL E 91 -0.32 -20.37 -59.99
CA VAL E 91 -1.05 -19.25 -59.42
C VAL E 91 -0.17 -18.78 -58.29
N TYR E 92 0.03 -17.47 -58.21
CA TYR E 92 0.86 -16.91 -57.16
C TYR E 92 0.00 -16.18 -56.15
N TYR E 93 0.19 -16.54 -54.89
CA TYR E 93 -0.56 -15.96 -53.77
C TYR E 93 0.36 -15.16 -52.86
N CYS E 94 -0.12 -14.00 -52.40
CA CYS E 94 0.67 -13.23 -51.46
C CYS E 94 -0.04 -13.34 -50.12
N LYS E 95 0.74 -13.49 -49.05
CA LYS E 95 0.14 -13.65 -47.74
C LYS E 95 0.78 -12.73 -46.70
N GLN E 96 -0.05 -12.08 -45.90
CA GLN E 96 0.46 -11.20 -44.87
C GLN E 96 0.50 -11.98 -43.56
N SER E 97 1.49 -11.69 -42.71
CA SER E 97 1.61 -12.38 -41.44
C SER E 97 1.71 -11.41 -40.28
N TYR E 98 1.40 -10.14 -40.56
CA TYR E 98 1.45 -9.06 -39.57
C TYR E 98 0.40 -9.19 -38.45
N ASN E 99 -0.87 -9.11 -38.86
CA ASN E 99 -1.99 -9.24 -37.95
C ASN E 99 -2.67 -10.55 -38.34
N LEU E 100 -2.27 -11.63 -37.69
CA LEU E 100 -2.76 -12.97 -38.01
C LEU E 100 -2.25 -13.31 -39.42
N TRP E 101 -3.10 -13.89 -40.27
CA TRP E 101 -2.64 -14.26 -41.62
C TRP E 101 -3.71 -14.10 -42.68
N THR E 102 -3.34 -13.64 -43.87
CA THR E 102 -4.31 -13.46 -44.95
C THR E 102 -3.70 -13.64 -46.33
N PHE E 103 -4.41 -14.36 -47.20
CA PHE E 103 -3.92 -14.61 -48.57
C PHE E 103 -4.67 -13.72 -49.55
N GLY E 104 -4.02 -13.35 -50.62
CA GLY E 104 -4.66 -12.56 -51.65
C GLY E 104 -5.48 -13.50 -52.52
N GLY E 105 -6.13 -12.97 -53.54
CA GLY E 105 -6.92 -13.80 -54.42
C GLY E 105 -6.05 -14.59 -55.38
N GLY E 106 -4.79 -14.18 -55.48
CA GLY E 106 -3.85 -14.85 -56.36
C GLY E 106 -3.87 -14.34 -57.78
N THR E 107 -2.76 -14.53 -58.47
CA THR E 107 -2.63 -14.12 -59.87
C THR E 107 -2.25 -15.38 -60.61
N LYS E 108 -3.12 -15.82 -61.52
CA LYS E 108 -2.87 -17.01 -62.29
C LYS E 108 -1.96 -16.62 -63.42
N LEU E 109 -0.81 -17.28 -63.52
CA LEU E 109 0.15 -16.98 -64.58
C LEU E 109 -0.02 -17.99 -65.71
N GLU E 110 -0.41 -17.52 -66.90
CA GLU E 110 -0.57 -18.41 -68.05
C GLU E 110 0.60 -18.20 -69.00
N ILE E 111 0.86 -19.18 -69.87
CA ILE E 111 1.97 -19.06 -70.82
C ILE E 111 1.51 -18.90 -72.26
N LYS E 112 1.97 -17.85 -72.94
CA LYS E 112 1.62 -17.62 -74.33
C LYS E 112 2.51 -18.53 -75.14
N ARG E 113 1.98 -19.11 -76.19
CA ARG E 113 2.70 -20.06 -77.00
C ARG E 113 2.28 -19.96 -78.47
N ALA E 114 2.98 -20.65 -79.36
CA ALA E 114 2.63 -20.64 -80.78
C ALA E 114 1.37 -21.48 -81.06
N ASP E 115 0.50 -20.99 -81.94
CA ASP E 115 -0.72 -21.72 -82.27
C ASP E 115 -0.37 -23.14 -82.74
N ALA E 116 -1.18 -24.11 -82.32
CA ALA E 116 -0.95 -25.51 -82.68
C ALA E 116 -2.27 -26.26 -82.79
N ALA E 117 -2.39 -27.09 -83.83
CA ALA E 117 -3.58 -27.89 -84.05
C ALA E 117 -3.52 -29.17 -83.20
N PRO E 118 -4.68 -29.72 -82.84
CA PRO E 118 -4.79 -30.94 -82.03
C PRO E 118 -4.56 -32.23 -82.78
N THR E 119 -4.08 -33.24 -82.06
CA THR E 119 -3.85 -34.56 -82.62
C THR E 119 -5.04 -35.41 -82.19
N VAL E 120 -6.01 -35.55 -83.10
CA VAL E 120 -7.23 -36.30 -82.85
C VAL E 120 -7.14 -37.82 -82.91
N SER E 121 -7.82 -38.47 -81.98
CA SER E 121 -7.84 -39.93 -81.90
C SER E 121 -9.25 -40.35 -81.54
N ILE E 122 -9.76 -41.37 -82.23
CA ILE E 122 -11.11 -41.89 -81.99
C ILE E 122 -11.04 -43.27 -81.31
N PHE E 123 -11.95 -43.54 -80.38
CA PHE E 123 -11.96 -44.83 -79.69
C PHE E 123 -13.34 -45.47 -79.56
N PRO E 124 -13.54 -46.63 -80.21
CA PRO E 124 -14.81 -47.36 -80.18
C PRO E 124 -15.04 -47.97 -78.82
N PRO E 125 -16.31 -48.19 -78.45
CA PRO E 125 -16.63 -48.76 -77.15
C PRO E 125 -15.78 -49.98 -76.78
N SER E 126 -15.54 -50.14 -75.48
CA SER E 126 -14.76 -51.25 -74.97
C SER E 126 -15.61 -52.52 -75.03
N SER E 127 -14.97 -53.65 -75.31
CA SER E 127 -15.70 -54.91 -75.37
C SER E 127 -16.41 -55.21 -74.03
N GLU E 128 -15.75 -54.96 -72.91
CA GLU E 128 -16.38 -55.23 -71.63
C GLU E 128 -17.40 -54.17 -71.19
N GLN E 129 -17.36 -52.99 -71.81
CA GLN E 129 -18.33 -51.96 -71.46
C GLN E 129 -19.62 -52.34 -72.19
N LEU E 130 -19.43 -52.92 -73.38
CA LEU E 130 -20.56 -53.37 -74.20
C LEU E 130 -21.28 -54.52 -73.51
N THR E 131 -20.53 -55.57 -73.17
CA THR E 131 -21.14 -56.70 -72.48
C THR E 131 -21.78 -56.15 -71.21
N SER E 132 -21.18 -55.09 -70.68
CA SER E 132 -21.67 -54.44 -69.48
C SER E 132 -23.07 -53.88 -69.72
N GLY E 133 -23.34 -53.46 -70.95
CA GLY E 133 -24.65 -52.93 -71.28
C GLY E 133 -24.67 -51.51 -71.82
N GLY E 134 -23.50 -50.95 -72.06
CA GLY E 134 -23.44 -49.59 -72.56
C GLY E 134 -22.39 -49.41 -73.64
N ALA E 135 -22.23 -48.18 -74.10
CA ALA E 135 -21.25 -47.89 -75.15
C ALA E 135 -20.84 -46.42 -75.16
N SER E 136 -19.56 -46.18 -74.89
CA SER E 136 -19.02 -44.83 -74.89
C SER E 136 -17.96 -44.70 -75.97
N VAL E 137 -18.07 -43.64 -76.77
CA VAL E 137 -17.12 -43.39 -77.84
C VAL E 137 -16.27 -42.20 -77.44
N VAL E 138 -15.00 -42.44 -77.14
CA VAL E 138 -14.09 -41.41 -76.73
C VAL E 138 -13.29 -40.82 -77.88
N CYS E 139 -13.06 -39.51 -77.83
CA CYS E 139 -12.30 -38.82 -78.86
C CYS E 139 -11.32 -37.87 -78.16
N PHE E 140 -10.02 -38.14 -78.32
CA PHE E 140 -8.97 -37.32 -77.71
C PHE E 140 -8.41 -36.29 -78.68
N LEU E 141 -8.28 -35.06 -78.19
CA LEU E 141 -7.72 -33.96 -78.98
C LEU E 141 -6.50 -33.52 -78.17
N ASN E 142 -5.34 -34.04 -78.54
CA ASN E 142 -4.14 -33.76 -77.79
C ASN E 142 -3.21 -32.69 -78.33
N ASN E 143 -2.73 -31.87 -77.39
CA ASN E 143 -1.77 -30.79 -77.64
C ASN E 143 -2.15 -29.75 -78.68
N PHE E 144 -2.95 -28.78 -78.27
CA PHE E 144 -3.32 -27.70 -79.15
C PHE E 144 -3.21 -26.38 -78.41
N TYR E 145 -3.35 -25.29 -79.15
CA TYR E 145 -3.27 -23.95 -78.59
C TYR E 145 -3.79 -23.00 -79.68
N PRO E 146 -4.65 -22.05 -79.33
CA PRO E 146 -5.26 -21.66 -78.05
C PRO E 146 -6.11 -22.74 -77.42
N LYS E 147 -6.66 -22.43 -76.24
CA LYS E 147 -7.49 -23.36 -75.47
C LYS E 147 -8.86 -23.63 -76.07
N ASP E 148 -9.30 -22.80 -77.01
CA ASP E 148 -10.63 -22.97 -77.59
C ASP E 148 -10.71 -23.86 -78.81
N ILE E 149 -11.49 -24.93 -78.70
CA ILE E 149 -11.72 -25.85 -79.81
C ILE E 149 -13.21 -26.13 -79.83
N ASN E 150 -13.68 -26.71 -80.93
CA ASN E 150 -15.09 -27.06 -81.08
C ASN E 150 -15.17 -28.49 -81.59
N VAL E 151 -15.57 -29.40 -80.70
CA VAL E 151 -15.70 -30.79 -81.09
C VAL E 151 -17.16 -30.99 -81.46
N LYS E 152 -17.41 -31.77 -82.51
CA LYS E 152 -18.76 -32.03 -82.97
C LYS E 152 -18.91 -33.50 -83.32
N TRP E 153 -19.95 -34.15 -82.81
CA TRP E 153 -20.18 -35.56 -83.08
C TRP E 153 -21.23 -35.81 -84.18
N LYS E 154 -20.98 -36.84 -84.99
CA LYS E 154 -21.88 -37.20 -86.07
C LYS E 154 -22.04 -38.71 -86.16
N ILE E 155 -23.29 -39.18 -86.07
CA ILE E 155 -23.59 -40.61 -86.17
C ILE E 155 -24.25 -40.84 -87.53
N ASP E 156 -23.52 -41.45 -88.46
CA ASP E 156 -24.06 -41.69 -89.79
C ASP E 156 -24.47 -40.35 -90.41
N GLY E 157 -23.58 -39.37 -90.29
CA GLY E 157 -23.83 -38.06 -90.85
C GLY E 157 -24.73 -37.14 -90.03
N SER E 158 -25.34 -37.70 -88.98
CA SER E 158 -26.23 -36.90 -88.13
C SER E 158 -25.54 -36.39 -86.87
N GLU E 159 -25.58 -35.08 -86.68
CA GLU E 159 -24.95 -34.47 -85.51
C GLU E 159 -25.73 -34.68 -84.23
N ARG E 160 -25.11 -35.38 -83.28
CA ARG E 160 -25.72 -35.65 -81.97
C ARG E 160 -25.29 -34.55 -81.02
N ALA E 161 -26.22 -34.00 -80.26
CA ALA E 161 -25.90 -32.92 -79.35
C ALA E 161 -25.89 -33.37 -77.89
N ALA E 162 -26.93 -34.07 -77.46
CA ALA E 162 -27.02 -34.52 -76.07
C ALA E 162 -26.32 -35.87 -75.82
N GLY E 163 -25.61 -35.97 -74.70
CA GLY E 163 -24.92 -37.20 -74.38
C GLY E 163 -23.41 -37.12 -74.39
N VAL E 164 -22.87 -35.91 -74.44
CA VAL E 164 -21.41 -35.69 -74.45
C VAL E 164 -20.89 -35.00 -73.19
N LEU E 165 -19.68 -35.35 -72.78
CA LEU E 165 -19.04 -34.76 -71.60
C LEU E 165 -17.60 -34.45 -71.95
N ASN E 166 -17.29 -33.16 -72.04
CA ASN E 166 -15.93 -32.72 -72.38
C ASN E 166 -15.09 -32.33 -71.16
N SER E 167 -13.77 -32.42 -71.32
CA SER E 167 -12.84 -32.10 -70.24
C SER E 167 -11.48 -31.64 -70.77
N TRP E 168 -11.06 -30.44 -70.37
CA TRP E 168 -9.78 -29.88 -70.77
C TRP E 168 -8.74 -30.09 -69.69
N THR E 169 -7.49 -30.23 -70.08
CA THR E 169 -6.44 -30.41 -69.09
C THR E 169 -5.83 -29.06 -68.78
N ASP E 170 -4.94 -29.06 -67.81
CA ASP E 170 -4.24 -27.85 -67.42
C ASP E 170 -3.08 -27.70 -68.37
N GLN E 171 -2.90 -26.49 -68.89
CA GLN E 171 -1.81 -26.19 -69.80
C GLN E 171 -0.53 -26.96 -69.40
N ASP E 172 0.02 -27.70 -70.35
CA ASP E 172 1.21 -28.52 -70.11
C ASP E 172 2.41 -27.73 -69.61
N SER E 173 2.95 -28.16 -68.47
CA SER E 173 4.09 -27.46 -67.88
C SER E 173 5.40 -27.75 -68.62
N LYS E 174 5.28 -28.23 -69.84
CA LYS E 174 6.45 -28.55 -70.66
C LYS E 174 6.41 -27.85 -72.02
N ASP E 175 5.28 -27.97 -72.72
CA ASP E 175 5.10 -27.35 -74.02
C ASP E 175 3.99 -26.30 -74.00
N SER E 176 3.41 -26.09 -72.82
CA SER E 176 2.36 -25.10 -72.66
C SER E 176 1.19 -25.25 -73.62
N THR E 177 0.73 -26.48 -73.84
CA THR E 177 -0.40 -26.67 -74.73
C THR E 177 -1.57 -27.27 -73.97
N TYR E 178 -2.71 -27.37 -74.64
CA TYR E 178 -3.90 -27.93 -74.04
C TYR E 178 -4.27 -29.22 -74.72
N SER E 179 -5.11 -30.00 -74.05
CA SER E 179 -5.59 -31.27 -74.57
C SER E 179 -7.00 -31.43 -74.02
N MET E 180 -7.89 -32.02 -74.82
CA MET E 180 -9.25 -32.20 -74.38
C MET E 180 -9.72 -33.60 -74.66
N SER E 181 -10.70 -34.05 -73.89
CA SER E 181 -11.27 -35.37 -74.05
C SER E 181 -12.77 -35.23 -74.20
N SER E 182 -13.33 -35.76 -75.29
CA SER E 182 -14.77 -35.70 -75.52
C SER E 182 -15.32 -37.12 -75.47
N THR E 183 -16.38 -37.31 -74.68
CA THR E 183 -16.95 -38.64 -74.53
C THR E 183 -18.45 -38.70 -74.84
N LEU E 184 -18.79 -39.44 -75.88
CA LEU E 184 -20.19 -39.61 -76.27
C LEU E 184 -20.68 -40.94 -75.67
N THR E 185 -21.72 -40.87 -74.85
CA THR E 185 -22.22 -42.08 -74.22
C THR E 185 -23.60 -42.49 -74.70
N LEU E 186 -23.74 -43.77 -75.04
CA LEU E 186 -24.99 -44.35 -75.55
C LEU E 186 -25.25 -45.70 -74.88
N THR E 187 -26.35 -46.34 -75.26
CA THR E 187 -26.69 -47.66 -74.73
C THR E 187 -26.16 -48.63 -75.78
N LYS E 188 -25.92 -49.88 -75.43
CA LYS E 188 -25.41 -50.81 -76.44
C LYS E 188 -26.36 -50.87 -77.63
N ASP E 189 -27.65 -50.69 -77.37
CA ASP E 189 -28.66 -50.75 -78.41
C ASP E 189 -28.50 -49.68 -79.47
N GLU E 190 -28.61 -48.42 -79.07
CA GLU E 190 -28.47 -47.31 -80.03
C GLU E 190 -27.15 -47.40 -80.76
N TYR E 191 -26.13 -47.84 -80.02
CA TYR E 191 -24.80 -47.97 -80.58
C TYR E 191 -24.79 -48.93 -81.76
N GLU E 192 -25.51 -50.04 -81.63
CA GLU E 192 -25.55 -51.02 -82.69
C GLU E 192 -26.56 -50.66 -83.79
N ARG E 193 -27.46 -49.75 -83.47
CA ARG E 193 -28.45 -49.30 -84.43
C ARG E 193 -27.94 -48.09 -85.21
N HIS E 194 -26.64 -48.11 -85.51
CA HIS E 194 -25.95 -47.05 -86.26
C HIS E 194 -24.63 -47.64 -86.72
N ASN E 195 -23.96 -46.99 -87.67
CA ASN E 195 -22.72 -47.57 -88.18
C ASN E 195 -21.48 -46.67 -88.24
N SER E 196 -21.67 -45.40 -88.59
CA SER E 196 -20.55 -44.46 -88.67
C SER E 196 -20.52 -43.46 -87.53
N TYR E 197 -19.38 -43.40 -86.86
CA TYR E 197 -19.18 -42.49 -85.74
C TYR E 197 -18.08 -41.50 -86.10
N THR E 198 -18.32 -40.23 -85.83
CA THR E 198 -17.35 -39.20 -86.19
C THR E 198 -17.25 -38.00 -85.25
N CYS E 199 -16.02 -37.60 -84.90
CA CYS E 199 -15.85 -36.40 -84.09
C CYS E 199 -15.15 -35.41 -84.98
N GLU E 200 -15.73 -34.22 -85.05
CA GLU E 200 -15.27 -33.14 -85.89
C GLU E 200 -14.68 -32.03 -85.01
N ALA E 201 -13.39 -31.77 -85.17
CA ALA E 201 -12.72 -30.73 -84.40
C ALA E 201 -12.51 -29.46 -85.22
N THR E 202 -12.86 -28.32 -84.64
CA THR E 202 -12.70 -27.02 -85.30
C THR E 202 -11.86 -26.11 -84.42
N HIS E 203 -10.66 -25.79 -84.89
CA HIS E 203 -9.71 -24.95 -84.16
C HIS E 203 -9.28 -23.82 -85.09
N LYS E 204 -8.98 -22.65 -84.54
CA LYS E 204 -8.57 -21.53 -85.37
C LYS E 204 -7.39 -21.87 -86.26
N THR E 205 -6.66 -22.93 -85.93
CA THR E 205 -5.51 -23.32 -86.73
C THR E 205 -5.88 -23.85 -88.11
N SER E 206 -7.19 -23.80 -88.44
CA SER E 206 -7.68 -24.28 -89.73
C SER E 206 -9.19 -24.10 -89.88
N THR E 207 -9.64 -23.83 -91.10
CA THR E 207 -11.07 -23.67 -91.37
C THR E 207 -11.68 -25.01 -91.78
N SER E 208 -10.81 -25.98 -92.05
CA SER E 208 -11.23 -27.32 -92.42
C SER E 208 -11.11 -28.23 -91.19
N PRO E 209 -12.26 -28.57 -90.59
CA PRO E 209 -12.34 -29.43 -89.40
C PRO E 209 -11.62 -30.78 -89.50
N ILE E 210 -10.88 -31.13 -88.46
CA ILE E 210 -10.16 -32.39 -88.44
C ILE E 210 -11.19 -33.45 -88.05
N VAL E 211 -11.22 -34.56 -88.79
CA VAL E 211 -12.18 -35.61 -88.46
C VAL E 211 -11.56 -37.00 -88.38
N LYS E 212 -12.17 -37.83 -87.55
CA LYS E 212 -11.73 -39.20 -87.36
C LYS E 212 -13.01 -40.02 -87.22
N SER E 213 -13.11 -41.10 -87.98
CA SER E 213 -14.28 -41.97 -87.94
C SER E 213 -13.92 -43.45 -87.85
N PHE E 214 -14.96 -44.28 -87.76
CA PHE E 214 -14.80 -45.71 -87.69
C PHE E 214 -16.19 -46.32 -87.82
N ASN E 215 -16.24 -47.59 -88.24
CA ASN E 215 -17.52 -48.28 -88.39
C ASN E 215 -17.50 -49.58 -87.58
N ARG E 216 -18.62 -49.89 -86.93
CA ARG E 216 -18.71 -51.09 -86.09
C ARG E 216 -18.28 -52.35 -86.84
N ASN E 217 -18.58 -52.41 -88.13
CA ASN E 217 -18.21 -53.55 -88.97
C ASN E 217 -16.81 -53.35 -89.57
N GLU E 218 -15.79 -53.36 -88.71
CA GLU E 218 -14.40 -53.17 -89.12
C GLU E 218 -13.53 -53.85 -88.07
N CYS E 219 -14.03 -53.85 -86.84
CA CYS E 219 -13.34 -54.42 -85.68
C CYS E 219 -13.57 -55.93 -85.57
N GLN F 1 14.29 -36.18 -43.74
CA GLN F 1 13.72 -34.90 -44.23
C GLN F 1 12.42 -34.53 -43.50
N VAL F 2 12.02 -33.27 -43.57
CA VAL F 2 10.78 -32.85 -42.94
C VAL F 2 9.66 -33.42 -43.77
N GLN F 3 8.63 -33.94 -43.11
CA GLN F 3 7.52 -34.50 -43.85
C GLN F 3 6.19 -34.45 -43.10
N LEU F 4 5.11 -34.17 -43.84
CA LEU F 4 3.77 -34.07 -43.27
C LEU F 4 2.81 -34.99 -44.02
N GLN F 5 2.36 -36.06 -43.37
CA GLN F 5 1.45 -37.00 -44.00
C GLN F 5 0.02 -36.78 -43.57
N GLN F 6 -0.80 -36.26 -44.48
CA GLN F 6 -2.21 -36.03 -44.17
C GLN F 6 -3.04 -37.27 -44.48
N SER F 7 -4.10 -37.47 -43.71
CA SER F 7 -4.97 -38.62 -43.89
C SER F 7 -5.59 -38.66 -45.29
N GLY F 8 -6.29 -39.73 -45.57
CA GLY F 8 -6.89 -39.88 -46.88
C GLY F 8 -8.11 -39.03 -47.11
N ALA F 9 -8.65 -39.09 -48.33
CA ALA F 9 -9.83 -38.32 -48.71
C ALA F 9 -11.01 -38.69 -47.83
N GLU F 10 -12.09 -37.93 -47.95
CA GLU F 10 -13.24 -38.17 -47.11
C GLU F 10 -14.56 -37.79 -47.79
N LEU F 11 -15.60 -38.55 -47.48
CA LEU F 11 -16.92 -38.29 -48.03
C LEU F 11 -17.85 -38.32 -46.83
N ALA F 12 -18.55 -37.22 -46.57
CA ALA F 12 -19.46 -37.15 -45.44
C ALA F 12 -20.80 -36.61 -45.87
N LYS F 13 -21.83 -36.97 -45.11
CA LYS F 13 -23.19 -36.53 -45.40
C LYS F 13 -23.36 -35.10 -44.89
N PRO F 14 -24.22 -34.31 -45.55
CA PRO F 14 -24.42 -32.93 -45.08
C PRO F 14 -24.85 -32.97 -43.62
N GLY F 15 -24.42 -31.96 -42.84
CA GLY F 15 -24.78 -31.92 -41.43
C GLY F 15 -23.86 -32.76 -40.55
N ALA F 16 -23.11 -33.69 -41.15
CA ALA F 16 -22.19 -34.54 -40.41
C ALA F 16 -20.90 -33.80 -40.08
N SER F 17 -19.93 -34.53 -39.53
CA SER F 17 -18.64 -33.94 -39.22
C SER F 17 -17.58 -34.89 -39.75
N VAL F 18 -16.33 -34.48 -39.69
CA VAL F 18 -15.22 -35.29 -40.17
C VAL F 18 -13.97 -34.82 -39.42
N LYS F 19 -12.97 -35.68 -39.28
CA LYS F 19 -11.78 -35.28 -38.56
C LYS F 19 -10.50 -35.79 -39.25
N MET F 20 -9.76 -34.87 -39.87
CA MET F 20 -8.53 -35.16 -40.60
C MET F 20 -7.31 -35.16 -39.68
N SER F 21 -6.19 -35.64 -40.22
CA SER F 21 -4.95 -35.69 -39.47
C SER F 21 -3.78 -35.27 -40.34
N CYS F 22 -2.65 -35.05 -39.69
CA CYS F 22 -1.41 -34.62 -40.33
C CYS F 22 -0.36 -35.23 -39.44
N LYS F 23 0.43 -36.14 -39.98
CA LYS F 23 1.45 -36.79 -39.18
C LYS F 23 2.76 -36.13 -39.53
N ALA F 24 3.40 -35.54 -38.53
CA ALA F 24 4.66 -34.86 -38.74
C ALA F 24 5.87 -35.64 -38.31
N SER F 25 6.98 -35.43 -39.03
CA SER F 25 8.23 -36.11 -38.73
C SER F 25 9.41 -35.41 -39.37
N GLY F 26 10.59 -35.67 -38.84
CA GLY F 26 11.79 -35.09 -39.41
C GLY F 26 12.23 -33.78 -38.79
N TYR F 27 11.66 -33.45 -37.64
CA TYR F 27 11.98 -32.22 -36.92
C TYR F 27 11.29 -32.30 -35.58
N THR F 28 11.75 -31.50 -34.62
CA THR F 28 11.15 -31.51 -33.29
C THR F 28 9.72 -31.01 -33.39
N PHE F 29 8.77 -31.90 -33.13
CA PHE F 29 7.35 -31.56 -33.23
C PHE F 29 6.93 -30.29 -32.51
N THR F 30 7.44 -30.15 -31.29
CA THR F 30 7.13 -29.01 -30.42
C THR F 30 7.86 -27.70 -30.69
N ARG F 31 8.63 -27.62 -31.77
CA ARG F 31 9.40 -26.43 -32.08
C ARG F 31 8.79 -25.53 -33.12
N TYR F 32 7.67 -25.93 -33.72
CA TYR F 32 7.07 -25.12 -34.78
C TYR F 32 5.56 -25.13 -34.73
N TRP F 33 4.95 -24.08 -35.26
CA TRP F 33 3.50 -23.96 -35.27
C TRP F 33 2.98 -24.70 -36.48
N MET F 34 1.72 -25.14 -36.38
CA MET F 34 1.05 -25.88 -37.45
C MET F 34 -0.22 -25.15 -37.93
N HIS F 35 -0.23 -24.71 -39.18
CA HIS F 35 -1.40 -24.00 -39.75
C HIS F 35 -2.24 -24.84 -40.70
N TRP F 36 -3.51 -24.50 -40.84
CA TRP F 36 -4.40 -25.20 -41.76
C TRP F 36 -4.99 -24.25 -42.79
N VAL F 37 -5.12 -24.72 -44.02
CA VAL F 37 -5.62 -23.89 -45.09
C VAL F 37 -6.64 -24.61 -45.95
N LYS F 38 -7.66 -23.87 -46.38
CA LYS F 38 -8.74 -24.42 -47.19
C LYS F 38 -8.65 -23.97 -48.65
N GLN F 39 -9.13 -24.80 -49.56
CA GLN F 39 -9.14 -24.45 -50.98
C GLN F 39 -10.23 -25.19 -51.77
N ARG F 40 -11.29 -24.47 -52.12
CA ARG F 40 -12.39 -25.03 -52.90
C ARG F 40 -11.89 -25.27 -54.31
N PRO F 41 -12.44 -26.29 -54.98
CA PRO F 41 -12.00 -26.58 -56.36
C PRO F 41 -12.01 -25.36 -57.27
N GLY F 42 -10.84 -25.03 -57.81
CA GLY F 42 -10.71 -23.91 -58.71
C GLY F 42 -10.72 -22.55 -58.05
N GLN F 43 -10.37 -22.49 -56.77
CA GLN F 43 -10.34 -21.21 -56.09
C GLN F 43 -9.06 -21.03 -55.30
N GLY F 44 -8.89 -19.85 -54.72
CA GLY F 44 -7.67 -19.58 -53.98
C GLY F 44 -7.57 -20.18 -52.60
N LEU F 45 -6.41 -19.95 -51.98
CA LEU F 45 -6.10 -20.41 -50.64
C LEU F 45 -6.87 -19.59 -49.62
N GLU F 46 -7.13 -20.17 -48.45
CA GLU F 46 -7.86 -19.48 -47.42
C GLU F 46 -7.39 -19.95 -46.04
N TRP F 47 -6.87 -19.03 -45.24
CA TRP F 47 -6.38 -19.39 -43.92
C TRP F 47 -7.52 -19.78 -42.98
N ILE F 48 -7.32 -20.85 -42.20
CA ILE F 48 -8.34 -21.32 -41.28
C ILE F 48 -7.97 -21.05 -39.82
N GLY F 49 -6.81 -21.53 -39.41
CA GLY F 49 -6.38 -21.32 -38.04
C GLY F 49 -5.02 -21.95 -37.82
N TYR F 50 -4.51 -21.86 -36.58
CA TYR F 50 -3.21 -22.45 -36.31
C TYR F 50 -3.18 -22.99 -34.89
N ILE F 51 -2.21 -23.84 -34.61
CA ILE F 51 -2.11 -24.43 -33.29
C ILE F 51 -0.68 -24.65 -32.90
N ASN F 52 -0.42 -24.47 -31.61
CA ASN F 52 0.91 -24.67 -31.10
C ASN F 52 0.95 -26.08 -30.51
N PRO F 53 1.55 -27.02 -31.23
CA PRO F 53 1.66 -28.41 -30.81
C PRO F 53 2.08 -28.53 -29.36
N SER F 54 3.04 -27.69 -28.97
CA SER F 54 3.58 -27.74 -27.62
C SER F 54 2.64 -27.33 -26.50
N THR F 55 1.75 -26.39 -26.75
CA THR F 55 0.86 -25.91 -25.68
C THR F 55 -0.62 -26.08 -25.95
N GLY F 56 -0.95 -26.41 -27.19
CA GLY F 56 -2.35 -26.58 -27.52
C GLY F 56 -3.04 -25.25 -27.76
N TYR F 57 -2.28 -24.16 -27.67
CA TYR F 57 -2.85 -22.84 -27.91
C TYR F 57 -3.34 -22.71 -29.35
N THR F 58 -4.52 -22.16 -29.53
CA THR F 58 -5.05 -22.02 -30.87
C THR F 58 -5.70 -20.68 -31.17
N GLU F 59 -5.80 -20.35 -32.46
CA GLU F 59 -6.41 -19.12 -32.92
C GLU F 59 -7.00 -19.42 -34.29
N TYR F 60 -8.25 -19.00 -34.51
CA TYR F 60 -8.90 -19.28 -35.77
C TYR F 60 -9.31 -18.01 -36.52
N ASN F 61 -9.57 -18.22 -37.79
CA ASN F 61 -10.07 -17.18 -38.65
C ASN F 61 -11.49 -16.95 -38.16
N GLN F 62 -11.93 -15.71 -37.91
CA GLN F 62 -13.28 -15.50 -37.39
C GLN F 62 -14.31 -16.29 -38.20
N LYS F 63 -14.08 -16.37 -39.50
CA LYS F 63 -14.98 -17.09 -40.41
C LYS F 63 -15.13 -18.59 -40.16
N PHE F 64 -14.15 -19.21 -39.53
CA PHE F 64 -14.20 -20.64 -39.24
C PHE F 64 -14.36 -20.99 -37.76
N LYS F 65 -14.37 -19.98 -36.91
CA LYS F 65 -14.46 -20.16 -35.46
C LYS F 65 -15.37 -21.29 -34.97
N ASP F 66 -16.54 -21.43 -35.57
CA ASP F 66 -17.48 -22.45 -35.16
C ASP F 66 -17.50 -23.71 -36.01
N LYS F 67 -16.65 -23.74 -37.03
CA LYS F 67 -16.59 -24.89 -37.93
C LYS F 67 -15.39 -25.81 -37.68
N ALA F 68 -14.21 -25.22 -37.52
CA ALA F 68 -12.99 -25.98 -37.34
C ALA F 68 -12.46 -26.03 -35.90
N THR F 69 -11.78 -27.13 -35.58
CA THR F 69 -11.19 -27.33 -34.26
C THR F 69 -9.83 -28.03 -34.38
N LEU F 70 -8.78 -27.38 -33.93
CA LEU F 70 -7.45 -27.96 -34.00
C LEU F 70 -7.01 -28.57 -32.68
N THR F 71 -6.36 -29.72 -32.76
CA THR F 71 -5.84 -30.44 -31.61
C THR F 71 -4.52 -31.07 -31.98
N ALA F 72 -3.74 -31.48 -30.99
CA ALA F 72 -2.45 -32.09 -31.27
C ALA F 72 -2.06 -33.12 -30.22
N ASP F 73 -1.43 -34.20 -30.66
CA ASP F 73 -0.99 -35.23 -29.73
C ASP F 73 0.52 -35.30 -29.79
N LYS F 74 1.18 -34.77 -28.77
CA LYS F 74 2.63 -34.75 -28.76
C LYS F 74 3.30 -36.12 -28.82
N SER F 75 2.65 -37.11 -28.22
CA SER F 75 3.16 -38.46 -28.19
C SER F 75 3.20 -39.13 -29.58
N SER F 76 2.29 -38.71 -30.47
CA SER F 76 2.22 -39.26 -31.81
C SER F 76 2.72 -38.27 -32.87
N SER F 77 3.02 -37.05 -32.44
CA SER F 77 3.50 -36.03 -33.36
C SER F 77 2.57 -35.82 -34.52
N THR F 78 1.28 -35.79 -34.23
CA THR F 78 0.30 -35.55 -35.28
C THR F 78 -0.70 -34.49 -34.87
N VAL F 79 -1.22 -33.74 -35.84
CA VAL F 79 -2.18 -32.68 -35.59
C VAL F 79 -3.49 -33.02 -36.26
N TYR F 80 -4.59 -32.83 -35.55
CA TYR F 80 -5.92 -33.11 -36.09
C TYR F 80 -6.71 -31.83 -36.34
N MET F 81 -7.56 -31.86 -37.34
CA MET F 81 -8.40 -30.73 -37.67
C MET F 81 -9.77 -31.33 -37.84
N GLN F 82 -10.76 -30.82 -37.09
CA GLN F 82 -12.10 -31.37 -37.20
C GLN F 82 -13.12 -30.37 -37.67
N LEU F 83 -13.91 -30.75 -38.67
CA LEU F 83 -14.94 -29.89 -39.23
C LEU F 83 -16.30 -30.43 -38.83
N SER F 84 -17.19 -29.53 -38.42
CA SER F 84 -18.52 -29.93 -37.99
C SER F 84 -19.63 -29.27 -38.80
N SER F 85 -20.84 -29.82 -38.69
CA SER F 85 -22.01 -29.30 -39.40
C SER F 85 -21.63 -29.00 -40.84
N LEU F 86 -21.22 -30.03 -41.55
CA LEU F 86 -20.80 -29.87 -42.93
C LEU F 86 -21.90 -29.46 -43.91
N THR F 87 -21.47 -28.82 -45.00
CA THR F 87 -22.38 -28.37 -46.04
C THR F 87 -21.59 -28.43 -47.35
N SER F 88 -22.28 -28.28 -48.48
CA SER F 88 -21.61 -28.33 -49.77
C SER F 88 -20.49 -27.30 -49.83
N GLU F 89 -20.64 -26.24 -49.05
CA GLU F 89 -19.64 -25.18 -49.00
C GLU F 89 -18.34 -25.64 -48.35
N ASP F 90 -18.39 -26.76 -47.63
CA ASP F 90 -17.20 -27.28 -46.97
C ASP F 90 -16.37 -28.21 -47.83
N SER F 91 -16.89 -28.55 -49.00
CA SER F 91 -16.19 -29.43 -49.91
C SER F 91 -14.97 -28.71 -50.48
N ALA F 92 -13.79 -29.18 -50.10
CA ALA F 92 -12.56 -28.58 -50.56
C ALA F 92 -11.41 -29.42 -50.06
N VAL F 93 -10.18 -29.06 -50.45
CA VAL F 93 -9.02 -29.78 -49.98
C VAL F 93 -8.37 -28.93 -48.86
N TYR F 94 -8.01 -29.60 -47.77
CA TYR F 94 -7.42 -28.94 -46.62
C TYR F 94 -5.95 -29.26 -46.44
N TYR F 95 -5.12 -28.24 -46.23
CA TYR F 95 -3.69 -28.43 -46.06
C TYR F 95 -3.20 -28.07 -44.66
N CYS F 96 -2.23 -28.78 -44.13
CA CYS F 96 -1.60 -28.42 -42.86
C CYS F 96 -0.23 -27.96 -43.30
N ALA F 97 0.34 -26.99 -42.60
CA ALA F 97 1.65 -26.48 -42.95
C ALA F 97 2.44 -26.16 -41.69
N ARG F 98 3.73 -26.47 -41.72
CA ARG F 98 4.60 -26.19 -40.60
C ARG F 98 5.23 -24.82 -40.87
N THR F 99 5.28 -23.97 -39.85
CA THR F 99 5.83 -22.64 -40.05
C THR F 99 7.34 -22.64 -40.12
N THR F 100 7.86 -21.46 -40.44
CA THR F 100 9.29 -21.22 -40.52
C THR F 100 9.71 -21.08 -39.07
N VAL F 101 10.97 -20.77 -38.79
CA VAL F 101 11.39 -20.65 -37.38
C VAL F 101 10.69 -19.55 -36.58
N ASP F 102 10.53 -18.38 -37.21
CA ASP F 102 9.89 -17.24 -36.58
C ASP F 102 8.38 -17.47 -36.38
N GLY F 103 7.82 -18.43 -37.09
CA GLY F 103 6.40 -18.72 -36.93
C GLY F 103 5.44 -17.87 -37.71
N TYR F 104 5.92 -17.15 -38.72
CA TYR F 104 5.05 -16.29 -39.52
C TYR F 104 4.73 -16.84 -40.89
N ASP F 105 5.62 -17.63 -41.47
CA ASP F 105 5.35 -18.16 -42.79
C ASP F 105 5.36 -19.69 -42.84
N PHE F 106 4.68 -20.23 -43.85
CA PHE F 106 4.53 -21.66 -44.02
C PHE F 106 5.63 -22.29 -44.87
N ALA F 107 6.57 -22.97 -44.21
CA ALA F 107 7.70 -23.59 -44.90
C ALA F 107 7.43 -24.93 -45.55
N TYR F 108 6.64 -25.75 -44.89
CA TYR F 108 6.33 -27.09 -45.37
C TYR F 108 4.85 -27.37 -45.40
N TRP F 109 4.40 -28.05 -46.44
CA TRP F 109 2.99 -28.37 -46.59
C TRP F 109 2.69 -29.85 -46.73
N GLY F 110 1.47 -30.24 -46.40
CA GLY F 110 1.05 -31.62 -46.54
C GLY F 110 0.57 -31.77 -47.97
N GLN F 111 0.14 -32.97 -48.34
CA GLN F 111 -0.32 -33.17 -49.72
C GLN F 111 -1.75 -32.71 -49.82
N GLY F 112 -2.38 -32.53 -48.67
CA GLY F 112 -3.75 -32.09 -48.65
C GLY F 112 -4.70 -33.23 -48.45
N THR F 113 -5.91 -32.91 -48.01
CA THR F 113 -6.93 -33.90 -47.76
C THR F 113 -8.21 -33.34 -48.37
N LEU F 114 -8.73 -34.04 -49.38
CA LEU F 114 -9.95 -33.62 -50.05
C LEU F 114 -11.15 -34.11 -49.24
N VAL F 115 -12.15 -33.26 -49.06
CA VAL F 115 -13.35 -33.65 -48.35
C VAL F 115 -14.54 -33.35 -49.26
N THR F 116 -15.42 -34.32 -49.40
CA THR F 116 -16.61 -34.13 -50.23
C THR F 116 -17.83 -34.24 -49.35
N VAL F 117 -18.70 -33.23 -49.38
CA VAL F 117 -19.91 -33.26 -48.58
C VAL F 117 -21.09 -33.51 -49.51
N SER F 118 -21.58 -34.75 -49.50
CA SER F 118 -22.71 -35.12 -50.37
C SER F 118 -23.55 -36.26 -49.81
N ALA F 119 -24.85 -36.19 -50.10
CA ALA F 119 -25.78 -37.21 -49.67
C ALA F 119 -25.64 -38.43 -50.57
N ALA F 120 -24.96 -38.22 -51.71
CA ALA F 120 -24.74 -39.26 -52.71
C ALA F 120 -23.97 -40.43 -52.09
N LYS F 121 -24.09 -41.61 -52.71
CA LYS F 121 -23.42 -42.80 -52.19
C LYS F 121 -22.24 -43.24 -53.03
N THR F 122 -21.21 -43.71 -52.33
CA THR F 122 -19.98 -44.20 -52.96
C THR F 122 -20.36 -45.18 -54.04
N THR F 123 -19.52 -45.31 -55.04
CA THR F 123 -19.76 -46.26 -56.12
C THR F 123 -18.45 -46.49 -56.87
N ALA F 124 -18.09 -47.76 -57.03
CA ALA F 124 -16.85 -48.10 -57.72
C ALA F 124 -16.91 -47.76 -59.18
N PRO F 125 -15.75 -47.37 -59.76
CA PRO F 125 -15.67 -47.01 -61.18
C PRO F 125 -15.49 -48.27 -62.00
N SER F 126 -15.55 -48.12 -63.30
CA SER F 126 -15.35 -49.25 -64.20
C SER F 126 -14.21 -48.81 -65.10
N VAL F 127 -13.18 -49.63 -65.21
CA VAL F 127 -12.04 -49.27 -66.03
C VAL F 127 -12.02 -50.04 -67.32
N TYR F 128 -12.20 -49.34 -68.44
CA TYR F 128 -12.20 -49.96 -69.76
C TYR F 128 -10.96 -49.53 -70.50
N PRO F 129 -10.34 -50.44 -71.26
CA PRO F 129 -9.13 -50.14 -72.03
C PRO F 129 -9.47 -49.54 -73.38
N LEU F 130 -8.63 -48.64 -73.87
CA LEU F 130 -8.86 -48.01 -75.16
C LEU F 130 -7.73 -48.32 -76.13
N ALA F 131 -8.00 -49.21 -77.09
CA ALA F 131 -7.01 -49.63 -78.08
C ALA F 131 -7.37 -49.03 -79.45
N PRO F 132 -6.36 -48.77 -80.30
CA PRO F 132 -6.52 -48.20 -81.65
C PRO F 132 -7.53 -48.89 -82.57
N GLY F 133 -8.05 -48.13 -83.53
CA GLY F 133 -9.02 -48.65 -84.48
C GLY F 133 -8.76 -50.08 -84.92
N SER F 134 -8.08 -50.26 -86.04
CA SER F 134 -7.74 -51.58 -86.56
C SER F 134 -6.64 -51.50 -87.63
N ALA F 135 -6.76 -50.50 -88.51
CA ALA F 135 -5.77 -50.31 -89.55
C ALA F 135 -4.46 -49.80 -88.93
N ALA F 136 -3.77 -50.70 -88.22
CA ALA F 136 -2.49 -50.40 -87.53
C ALA F 136 -1.47 -49.80 -88.49
N GLN F 137 -1.72 -49.98 -89.79
CA GLN F 137 -0.85 -49.47 -90.85
C GLN F 137 -1.04 -47.95 -90.97
N THR F 138 -0.60 -47.23 -89.94
CA THR F 138 -0.72 -45.79 -89.94
C THR F 138 0.34 -45.06 -89.11
N ASN F 139 1.45 -44.74 -89.79
CA ASN F 139 2.55 -43.98 -89.19
C ASN F 139 3.30 -44.58 -87.98
N SER F 140 4.24 -43.78 -87.47
CA SER F 140 5.09 -44.12 -86.33
C SER F 140 4.36 -43.79 -85.05
N MET F 141 4.86 -44.26 -83.90
CA MET F 141 4.23 -43.96 -82.63
C MET F 141 2.82 -44.59 -82.50
N VAL F 142 2.07 -44.19 -81.49
CA VAL F 142 0.71 -44.67 -81.25
C VAL F 142 0.20 -44.21 -79.88
N THR F 143 -1.07 -43.84 -79.82
CA THR F 143 -1.65 -43.40 -78.56
C THR F 143 -2.68 -44.40 -78.03
N LEU F 144 -2.65 -44.65 -76.73
CA LEU F 144 -3.58 -45.57 -76.09
C LEU F 144 -4.41 -44.82 -75.06
N GLY F 145 -5.33 -45.51 -74.42
CA GLY F 145 -6.15 -44.85 -73.45
C GLY F 145 -6.64 -45.75 -72.33
N CYS F 146 -7.46 -45.18 -71.47
CA CYS F 146 -7.99 -45.90 -70.33
C CYS F 146 -9.15 -45.05 -69.85
N LEU F 147 -10.35 -45.60 -69.87
CA LEU F 147 -11.53 -44.87 -69.46
C LEU F 147 -12.02 -45.33 -68.11
N VAL F 148 -12.16 -44.41 -67.17
CA VAL F 148 -12.63 -44.77 -65.85
C VAL F 148 -13.99 -44.09 -65.70
N LYS F 149 -15.07 -44.86 -65.94
CA LYS F 149 -16.42 -44.30 -65.90
C LYS F 149 -17.31 -44.71 -64.72
N GLY F 150 -18.08 -43.71 -64.25
CA GLY F 150 -19.09 -43.81 -63.20
C GLY F 150 -18.67 -44.13 -61.75
N TYR F 151 -18.04 -43.19 -61.08
CA TYR F 151 -17.64 -43.38 -59.69
C TYR F 151 -18.06 -42.22 -58.82
N PHE F 152 -17.63 -42.23 -57.55
CA PHE F 152 -17.97 -41.20 -56.56
C PHE F 152 -17.46 -41.62 -55.16
N PRO F 153 -16.79 -40.74 -54.39
CA PRO F 153 -16.43 -39.34 -54.63
C PRO F 153 -15.28 -39.23 -55.63
N GLU F 154 -14.81 -37.97 -55.84
CA GLU F 154 -13.79 -37.60 -56.79
C GLU F 154 -12.36 -38.09 -56.62
N PRO F 155 -11.88 -38.65 -55.51
CA PRO F 155 -10.44 -39.01 -55.51
C PRO F 155 -10.05 -40.35 -56.14
N VAL F 156 -9.29 -40.25 -57.21
CA VAL F 156 -8.89 -41.40 -57.97
C VAL F 156 -7.43 -41.23 -58.45
N THR F 157 -6.68 -42.29 -58.66
CA THR F 157 -5.29 -42.11 -59.13
C THR F 157 -5.08 -43.05 -60.32
N VAL F 158 -4.44 -42.54 -61.37
CA VAL F 158 -4.17 -43.30 -62.58
C VAL F 158 -2.70 -43.19 -62.97
N THR F 159 -2.02 -44.32 -63.05
CA THR F 159 -0.61 -44.34 -63.45
C THR F 159 -0.46 -45.38 -64.56
N TRP F 160 0.67 -45.35 -65.26
CA TRP F 160 0.91 -46.33 -66.32
C TRP F 160 2.13 -47.17 -65.96
N ASN F 161 1.91 -48.48 -65.84
CA ASN F 161 2.98 -49.39 -65.45
C ASN F 161 3.53 -48.94 -64.10
N SER F 162 2.61 -48.83 -63.14
CA SER F 162 2.93 -48.39 -61.78
C SER F 162 3.93 -47.25 -61.71
N GLY F 163 3.79 -46.29 -62.62
CA GLY F 163 4.68 -45.14 -62.60
C GLY F 163 5.86 -45.15 -63.56
N SER F 164 6.36 -46.33 -63.92
CA SER F 164 7.50 -46.41 -64.83
C SER F 164 7.24 -45.59 -66.10
N LEU F 165 6.03 -45.65 -66.61
CA LEU F 165 5.69 -44.90 -67.80
C LEU F 165 5.04 -43.59 -67.38
N SER F 166 5.77 -42.48 -67.53
CA SER F 166 5.26 -41.18 -67.14
C SER F 166 5.32 -40.19 -68.30
N SER F 167 6.13 -40.51 -69.31
CA SER F 167 6.28 -39.64 -70.46
C SER F 167 5.06 -39.72 -71.41
N GLY F 168 4.75 -38.62 -72.07
CA GLY F 168 3.62 -38.59 -73.01
C GLY F 168 2.29 -39.05 -72.43
N VAL F 169 2.01 -38.67 -71.19
CA VAL F 169 0.78 -39.07 -70.52
C VAL F 169 -0.09 -37.86 -70.18
N HIS F 170 -1.40 -38.00 -70.42
CA HIS F 170 -2.38 -36.93 -70.13
C HIS F 170 -3.58 -37.48 -69.40
N THR F 171 -3.72 -37.16 -68.12
CA THR F 171 -4.87 -37.64 -67.39
C THR F 171 -5.83 -36.46 -67.40
N PHE F 172 -7.01 -36.69 -67.96
CA PHE F 172 -8.01 -35.64 -68.04
C PHE F 172 -8.84 -35.54 -66.78
N PRO F 173 -9.13 -34.31 -66.36
CA PRO F 173 -9.91 -34.01 -65.17
C PRO F 173 -11.27 -34.67 -65.21
N ALA F 174 -11.64 -35.26 -64.08
CA ALA F 174 -12.94 -35.91 -63.96
C ALA F 174 -14.06 -34.90 -64.25
N VAL F 175 -15.13 -35.38 -64.86
CA VAL F 175 -16.26 -34.53 -65.17
C VAL F 175 -17.48 -35.13 -64.50
N LEU F 176 -18.13 -34.36 -63.63
CA LEU F 176 -19.32 -34.83 -62.93
C LEU F 176 -20.53 -34.88 -63.87
N GLN F 177 -21.42 -35.83 -63.62
CA GLN F 177 -22.60 -36.01 -64.46
C GLN F 177 -23.54 -36.98 -63.76
N SER F 178 -24.68 -36.48 -63.31
CA SER F 178 -25.66 -37.31 -62.60
C SER F 178 -25.06 -38.01 -61.39
N ASP F 179 -24.26 -37.28 -60.62
CA ASP F 179 -23.61 -37.82 -59.42
C ASP F 179 -22.61 -38.93 -59.67
N LEU F 180 -21.99 -38.93 -60.84
CA LEU F 180 -21.00 -39.93 -61.19
C LEU F 180 -19.88 -39.31 -62.01
N TYR F 181 -18.64 -39.46 -61.53
CA TYR F 181 -17.49 -38.91 -62.23
C TYR F 181 -17.01 -39.82 -63.32
N THR F 182 -16.46 -39.22 -64.36
CA THR F 182 -15.91 -39.98 -65.48
C THR F 182 -14.59 -39.31 -65.80
N LEU F 183 -13.54 -40.12 -65.87
CA LEU F 183 -12.19 -39.64 -66.13
C LEU F 183 -11.50 -40.51 -67.16
N SER F 184 -10.59 -39.92 -67.92
CA SER F 184 -9.87 -40.70 -68.92
C SER F 184 -8.41 -40.26 -68.94
N SER F 185 -7.55 -41.10 -69.49
CA SER F 185 -6.13 -40.81 -69.59
C SER F 185 -5.61 -41.32 -70.93
N SER F 186 -4.63 -40.61 -71.50
CA SER F 186 -4.07 -41.01 -72.78
C SER F 186 -2.55 -41.06 -72.71
N VAL F 187 -1.97 -42.05 -73.40
CA VAL F 187 -0.51 -42.21 -73.42
C VAL F 187 -0.03 -42.50 -74.82
N THR F 188 1.09 -41.88 -75.19
CA THR F 188 1.69 -42.07 -76.51
C THR F 188 3.06 -42.73 -76.41
N VAL F 189 3.36 -43.59 -77.39
CA VAL F 189 4.63 -44.31 -77.43
C VAL F 189 5.03 -44.60 -78.89
N PRO F 190 6.27 -45.10 -79.12
CA PRO F 190 6.75 -45.43 -80.47
C PRO F 190 6.11 -46.71 -81.01
N SER F 191 5.79 -46.71 -82.30
CA SER F 191 5.19 -47.87 -82.94
C SER F 191 5.83 -49.16 -82.45
N SER F 192 7.15 -49.21 -82.51
CA SER F 192 7.91 -50.38 -82.08
C SER F 192 7.67 -50.85 -80.65
N THR F 193 7.47 -49.91 -79.72
CA THR F 193 7.26 -50.26 -78.32
C THR F 193 5.93 -50.92 -78.00
N TRP F 194 5.03 -50.96 -78.97
CA TRP F 194 3.72 -51.57 -78.74
C TRP F 194 3.15 -52.13 -80.05
N PRO F 195 2.45 -53.26 -79.97
CA PRO F 195 2.15 -54.06 -78.77
C PRO F 195 3.32 -54.83 -78.16
N SER F 196 4.52 -54.65 -78.70
CA SER F 196 5.71 -55.35 -78.21
C SER F 196 5.87 -55.24 -76.69
N GLU F 197 5.76 -54.03 -76.16
CA GLU F 197 5.88 -53.80 -74.73
C GLU F 197 4.49 -53.85 -74.09
N THR F 198 4.43 -54.32 -72.85
CA THR F 198 3.16 -54.42 -72.14
C THR F 198 2.79 -53.15 -71.38
N VAL F 199 1.83 -52.43 -71.94
CA VAL F 199 1.35 -51.19 -71.36
C VAL F 199 0.10 -51.42 -70.52
N THR F 200 0.24 -51.41 -69.21
CA THR F 200 -0.90 -51.61 -68.32
C THR F 200 -1.31 -50.32 -67.56
N CYS F 201 -2.62 -50.12 -67.42
CA CYS F 201 -3.19 -48.95 -66.75
C CYS F 201 -3.62 -49.22 -65.31
N ASN F 202 -2.88 -48.70 -64.34
CA ASN F 202 -3.24 -48.94 -62.93
C ASN F 202 -4.16 -47.87 -62.39
N VAL F 203 -5.34 -48.28 -61.94
CA VAL F 203 -6.31 -47.36 -61.42
C VAL F 203 -6.70 -47.68 -59.98
N ALA F 204 -6.82 -46.63 -59.16
CA ALA F 204 -7.19 -46.82 -57.77
C ALA F 204 -8.25 -45.82 -57.38
N HIS F 205 -9.18 -46.26 -56.53
CA HIS F 205 -10.26 -45.43 -56.05
C HIS F 205 -10.53 -45.85 -54.61
N PRO F 206 -9.68 -45.41 -53.68
CA PRO F 206 -9.82 -45.75 -52.27
C PRO F 206 -11.24 -45.57 -51.68
N ALA F 207 -11.97 -44.57 -52.16
CA ALA F 207 -13.30 -44.32 -51.65
C ALA F 207 -14.15 -45.59 -51.59
N SER F 208 -13.82 -46.56 -52.42
CA SER F 208 -14.58 -47.81 -52.47
C SER F 208 -13.66 -49.00 -52.57
N SER F 209 -12.51 -48.89 -51.95
CA SER F 209 -11.52 -49.97 -51.94
C SER F 209 -11.36 -50.59 -53.33
N THR F 210 -11.61 -49.80 -54.36
CA THR F 210 -11.47 -50.30 -55.72
C THR F 210 -10.03 -50.08 -56.14
N LYS F 211 -9.41 -51.11 -56.68
CA LYS F 211 -8.04 -51.04 -57.13
C LYS F 211 -7.94 -52.03 -58.28
N VAL F 212 -7.59 -51.54 -59.46
CA VAL F 212 -7.51 -52.44 -60.62
C VAL F 212 -6.44 -52.02 -61.60
N ASP F 213 -5.92 -52.99 -62.32
CA ASP F 213 -4.90 -52.72 -63.33
C ASP F 213 -5.50 -53.29 -64.61
N LYS F 214 -5.28 -52.63 -65.74
CA LYS F 214 -5.86 -53.10 -66.99
C LYS F 214 -4.85 -53.09 -68.11
N LYS F 215 -4.45 -54.28 -68.55
CA LYS F 215 -3.47 -54.38 -69.64
C LYS F 215 -4.17 -53.93 -70.91
N ILE F 216 -3.44 -53.29 -71.80
CA ILE F 216 -4.02 -52.81 -73.05
C ILE F 216 -3.67 -53.75 -74.20
N VAL F 217 -4.58 -54.66 -74.52
CA VAL F 217 -4.38 -55.62 -75.60
C VAL F 217 -5.02 -55.05 -76.88
N PRO F 218 -4.37 -55.26 -78.03
CA PRO F 218 -4.84 -54.79 -79.34
C PRO F 218 -6.19 -55.33 -79.81
N ARG F 219 -6.71 -54.75 -80.87
CA ARG F 219 -7.99 -55.13 -81.46
C ARG F 219 -7.85 -56.28 -82.45
N ASP G 1 32.29 13.33 12.02
CA ASP G 1 31.66 13.24 10.67
C ASP G 1 32.67 13.58 9.57
N MET G 2 32.60 14.83 9.11
CA MET G 2 33.49 15.31 8.07
C MET G 2 34.63 16.03 8.76
N VAL G 3 35.86 15.82 8.29
CA VAL G 3 37.02 16.44 8.90
C VAL G 3 38.02 16.93 7.86
N MET G 4 38.33 18.21 7.92
CA MET G 4 39.26 18.78 6.97
C MET G 4 40.61 18.98 7.63
N SER G 5 41.66 18.44 7.01
CA SER G 5 43.00 18.57 7.54
C SER G 5 43.94 19.27 6.56
N GLN G 6 44.42 20.44 6.95
CA GLN G 6 45.33 21.19 6.11
C GLN G 6 46.73 21.01 6.65
N SER G 7 47.69 21.18 5.76
CA SER G 7 49.09 21.02 6.14
C SER G 7 49.98 21.65 5.08
N PRO G 8 51.07 22.30 5.52
CA PRO G 8 51.45 22.46 6.94
C PRO G 8 50.59 23.53 7.62
N SER G 9 50.84 23.81 8.89
CA SER G 9 50.08 24.81 9.59
C SER G 9 50.52 26.22 9.17
N SER G 10 51.80 26.32 8.80
CA SER G 10 52.39 27.58 8.36
C SER G 10 53.66 27.30 7.59
N LEU G 11 54.04 28.20 6.69
CA LEU G 11 55.26 28.03 5.91
C LEU G 11 55.85 29.35 5.46
N ALA G 12 57.17 29.45 5.49
CA ALA G 12 57.85 30.67 5.08
C ALA G 12 58.49 30.49 3.72
N VAL G 13 58.35 31.50 2.88
CA VAL G 13 58.90 31.46 1.54
C VAL G 13 59.24 32.89 1.11
N SER G 14 60.26 33.05 0.26
CA SER G 14 60.64 34.37 -0.20
C SER G 14 59.89 34.72 -1.48
N ALA G 15 59.80 36.01 -1.78
CA ALA G 15 59.10 36.47 -2.97
C ALA G 15 59.74 35.86 -4.20
N GLY G 16 58.90 35.44 -5.14
CA GLY G 16 59.43 34.83 -6.35
C GLY G 16 59.32 33.32 -6.30
N GLU G 17 59.60 32.74 -5.14
CA GLU G 17 59.55 31.30 -4.94
C GLU G 17 58.15 30.71 -5.12
N LYS G 18 58.07 29.38 -5.11
CA LYS G 18 56.80 28.66 -5.30
C LYS G 18 56.43 27.89 -4.05
N VAL G 19 55.13 27.79 -3.80
CA VAL G 19 54.63 27.08 -2.62
C VAL G 19 53.43 26.19 -2.92
N SER G 20 53.20 25.23 -2.03
CA SER G 20 52.09 24.30 -2.15
C SER G 20 51.66 23.87 -0.77
N MET G 21 50.35 23.78 -0.59
CA MET G 21 49.81 23.35 0.69
C MET G 21 48.78 22.28 0.40
N SER G 22 48.53 21.44 1.40
CA SER G 22 47.60 20.32 1.26
C SER G 22 46.34 20.42 2.09
N CYS G 23 45.27 19.88 1.52
CA CYS G 23 43.96 19.83 2.16
C CYS G 23 43.47 18.41 1.92
N LYS G 24 43.15 17.70 3.00
CA LYS G 24 42.67 16.34 2.88
C LYS G 24 41.41 16.14 3.69
N SER G 25 40.42 15.51 3.10
CA SER G 25 39.17 15.27 3.79
C SER G 25 39.04 13.80 4.19
N SER G 26 38.26 13.56 5.23
CA SER G 26 38.04 12.22 5.72
C SER G 26 36.93 11.56 4.92
N GLN G 27 36.47 12.23 3.87
CA GLN G 27 35.40 11.71 3.03
C GLN G 27 35.63 12.23 1.65
N THR G 28 35.25 11.47 0.63
CA THR G 28 35.45 11.94 -0.72
C THR G 28 34.47 13.05 -1.06
N LEU G 29 35.01 14.08 -1.71
CA LEU G 29 34.23 15.24 -2.11
C LEU G 29 33.94 15.20 -3.61
N LEU G 30 34.13 14.02 -4.20
CA LEU G 30 33.89 13.86 -5.63
C LEU G 30 32.55 13.23 -5.94
N ASN G 31 31.92 13.72 -7.00
CA ASN G 31 30.63 13.20 -7.43
C ASN G 31 30.92 12.42 -8.70
N SER G 32 31.00 11.09 -8.55
CA SER G 32 31.28 10.15 -9.62
C SER G 32 30.61 10.53 -10.93
N ARG G 33 29.30 10.70 -10.86
CA ARG G 33 28.49 11.05 -12.02
C ARG G 33 28.92 12.33 -12.76
N THR G 34 28.95 13.45 -12.03
CA THR G 34 29.30 14.74 -12.61
C THR G 34 30.78 15.04 -12.69
N ARG G 35 31.60 14.31 -11.95
CA ARG G 35 33.04 14.52 -11.96
C ARG G 35 33.47 15.80 -11.21
N LYS G 36 32.53 16.40 -10.49
CA LYS G 36 32.77 17.62 -9.73
C LYS G 36 33.28 17.37 -8.30
N ASN G 37 34.27 18.17 -7.89
CA ASN G 37 34.83 18.08 -6.55
C ASN G 37 34.35 19.29 -5.75
N TYR G 38 33.42 19.06 -4.82
CA TYR G 38 32.84 20.11 -3.98
C TYR G 38 33.81 20.65 -2.95
N LEU G 39 34.86 21.31 -3.42
CA LEU G 39 35.84 21.89 -2.52
C LEU G 39 36.36 23.22 -3.03
N ALA G 40 36.50 24.20 -2.13
CA ALA G 40 37.01 25.52 -2.49
C ALA G 40 38.15 25.99 -1.60
N TRP G 41 38.80 27.06 -2.04
CA TRP G 41 39.92 27.67 -1.32
C TRP G 41 39.63 29.14 -1.01
N TYR G 42 39.88 29.55 0.23
CA TYR G 42 39.66 30.93 0.63
C TYR G 42 40.95 31.57 1.12
N GLN G 43 41.12 32.85 0.82
CA GLN G 43 42.29 33.60 1.27
C GLN G 43 41.83 34.64 2.28
N GLN G 44 42.55 34.80 3.39
CA GLN G 44 42.19 35.82 4.37
C GLN G 44 43.41 36.60 4.83
N LYS G 45 43.61 37.78 4.24
CA LYS G 45 44.74 38.63 4.60
C LYS G 45 44.52 39.28 5.98
N PRO G 46 45.60 39.46 6.75
CA PRO G 46 45.48 40.06 8.08
C PRO G 46 44.49 41.23 8.16
N GLY G 47 43.63 41.16 9.17
CA GLY G 47 42.63 42.19 9.39
C GLY G 47 41.57 42.35 8.32
N GLN G 48 41.38 41.32 7.49
CA GLN G 48 40.37 41.40 6.44
C GLN G 48 39.35 40.26 6.47
N SER G 49 38.40 40.33 5.56
CA SER G 49 37.40 39.28 5.44
C SER G 49 37.97 38.21 4.53
N PRO G 50 37.44 37.00 4.61
CA PRO G 50 37.93 35.91 3.76
C PRO G 50 37.49 36.15 2.30
N LYS G 51 38.35 35.83 1.37
CA LYS G 51 38.05 36.02 -0.04
C LYS G 51 38.05 34.66 -0.75
N LEU G 52 37.10 34.48 -1.67
CA LEU G 52 37.01 33.23 -2.41
C LEU G 52 38.07 33.23 -3.51
N LEU G 53 38.93 32.21 -3.53
CA LEU G 53 39.98 32.07 -4.54
C LEU G 53 39.69 31.04 -5.62
N ILE G 54 39.42 29.81 -5.19
CA ILE G 54 39.17 28.69 -6.09
C ILE G 54 37.92 27.96 -5.66
N TYR G 55 37.09 27.59 -6.62
CA TYR G 55 35.88 26.82 -6.32
C TYR G 55 35.87 25.61 -7.26
N TRP G 56 35.15 24.55 -6.86
CA TRP G 56 35.07 23.34 -7.66
C TRP G 56 36.47 22.73 -7.77
N ALA G 57 37.22 22.72 -6.68
CA ALA G 57 38.50 22.02 -6.70
C ALA G 57 39.60 22.53 -7.67
N SER G 58 39.31 23.34 -8.69
CA SER G 58 40.34 23.87 -9.57
C SER G 58 39.96 25.09 -10.39
N THR G 59 38.71 25.54 -10.28
CA THR G 59 38.28 26.72 -11.04
C THR G 59 38.59 28.02 -10.31
N ARG G 60 39.29 28.91 -11.01
CA ARG G 60 39.70 30.22 -10.50
C ARG G 60 38.52 31.16 -10.43
N GLU G 61 38.39 31.89 -9.32
CA GLU G 61 37.29 32.83 -9.17
C GLU G 61 37.66 34.07 -9.98
N SER G 62 36.63 34.73 -10.50
CA SER G 62 36.81 35.93 -11.30
C SER G 62 37.76 36.93 -10.64
N GLY G 63 38.71 37.43 -11.41
CA GLY G 63 39.65 38.41 -10.89
C GLY G 63 40.80 37.85 -10.08
N VAL G 64 40.94 36.53 -10.01
CA VAL G 64 42.04 35.94 -9.26
C VAL G 64 43.21 35.65 -10.20
N PRO G 65 44.38 36.23 -9.92
CA PRO G 65 45.57 36.02 -10.76
C PRO G 65 45.83 34.54 -11.02
N ASP G 66 46.35 34.25 -12.20
CA ASP G 66 46.62 32.86 -12.59
C ASP G 66 47.79 32.19 -11.89
N ARG G 67 48.50 32.91 -11.02
CA ARG G 67 49.61 32.27 -10.33
C ARG G 67 49.08 31.34 -9.23
N PHE G 68 47.78 31.43 -8.96
CA PHE G 68 47.12 30.57 -7.97
C PHE G 68 46.53 29.39 -8.73
N THR G 69 46.80 28.17 -8.26
CA THR G 69 46.30 26.98 -8.92
C THR G 69 45.69 25.96 -8.00
N GLY G 70 44.47 25.54 -8.32
CA GLY G 70 43.78 24.54 -7.51
C GLY G 70 43.84 23.19 -8.18
N SER G 71 44.27 22.19 -7.43
CA SER G 71 44.39 20.84 -7.98
C SER G 71 43.98 19.79 -6.96
N GLY G 72 43.92 18.54 -7.42
CA GLY G 72 43.55 17.45 -6.55
C GLY G 72 42.17 16.91 -6.85
N SER G 73 41.82 15.81 -6.18
CA SER G 73 40.51 15.20 -6.37
C SER G 73 40.20 14.21 -5.26
N GLY G 74 38.93 13.84 -5.18
CA GLY G 74 38.52 12.89 -4.18
C GLY G 74 38.70 13.30 -2.74
N THR G 75 39.90 13.15 -2.20
CA THR G 75 40.13 13.54 -0.83
C THR G 75 41.48 14.17 -0.62
N ASP G 76 42.20 14.39 -1.70
CA ASP G 76 43.51 14.99 -1.61
C ASP G 76 43.63 16.15 -2.57
N PHE G 77 43.70 17.35 -2.00
CA PHE G 77 43.78 18.56 -2.81
C PHE G 77 44.98 19.41 -2.44
N THR G 78 45.42 20.19 -3.42
CA THR G 78 46.58 21.06 -3.23
C THR G 78 46.39 22.45 -3.84
N LEU G 79 46.77 23.47 -3.08
CA LEU G 79 46.70 24.84 -3.57
C LEU G 79 48.15 25.21 -3.85
N THR G 80 48.39 25.83 -4.99
CA THR G 80 49.75 26.19 -5.35
C THR G 80 49.90 27.59 -5.91
N ILE G 81 50.79 28.37 -5.30
CA ILE G 81 51.07 29.73 -5.73
C ILE G 81 52.39 29.67 -6.51
N SER G 82 52.32 29.89 -7.81
CA SER G 82 53.49 29.82 -8.68
C SER G 82 54.68 30.67 -8.25
N SER G 83 54.44 31.96 -8.04
CA SER G 83 55.51 32.88 -7.62
C SER G 83 54.97 33.91 -6.63
N VAL G 84 54.93 33.51 -5.36
CA VAL G 84 54.42 34.32 -4.29
C VAL G 84 54.94 35.76 -4.28
N GLN G 85 54.12 36.67 -3.76
CA GLN G 85 54.44 38.08 -3.66
C GLN G 85 54.11 38.53 -2.24
N ALA G 86 54.72 39.62 -1.78
CA ALA G 86 54.46 40.11 -0.43
C ALA G 86 52.97 40.17 -0.14
N GLU G 87 52.21 40.78 -1.04
CA GLU G 87 50.76 40.91 -0.85
C GLU G 87 50.03 39.59 -0.66
N ASP G 88 50.71 38.47 -0.91
CA ASP G 88 50.07 37.17 -0.76
C ASP G 88 50.10 36.67 0.67
N LEU G 89 50.72 37.44 1.55
CA LEU G 89 50.79 37.08 2.95
C LEU G 89 49.35 36.94 3.45
N ALA G 90 49.02 35.76 3.97
CA ALA G 90 47.67 35.51 4.47
C ALA G 90 47.51 34.08 4.96
N VAL G 91 46.34 33.76 5.51
CA VAL G 91 46.06 32.39 5.95
C VAL G 91 45.11 31.85 4.89
N TYR G 92 45.41 30.65 4.39
CA TYR G 92 44.57 30.04 3.38
C TYR G 92 43.77 28.91 3.98
N TYR G 93 42.46 28.98 3.76
CA TYR G 93 41.51 27.99 4.26
C TYR G 93 40.87 27.20 3.12
N CYS G 94 40.71 25.89 3.31
CA CYS G 94 40.04 25.07 2.30
C CYS G 94 38.71 24.67 2.90
N LYS G 95 37.67 24.71 2.08
CA LYS G 95 36.34 24.40 2.57
C LYS G 95 35.62 23.41 1.67
N GLN G 96 35.00 22.40 2.28
CA GLN G 96 34.26 21.43 1.49
C GLN G 96 32.78 21.83 1.52
N SER G 97 32.09 21.58 0.41
CA SER G 97 30.68 21.93 0.32
C SER G 97 29.80 20.74 -0.08
N TYR G 98 30.39 19.55 -0.02
CA TYR G 98 29.74 18.28 -0.37
C TYR G 98 28.60 17.88 0.60
N ASN G 99 28.97 17.66 1.85
CA ASN G 99 28.02 17.29 2.90
C ASN G 99 28.05 18.47 3.87
N LEU G 100 27.13 19.40 3.64
CA LEU G 100 27.07 20.64 4.41
C LEU G 100 28.35 21.43 4.10
N TRP G 101 28.99 22.02 5.13
CA TRP G 101 30.21 22.80 4.89
C TRP G 101 31.25 22.69 6.00
N THR G 102 32.53 22.63 5.62
CA THR G 102 33.59 22.54 6.63
C THR G 102 34.91 23.20 6.19
N PHE G 103 35.51 23.94 7.11
CA PHE G 103 36.79 24.62 6.81
C PHE G 103 37.93 23.87 7.45
N GLY G 104 39.10 23.96 6.83
CA GLY G 104 40.28 23.34 7.39
C GLY G 104 40.84 24.27 8.45
N GLY G 105 41.95 23.89 9.06
CA GLY G 105 42.53 24.73 10.09
C GLY G 105 43.29 25.89 9.47
N GLY G 106 43.50 25.79 8.17
CA GLY G 106 44.20 26.84 7.45
C GLY G 106 45.72 26.73 7.49
N THR G 107 46.35 27.33 6.49
CA THR G 107 47.80 27.34 6.41
C THR G 107 48.20 28.80 6.38
N LYS G 108 48.92 29.24 7.40
CA LYS G 108 49.36 30.61 7.46
C LYS G 108 50.59 30.72 6.58
N LEU G 109 50.54 31.64 5.61
CA LEU G 109 51.66 31.85 4.70
C LEU G 109 52.47 33.06 5.19
N GLU G 110 53.72 32.83 5.58
CA GLU G 110 54.60 33.92 6.01
C GLU G 110 55.61 34.24 4.90
N ILE G 111 56.19 35.43 4.94
CA ILE G 111 57.16 35.81 3.92
C ILE G 111 58.58 35.94 4.49
N LYS G 112 59.54 35.23 3.87
CA LYS G 112 60.94 35.31 4.28
C LYS G 112 61.49 36.56 3.64
N ARG G 113 62.34 37.25 4.38
CA ARG G 113 62.87 38.52 3.93
C ARG G 113 64.32 38.72 4.46
N ALA G 114 64.98 39.77 4.01
CA ALA G 114 66.34 40.03 4.45
C ALA G 114 66.35 40.59 5.86
N ASP G 115 67.30 40.17 6.70
CA ASP G 115 67.40 40.67 8.07
C ASP G 115 67.46 42.20 8.05
N ALA G 116 66.77 42.83 9.00
CA ALA G 116 66.76 44.29 9.08
C ALA G 116 66.62 44.75 10.53
N ALA G 117 67.40 45.76 10.91
CA ALA G 117 67.36 46.30 12.27
C ALA G 117 66.21 47.30 12.40
N PRO G 118 65.68 47.46 13.63
CA PRO G 118 64.58 48.36 13.91
C PRO G 118 64.96 49.84 14.02
N THR G 119 64.00 50.71 13.69
CA THR G 119 64.19 52.14 13.79
C THR G 119 63.51 52.57 15.10
N VAL G 120 64.33 52.72 16.13
CA VAL G 120 63.86 53.08 17.47
C VAL G 120 63.51 54.56 17.70
N SER G 121 62.41 54.78 18.40
CA SER G 121 61.93 56.12 18.73
C SER G 121 61.43 56.13 20.17
N ILE G 122 61.81 57.15 20.92
CA ILE G 122 61.40 57.26 22.32
C ILE G 122 60.38 58.38 22.50
N PHE G 123 59.39 58.19 23.35
CA PHE G 123 58.38 59.23 23.58
C PHE G 123 58.05 59.49 25.06
N PRO G 124 58.35 60.71 25.54
CA PRO G 124 58.10 61.11 26.93
C PRO G 124 56.61 61.27 27.16
N PRO G 125 56.16 61.10 28.41
CA PRO G 125 54.74 61.23 28.74
C PRO G 125 54.08 62.46 28.14
N SER G 126 52.80 62.33 27.85
CA SER G 126 52.03 63.43 27.27
C SER G 126 51.72 64.45 28.36
N SER G 127 51.70 65.72 27.99
CA SER G 127 51.41 66.76 28.95
C SER G 127 50.05 66.55 29.59
N GLU G 128 49.04 66.17 28.79
CA GLU G 128 47.71 65.94 29.36
C GLU G 128 47.54 64.63 30.10
N GLN G 129 48.45 63.68 29.87
CA GLN G 129 48.36 62.41 30.58
C GLN G 129 48.92 62.66 31.95
N LEU G 130 49.91 63.55 32.01
CA LEU G 130 50.55 63.92 33.26
C LEU G 130 49.55 64.66 34.14
N THR G 131 48.98 65.74 33.61
CA THR G 131 48.00 66.51 34.38
C THR G 131 46.92 65.51 34.78
N SER G 132 46.71 64.53 33.93
CA SER G 132 45.71 63.50 34.17
C SER G 132 46.04 62.73 35.46
N GLY G 133 47.33 62.58 35.74
CA GLY G 133 47.75 61.89 36.93
C GLY G 133 48.64 60.67 36.70
N GLY G 134 49.07 60.46 35.46
CA GLY G 134 49.92 59.31 35.17
C GLY G 134 51.04 59.65 34.21
N ALA G 135 51.83 58.65 33.84
CA ALA G 135 52.95 58.86 32.91
C ALA G 135 53.36 57.59 32.19
N SER G 136 53.23 57.58 30.87
CA SER G 136 53.60 56.43 30.07
C SER G 136 54.69 56.83 29.09
N VAL G 137 55.74 56.02 29.05
CA VAL G 137 56.86 56.26 28.15
C VAL G 137 56.83 55.23 27.04
N VAL G 138 56.50 55.67 25.84
CA VAL G 138 56.41 54.78 24.69
C VAL G 138 57.69 54.71 23.89
N CYS G 139 58.00 53.51 23.40
CA CYS G 139 59.21 53.29 22.61
C CYS G 139 58.81 52.44 21.39
N PHE G 140 58.93 53.02 20.20
CA PHE G 140 58.59 52.33 18.96
C PHE G 140 59.81 51.74 18.27
N LEU G 141 59.70 50.47 17.85
CA LEU G 141 60.76 49.77 17.14
C LEU G 141 60.13 49.41 15.80
N ASN G 142 60.36 50.25 14.81
CA ASN G 142 59.75 50.06 13.50
C ASN G 142 60.58 49.43 12.41
N ASN G 143 59.92 48.52 11.70
CA ASN G 143 60.47 47.78 10.55
C ASN G 143 61.73 46.98 10.79
N PHE G 144 61.57 45.79 11.36
CA PHE G 144 62.71 44.92 11.57
C PHE G 144 62.35 43.51 11.12
N TYR G 145 63.36 42.63 11.11
CA TYR G 145 63.18 41.24 10.71
C TYR G 145 64.46 40.54 11.11
N PRO G 146 64.37 39.34 11.73
CA PRO G 146 63.22 38.52 12.11
C PRO G 146 62.30 39.20 13.10
N LYS G 147 61.26 38.47 13.49
CA LYS G 147 60.24 38.96 14.42
C LYS G 147 60.70 39.07 15.86
N ASP G 148 61.81 38.43 16.20
CA ASP G 148 62.29 38.44 17.58
C ASP G 148 63.23 39.56 17.96
N ILE G 149 62.81 40.37 18.92
CA ILE G 149 63.63 41.47 19.43
C ILE G 149 63.54 41.41 20.94
N ASN G 150 64.43 42.13 21.62
CA ASN G 150 64.44 42.19 23.06
C ASN G 150 64.52 43.64 23.48
N VAL G 151 63.42 44.19 23.97
CA VAL G 151 63.40 45.57 24.43
C VAL G 151 63.66 45.53 25.93
N LYS G 152 64.45 46.48 26.42
CA LYS G 152 64.80 46.54 27.83
C LYS G 152 64.75 47.98 28.30
N TRP G 153 64.05 48.23 29.41
CA TRP G 153 63.93 49.58 29.95
C TRP G 153 64.89 49.86 31.10
N LYS G 154 65.40 51.09 31.15
CA LYS G 154 66.31 51.51 32.19
C LYS G 154 65.96 52.92 32.67
N ILE G 155 65.73 53.07 33.97
CA ILE G 155 65.43 54.37 34.57
C ILE G 155 66.67 54.77 35.39
N ASP G 156 67.42 55.74 34.88
CA ASP G 156 68.62 56.19 35.58
C ASP G 156 69.59 54.99 35.75
N GLY G 157 69.77 54.23 34.67
CA GLY G 157 70.65 53.08 34.72
C GLY G 157 70.07 51.83 35.33
N SER G 158 68.89 51.94 35.94
CA SER G 158 68.26 50.78 36.56
C SER G 158 67.20 50.13 35.68
N GLU G 159 67.36 48.83 35.42
CA GLU G 159 66.43 48.10 34.59
C GLU G 159 65.11 47.82 35.30
N ARG G 160 64.02 48.35 34.75
CA ARG G 160 62.69 48.14 35.29
C ARG G 160 62.08 46.94 34.55
N ALA G 161 61.48 46.02 35.30
CA ALA G 161 60.88 44.84 34.67
C ALA G 161 59.35 44.87 34.64
N ALA G 162 58.73 45.20 35.76
CA ALA G 162 57.27 45.25 35.82
C ALA G 162 56.68 46.61 35.39
N GLY G 163 55.60 46.58 34.62
CA GLY G 163 54.96 47.81 34.17
C GLY G 163 55.03 48.07 32.68
N VAL G 164 55.42 47.06 31.90
CA VAL G 164 55.53 47.21 30.44
C VAL G 164 54.52 46.35 29.69
N LEU G 165 54.07 46.84 28.54
CA LEU G 165 53.13 46.12 27.70
C LEU G 165 53.59 46.24 26.27
N ASN G 166 54.01 45.12 25.70
CA ASN G 166 54.50 45.10 24.32
C ASN G 166 53.47 44.59 23.33
N SER G 167 53.62 45.01 22.06
CA SER G 167 52.69 44.62 21.01
C SER G 167 53.38 44.63 19.63
N TRP G 168 53.29 43.50 18.93
CA TRP G 168 53.88 43.36 17.60
C TRP G 168 52.79 43.50 16.54
N THR G 169 53.17 44.03 15.38
CA THR G 169 52.21 44.18 14.31
C THR G 169 52.29 42.96 13.42
N ASP G 170 51.40 42.92 12.45
CA ASP G 170 51.37 41.84 11.50
C ASP G 170 52.37 42.20 10.40
N GLN G 171 53.18 41.23 10.02
CA GLN G 171 54.17 41.43 8.97
C GLN G 171 53.61 42.33 7.87
N ASP G 172 54.33 43.39 7.56
CA ASP G 172 53.91 44.37 6.56
C ASP G 172 53.68 43.76 5.19
N SER G 173 52.48 43.97 4.64
CA SER G 173 52.14 43.43 3.33
C SER G 173 52.81 44.18 2.19
N LYS G 174 53.86 44.92 2.51
CA LYS G 174 54.57 45.70 1.50
C LYS G 174 56.08 45.39 1.52
N ASP G 175 56.67 45.40 2.71
CA ASP G 175 58.09 45.13 2.84
C ASP G 175 58.32 43.90 3.71
N SER G 176 57.24 43.28 4.16
CA SER G 176 57.32 42.07 4.95
C SER G 176 58.16 42.19 6.21
N THR G 177 58.04 43.31 6.92
CA THR G 177 58.82 43.48 8.14
C THR G 177 57.89 43.57 9.33
N TYR G 178 58.47 43.58 10.52
CA TYR G 178 57.70 43.68 11.74
C TYR G 178 57.98 44.99 12.41
N SER G 179 57.11 45.37 13.34
CA SER G 179 57.26 46.59 14.12
C SER G 179 56.66 46.29 15.48
N MET G 180 57.24 46.85 16.53
CA MET G 180 56.73 46.60 17.87
C MET G 180 56.62 47.90 18.64
N SER G 181 55.73 47.89 19.63
CA SER G 181 55.51 49.05 20.47
C SER G 181 55.67 48.64 21.92
N SER G 182 56.56 49.29 22.65
CA SER G 182 56.77 48.97 24.06
C SER G 182 56.32 50.16 24.89
N THR G 183 55.46 49.90 25.89
CA THR G 183 54.93 50.97 26.73
C THR G 183 55.17 50.78 28.23
N LEU G 184 55.98 51.67 28.79
CA LEU G 184 56.27 51.64 30.23
C LEU G 184 55.32 52.62 30.93
N THR G 185 54.53 52.11 31.86
CA THR G 185 53.58 52.96 32.55
C THR G 185 53.92 53.17 34.02
N LEU G 186 53.89 54.44 34.44
CA LEU G 186 54.19 54.82 35.82
C LEU G 186 53.17 55.86 36.31
N THR G 187 53.34 56.31 37.55
CA THR G 187 52.48 57.35 38.12
C THR G 187 53.24 58.64 37.92
N LYS G 188 52.56 59.78 37.90
CA LYS G 188 53.28 61.03 37.68
C LYS G 188 54.40 61.20 38.70
N ASP G 189 54.15 60.68 39.91
CA ASP G 189 55.12 60.77 40.99
C ASP G 189 56.45 60.07 40.70
N GLU G 190 56.40 58.75 40.52
CA GLU G 190 57.63 57.99 40.23
C GLU G 190 58.32 58.56 39.01
N TYR G 191 57.53 58.99 38.04
CA TYR G 191 58.08 59.56 36.82
C TYR G 191 58.95 60.77 37.09
N GLU G 192 58.51 61.62 38.01
CA GLU G 192 59.26 62.82 38.35
C GLU G 192 60.37 62.54 39.34
N ARG G 193 60.29 61.40 40.02
CA ARG G 193 61.31 61.02 41.00
C ARG G 193 62.40 60.18 40.31
N HIS G 194 62.70 60.56 39.07
CA HIS G 194 63.72 59.90 38.24
C HIS G 194 64.05 60.87 37.11
N ASN G 195 65.15 60.64 36.40
CA ASN G 195 65.51 61.60 35.35
C ASN G 195 65.86 61.06 33.97
N SER G 196 66.52 59.90 33.92
CA SER G 196 66.90 59.29 32.64
C SER G 196 66.08 58.06 32.30
N TYR G 197 65.48 58.11 31.11
CA TYR G 197 64.65 57.02 30.62
C TYR G 197 65.28 56.42 29.37
N THR G 198 65.37 55.09 29.33
CA THR G 198 66.01 54.42 28.20
C THR G 198 65.42 53.07 27.79
N CYS G 199 65.23 52.89 26.48
CA CYS G 199 64.79 51.59 25.99
C CYS G 199 65.94 51.04 25.17
N GLU G 200 66.31 49.81 25.50
CA GLU G 200 67.43 49.10 24.90
C GLU G 200 66.90 47.95 24.03
N ALA G 201 67.14 48.05 22.74
CA ALA G 201 66.70 47.02 21.81
C ALA G 201 67.83 46.08 21.42
N THR G 202 67.57 44.78 21.46
CA THR G 202 68.54 43.77 21.11
C THR G 202 67.98 42.87 20.02
N HIS G 203 68.55 42.97 18.82
CA HIS G 203 68.12 42.20 17.65
C HIS G 203 69.32 41.47 17.08
N LYS G 204 69.12 40.30 16.49
CA LYS G 204 70.23 39.54 15.92
C LYS G 204 71.02 40.34 14.90
N THR G 205 70.45 41.43 14.40
CA THR G 205 71.14 42.25 13.43
C THR G 205 72.31 43.02 14.04
N SER G 206 72.60 42.77 15.32
CA SER G 206 73.70 43.44 16.01
C SER G 206 73.84 42.97 17.46
N THR G 207 75.09 42.95 17.95
CA THR G 207 75.37 42.55 19.33
C THR G 207 75.37 43.78 20.24
N SER G 208 75.40 44.94 19.61
CA SER G 208 75.39 46.21 20.33
C SER G 208 73.96 46.78 20.31
N PRO G 209 73.25 46.69 21.45
CA PRO G 209 71.87 47.17 21.60
C PRO G 209 71.65 48.63 21.19
N ILE G 210 70.57 48.86 20.44
CA ILE G 210 70.21 50.20 20.00
C ILE G 210 69.53 50.87 21.19
N VAL G 211 69.92 52.09 21.52
CA VAL G 211 69.30 52.77 22.64
C VAL G 211 68.88 54.19 22.31
N LYS G 212 67.82 54.63 22.99
CA LYS G 212 67.28 55.98 22.83
C LYS G 212 66.88 56.42 24.24
N SER G 213 67.33 57.62 24.63
CA SER G 213 67.02 58.15 25.95
C SER G 213 66.56 59.61 25.90
N PHE G 214 66.22 60.14 27.06
CA PHE G 214 65.77 61.51 27.20
C PHE G 214 65.69 61.82 28.70
N ASN G 215 65.76 63.10 29.04
CA ASN G 215 65.69 63.50 30.45
C ASN G 215 64.56 64.51 30.63
N ARG G 216 63.82 64.38 31.72
CA ARG G 216 62.69 65.26 32.00
C ARG G 216 63.07 66.73 31.89
N ASN G 217 64.30 67.05 32.31
CA ASN G 217 64.82 68.42 32.25
C ASN G 217 65.48 68.70 30.91
N GLU G 218 64.68 68.71 29.86
CA GLU G 218 65.16 68.96 28.51
C GLU G 218 64.00 69.51 27.69
N CYS G 219 62.79 69.09 28.08
CA CYS G 219 61.54 69.49 27.43
C CYS G 219 61.01 70.82 27.96
N GLN H 1 27.21 48.13 -6.96
CA GLN H 1 27.99 46.91 -6.59
C GLN H 1 27.33 46.09 -5.48
N VAL H 2 27.72 44.83 -5.37
CA VAL H 2 27.16 43.95 -4.33
C VAL H 2 27.76 44.42 -3.01
N GLN H 3 26.94 44.48 -1.98
CA GLN H 3 27.44 44.94 -0.70
C GLN H 3 26.66 44.40 0.49
N LEU H 4 27.38 44.05 1.55
CA LEU H 4 26.78 43.50 2.75
C LEU H 4 27.22 44.31 4.00
N GLN H 5 26.29 45.05 4.58
CA GLN H 5 26.62 45.84 5.75
C GLN H 5 26.20 45.18 7.04
N GLN H 6 27.18 44.72 7.81
CA GLN H 6 26.85 44.08 9.09
C GLN H 6 26.78 45.13 10.20
N SER H 7 25.93 44.86 11.18
CA SER H 7 25.76 45.76 12.31
C SER H 7 27.07 45.99 13.07
N GLY H 8 27.04 46.90 14.04
CA GLY H 8 28.22 47.22 14.79
C GLY H 8 28.59 46.18 15.81
N ALA H 9 29.73 46.38 16.46
CA ALA H 9 30.24 45.48 17.47
C ALA H 9 29.24 45.33 18.60
N GLU H 10 29.47 44.36 19.48
CA GLU H 10 28.55 44.10 20.57
C GLU H 10 29.24 43.59 21.83
N LEU H 11 28.72 44.01 22.98
CA LEU H 11 29.26 43.58 24.27
C LEU H 11 28.05 43.10 25.06
N ALA H 12 28.04 41.83 25.44
CA ALA H 12 26.93 41.26 26.18
C ALA H 12 27.42 40.53 27.42
N LYS H 13 26.54 40.43 28.42
CA LYS H 13 26.85 39.75 29.67
C LYS H 13 26.73 38.25 29.47
N PRO H 14 27.54 37.45 30.19
CA PRO H 14 27.45 36.00 30.02
C PRO H 14 26.00 35.58 30.27
N GLY H 15 25.55 34.56 29.55
CA GLY H 15 24.18 34.10 29.72
C GLY H 15 23.15 34.88 28.93
N ALA H 16 23.52 36.08 28.49
CA ALA H 16 22.61 36.93 27.72
C ALA H 16 22.56 36.46 26.27
N SER H 17 21.88 37.24 25.43
CA SER H 17 21.78 36.95 24.00
C SER H 17 22.10 38.23 23.24
N VAL H 18 22.23 38.12 21.93
CA VAL H 18 22.54 39.26 21.09
C VAL H 18 22.00 38.97 19.69
N LYS H 19 21.70 39.99 18.92
CA LYS H 19 21.17 39.74 17.59
C LYS H 19 21.78 40.67 16.52
N MET H 20 22.63 40.10 15.68
CA MET H 20 23.30 40.86 14.62
C MET H 20 22.48 40.95 13.33
N SER H 21 22.95 41.78 12.41
CA SER H 21 22.25 41.95 11.15
C SER H 21 23.26 42.07 10.02
N CYS H 22 22.75 41.98 8.81
CA CYS H 22 23.56 42.04 7.59
C CYS H 22 22.59 42.64 6.60
N LYS H 23 22.91 43.82 6.10
CA LYS H 23 22.03 44.51 5.17
C LYS H 23 22.61 44.29 3.78
N ALA H 24 21.82 43.66 2.92
CA ALA H 24 22.27 43.37 1.59
C ALA H 24 21.71 44.31 0.53
N SER H 25 22.51 44.53 -0.50
CA SER H 25 22.11 45.40 -1.59
C SER H 25 22.98 45.20 -2.82
N GLY H 26 22.44 45.59 -3.99
CA GLY H 26 23.20 45.46 -5.21
C GLY H 26 22.97 44.19 -5.99
N TYR H 27 21.90 43.45 -5.64
CA TYR H 27 21.56 42.20 -6.32
C TYR H 27 20.23 41.78 -5.77
N THR H 28 19.53 40.90 -6.49
CA THR H 28 18.23 40.43 -6.04
C THR H 28 18.38 39.64 -4.74
N PHE H 29 17.86 40.19 -3.66
CA PHE H 29 17.97 39.58 -2.36
C PHE H 29 17.58 38.10 -2.35
N THR H 30 16.44 37.82 -2.99
CA THR H 30 15.88 36.47 -3.04
C THR H 30 16.52 35.48 -4.01
N ARG H 31 17.61 35.87 -4.64
CA ARG H 31 18.25 35.02 -5.61
C ARG H 31 19.46 34.26 -5.10
N TYR H 32 19.88 34.49 -3.87
CA TYR H 32 21.08 33.83 -3.35
C TYR H 32 20.97 33.46 -1.90
N TRP H 33 21.72 32.44 -1.49
CA TRP H 33 21.70 31.99 -0.11
C TRP H 33 22.64 32.85 0.71
N MET H 34 22.35 32.93 2.01
CA MET H 34 23.15 33.73 2.94
C MET H 34 23.74 32.87 4.07
N HIS H 35 25.06 32.73 4.13
CA HIS H 35 25.72 31.92 5.15
C HIS H 35 26.39 32.74 6.25
N TRP H 36 26.54 32.14 7.42
CA TRP H 36 27.21 32.80 8.54
C TRP H 36 28.42 32.00 9.02
N VAL H 37 29.49 32.70 9.38
CA VAL H 37 30.72 32.06 9.80
C VAL H 37 31.30 32.69 11.04
N LYS H 38 31.88 31.86 11.90
CA LYS H 38 32.47 32.32 13.16
C LYS H 38 34.00 32.25 13.15
N GLN H 39 34.64 33.14 13.90
CA GLN H 39 36.09 33.15 13.98
C GLN H 39 36.61 33.78 15.27
N ARG H 40 37.07 32.92 16.19
CA ARG H 40 37.61 33.39 17.46
C ARG H 40 38.94 34.08 17.18
N PRO H 41 39.30 35.06 18.02
CA PRO H 41 40.57 35.76 17.81
C PRO H 41 41.77 34.83 17.64
N GLY H 42 42.43 34.95 16.50
CA GLY H 42 43.59 34.14 16.23
C GLY H 42 43.31 32.71 15.86
N GLN H 43 42.10 32.44 15.37
CA GLN H 43 41.78 31.07 14.97
C GLN H 43 41.12 31.03 13.61
N GLY H 44 40.89 29.82 13.11
CA GLY H 44 40.31 29.67 11.80
C GLY H 44 38.83 29.92 11.68
N LEU H 45 38.35 29.86 10.44
CA LEU H 45 36.94 30.04 10.09
C LEU H 45 36.16 28.84 10.55
N GLU H 46 34.87 29.03 10.81
CA GLU H 46 34.00 27.94 11.25
C GLU H 46 32.57 28.17 10.77
N TRP H 47 32.07 27.26 9.93
CA TRP H 47 30.72 27.38 9.40
C TRP H 47 29.65 27.24 10.49
N ILE H 48 28.63 28.11 10.47
CA ILE H 48 27.56 28.09 11.46
C ILE H 48 26.24 27.58 10.88
N GLY H 49 25.78 28.21 9.81
CA GLY H 49 24.54 27.79 9.19
C GLY H 49 24.21 28.66 8.00
N TYR H 50 23.09 28.41 7.36
CA TYR H 50 22.73 29.21 6.20
C TYR H 50 21.24 29.40 6.14
N ILE H 51 20.79 30.36 5.35
CA ILE H 51 19.37 30.62 5.24
C ILE H 51 19.01 31.06 3.86
N ASN H 52 17.83 30.65 3.41
CA ASN H 52 17.36 31.04 2.09
C ASN H 52 16.41 32.23 2.30
N PRO H 53 16.90 33.43 2.02
CA PRO H 53 16.12 34.67 2.17
C PRO H 53 14.71 34.54 1.62
N SER H 54 14.59 33.89 0.47
CA SER H 54 13.31 33.75 -0.19
C SER H 54 12.30 32.85 0.50
N THR H 55 12.75 31.80 1.19
CA THR H 55 11.80 30.89 1.81
C THR H 55 11.94 30.76 3.32
N GLY H 56 13.03 31.27 3.87
CA GLY H 56 13.26 31.18 5.29
C GLY H 56 13.81 29.83 5.68
N TYR H 57 14.01 28.95 4.71
CA TYR H 57 14.57 27.62 4.98
C TYR H 57 15.95 27.76 5.58
N THR H 58 16.23 26.99 6.62
CA THR H 58 17.53 27.06 7.26
C THR H 58 18.11 25.70 7.62
N GLU H 59 19.44 25.68 7.79
CA GLU H 59 20.18 24.48 8.16
C GLU H 59 21.39 24.95 8.96
N TYR H 60 21.65 24.32 10.09
CA TYR H 60 22.77 24.72 10.93
C TYR H 60 23.79 23.60 11.13
N ASN H 61 24.98 24.02 11.55
CA ASN H 61 26.03 23.12 11.93
C ASN H 61 25.56 22.45 13.19
N GLN H 62 25.58 21.14 13.29
CA GLN H 62 25.06 20.50 14.49
C GLN H 62 25.59 21.18 15.76
N LYS H 63 26.85 21.62 15.70
CA LYS H 63 27.51 22.27 16.82
C LYS H 63 26.85 23.57 17.31
N PHE H 64 26.14 24.26 16.42
CA PHE H 64 25.50 25.54 16.76
C PHE H 64 23.99 25.47 16.81
N LYS H 65 23.43 24.31 16.50
CA LYS H 65 21.98 24.11 16.48
C LYS H 65 21.17 24.82 17.56
N ASP H 66 21.65 24.81 18.80
CA ASP H 66 20.94 25.45 19.89
C ASP H 66 21.42 26.82 20.28
N LYS H 67 22.43 27.32 19.56
CA LYS H 67 22.98 28.62 19.86
C LYS H 67 22.57 29.71 18.88
N ALA H 68 22.64 29.41 17.58
CA ALA H 68 22.32 30.39 16.55
C ALA H 68 20.98 30.22 15.88
N THR H 69 20.41 31.34 15.43
CA THR H 69 19.11 31.35 14.76
C THR H 69 19.09 32.35 13.62
N LEU H 70 18.89 31.87 12.41
CA LEU H 70 18.87 32.76 11.26
C LEU H 70 17.46 33.12 10.83
N THR H 71 17.28 34.39 10.47
CA THR H 71 16.01 34.94 10.00
C THR H 71 16.26 35.96 8.89
N ALA H 72 15.24 36.28 8.11
CA ALA H 72 15.42 37.23 7.03
C ALA H 72 14.15 38.02 6.77
N ASP H 73 14.33 39.31 6.45
CA ASP H 73 13.19 40.16 6.14
C ASP H 73 13.32 40.60 4.70
N LYS H 74 12.52 40.00 3.82
CA LYS H 74 12.58 40.34 2.41
C LYS H 74 12.31 41.82 2.11
N SER H 75 11.43 42.44 2.89
CA SER H 75 11.07 43.84 2.68
C SER H 75 12.23 44.79 2.93
N SER H 76 13.15 44.40 3.82
CA SER H 76 14.29 45.24 4.15
C SER H 76 15.59 44.69 3.58
N SER H 77 15.52 43.52 2.95
CA SER H 77 16.69 42.90 2.37
C SER H 77 17.81 42.76 3.37
N THR H 78 17.49 42.29 4.56
CA THR H 78 18.54 42.12 5.56
C THR H 78 18.35 40.76 6.26
N VAL H 79 19.47 40.17 6.69
CA VAL H 79 19.44 38.89 7.36
C VAL H 79 19.93 39.05 8.79
N TYR H 80 19.26 38.41 9.74
CA TYR H 80 19.64 38.50 11.14
C TYR H 80 20.17 37.17 11.65
N MET H 81 21.09 37.23 12.60
CA MET H 81 21.65 36.04 13.20
C MET H 81 21.59 36.33 14.69
N GLN H 82 20.96 35.44 15.45
CA GLN H 82 20.84 35.66 16.87
C GLN H 82 21.51 34.58 17.70
N LEU H 83 22.34 35.00 18.65
CA LEU H 83 23.06 34.06 19.53
C LEU H 83 22.46 34.12 20.93
N SER H 84 22.26 32.95 21.53
CA SER H 84 21.66 32.90 22.87
C SER H 84 22.56 32.20 23.89
N SER H 85 22.25 32.41 25.17
CA SER H 85 23.02 31.81 26.28
C SER H 85 24.49 31.97 25.99
N LEU H 86 24.95 33.21 25.90
CA LEU H 86 26.34 33.50 25.60
C LEU H 86 27.34 33.09 26.67
N THR H 87 28.57 32.83 26.22
CA THR H 87 29.66 32.44 27.10
C THR H 87 30.95 33.01 26.52
N SER H 88 32.03 32.96 27.27
CA SER H 88 33.29 33.49 26.78
C SER H 88 33.66 32.80 25.48
N GLU H 89 33.17 31.57 25.31
CA GLU H 89 33.45 30.82 24.10
C GLU H 89 32.75 31.41 22.86
N ASP H 90 31.79 32.29 23.08
CA ASP H 90 31.07 32.89 21.97
C ASP H 90 31.71 34.19 21.48
N SER H 91 32.71 34.66 22.19
CA SER H 91 33.41 35.87 21.80
C SER H 91 34.20 35.62 20.53
N ALA H 92 33.77 36.25 19.44
CA ALA H 92 34.43 36.10 18.15
C ALA H 92 33.77 37.06 17.16
N VAL H 93 34.32 37.11 15.95
CA VAL H 93 33.73 37.95 14.91
C VAL H 93 32.91 37.05 14.01
N TYR H 94 31.71 37.50 13.67
CA TYR H 94 30.78 36.75 12.84
C TYR H 94 30.59 37.38 11.45
N TYR H 95 30.72 36.57 10.40
CA TYR H 95 30.56 37.06 9.04
C TYR H 95 29.32 36.51 8.34
N CYS H 96 28.71 37.30 7.50
CA CYS H 96 27.62 36.81 6.66
C CYS H 96 28.21 36.76 5.28
N ALA H 97 27.80 35.82 4.44
CA ALA H 97 28.34 35.74 3.10
C ALA H 97 27.25 35.33 2.13
N ARG H 98 27.28 35.92 0.95
CA ARG H 98 26.30 35.61 -0.09
C ARG H 98 26.95 34.57 -0.96
N THR H 99 26.19 33.54 -1.32
CA THR H 99 26.75 32.47 -2.13
C THR H 99 26.91 32.85 -3.59
N THR H 100 27.52 31.94 -4.32
CA THR H 100 27.73 32.07 -5.75
C THR H 100 26.38 31.69 -6.33
N VAL H 101 26.26 31.61 -7.65
CA VAL H 101 24.97 31.28 -8.24
C VAL H 101 24.44 29.90 -7.89
N ASP H 102 25.34 28.92 -7.91
CA ASP H 102 24.98 27.54 -7.62
C ASP H 102 24.66 27.33 -6.14
N GLY H 103 25.07 28.29 -5.31
CA GLY H 103 24.79 28.17 -3.89
C GLY H 103 25.72 27.32 -3.06
N TYR H 104 26.91 27.02 -3.58
CA TYR H 104 27.84 26.18 -2.85
C TYR H 104 29.01 26.95 -2.26
N ASP H 105 29.41 28.05 -2.89
CA ASP H 105 30.53 28.81 -2.35
C ASP H 105 30.19 30.26 -2.02
N PHE H 106 30.99 30.84 -1.13
CA PHE H 106 30.78 32.20 -0.66
C PHE H 106 31.49 33.26 -1.49
N ALA H 107 30.73 33.96 -2.32
CA ALA H 107 31.27 34.98 -3.21
C ALA H 107 31.55 36.34 -2.57
N TYR H 108 30.65 36.76 -1.69
CA TYR H 108 30.75 38.05 -1.05
C TYR H 108 30.64 37.93 0.45
N TRP H 109 31.43 38.73 1.16
CA TRP H 109 31.42 38.73 2.62
C TRP H 109 31.17 40.11 3.24
N GLY H 110 30.68 40.08 4.47
CA GLY H 110 30.44 41.31 5.20
C GLY H 110 31.76 41.69 5.86
N GLN H 111 31.78 42.80 6.59
CA GLN H 111 33.03 43.20 7.22
C GLN H 111 33.18 42.44 8.52
N GLY H 112 32.09 41.85 8.97
CA GLY H 112 32.13 41.09 10.19
C GLY H 112 31.59 41.89 11.35
N THR H 113 31.15 41.19 12.39
CA THR H 113 30.61 41.82 13.59
C THR H 113 31.28 41.15 14.79
N LEU H 114 32.07 41.91 15.53
CA LEU H 114 32.77 41.38 16.69
C LEU H 114 31.83 41.33 17.89
N VAL H 115 31.82 40.22 18.62
CA VAL H 115 30.97 40.13 19.80
C VAL H 115 31.84 39.78 21.00
N THR H 116 31.69 40.51 22.09
CA THR H 116 32.49 40.25 23.27
C THR H 116 31.55 39.86 24.39
N VAL H 117 31.79 38.71 25.01
CA VAL H 117 30.94 38.26 26.11
C VAL H 117 31.71 38.43 27.43
N SER H 118 31.36 39.46 28.18
CA SER H 118 32.03 39.72 29.43
C SER H 118 31.16 40.45 30.44
N ALA H 119 31.42 40.15 31.72
CA ALA H 119 30.69 40.78 32.80
C ALA H 119 31.26 42.18 33.05
N ALA H 120 32.44 42.42 32.48
CA ALA H 120 33.14 43.71 32.60
C ALA H 120 32.27 44.83 32.05
N LYS H 121 32.57 46.06 32.48
CA LYS H 121 31.80 47.22 32.04
C LYS H 121 32.54 48.13 31.07
N THR H 122 31.79 48.66 30.10
CA THR H 122 32.34 49.54 29.09
C THR H 122 33.09 50.64 29.80
N THR H 123 34.09 51.20 29.13
CA THR H 123 34.88 52.28 29.70
C THR H 123 35.61 53.00 28.57
N ALA H 124 35.43 54.32 28.49
CA ALA H 124 36.05 55.11 27.44
C ALA H 124 37.55 55.15 27.59
N PRO H 125 38.25 55.19 26.45
CA PRO H 125 39.71 55.23 26.45
C PRO H 125 40.17 56.66 26.64
N SER H 126 41.48 56.83 26.79
CA SER H 126 42.06 58.15 26.96
C SER H 126 43.09 58.23 25.85
N VAL H 127 43.03 59.29 25.05
CA VAL H 127 43.96 59.40 23.96
C VAL H 127 45.03 60.46 24.24
N TYR H 128 46.26 60.02 24.37
CA TYR H 128 47.37 60.92 24.64
C TYR H 128 48.27 61.01 23.42
N PRO H 129 48.78 62.21 23.11
CA PRO H 129 49.66 62.41 21.95
C PRO H 129 51.10 62.08 22.29
N LEU H 130 51.85 61.57 21.32
CA LEU H 130 53.24 61.23 21.56
C LEU H 130 54.14 62.04 20.64
N ALA H 131 54.81 63.05 21.20
CA ALA H 131 55.73 63.93 20.44
C ALA H 131 57.19 63.62 20.82
N PRO H 132 58.13 63.83 19.87
CA PRO H 132 59.58 63.58 20.04
C PRO H 132 60.25 64.21 21.27
N GLY H 133 61.34 63.58 21.73
CA GLY H 133 62.07 64.06 22.89
C GLY H 133 62.12 65.57 23.00
N SER H 134 63.18 66.18 22.48
CA SER H 134 63.35 67.64 22.51
C SER H 134 64.46 68.08 21.57
N ALA H 135 65.56 67.33 21.53
CA ALA H 135 66.69 67.65 20.65
C ALA H 135 66.27 67.32 19.21
N ALA H 136 65.40 68.17 18.66
CA ALA H 136 64.87 68.03 17.29
C ALA H 136 66.00 67.93 16.25
N GLN H 137 67.19 68.37 16.68
CA GLN H 137 68.39 68.35 15.84
C GLN H 137 68.88 66.91 15.69
N THR H 138 68.09 66.08 14.99
CA THR H 138 68.48 64.70 14.81
C THR H 138 67.93 64.08 13.53
N ASN H 139 68.71 64.21 12.45
CA ASN H 139 68.39 63.64 11.15
C ASN H 139 67.11 64.09 10.43
N SER H 140 66.86 63.45 9.28
CA SER H 140 65.70 63.71 8.43
C SER H 140 64.52 62.89 8.92
N MET H 141 63.33 63.16 8.40
CA MET H 141 62.14 62.40 8.80
C MET H 141 61.79 62.64 10.28
N VAL H 142 60.85 61.86 10.80
CA VAL H 142 60.43 61.91 12.20
C VAL H 142 59.22 61.03 12.44
N THR H 143 59.19 60.35 13.59
CA THR H 143 58.06 59.49 13.91
C THR H 143 57.25 60.07 15.08
N LEU H 144 55.94 59.97 14.96
CA LEU H 144 55.02 60.45 16.00
C LEU H 144 54.19 59.30 16.51
N GLY H 145 53.34 59.59 17.49
CA GLY H 145 52.53 58.53 18.05
C GLY H 145 51.20 58.97 18.60
N CYS H 146 50.48 58.03 19.18
CA CYS H 146 49.18 58.30 19.74
C CYS H 146 48.89 57.10 20.62
N LEU H 147 48.72 57.33 21.91
CA LEU H 147 48.47 56.25 22.84
C LEU H 147 47.01 56.25 23.28
N VAL H 148 46.33 55.11 23.11
CA VAL H 148 44.93 54.99 23.50
C VAL H 148 44.93 54.00 24.65
N LYS H 149 44.92 54.51 25.87
CA LYS H 149 44.94 53.65 27.04
C LYS H 149 43.64 53.55 27.85
N GLY H 150 43.18 52.33 28.04
CA GLY H 150 42.34 51.92 29.15
C GLY H 150 40.88 51.99 28.73
N TYR H 151 40.48 51.09 27.81
CA TYR H 151 39.10 51.04 27.34
C TYR H 151 38.55 49.63 27.40
N PHE H 152 37.36 49.43 26.83
CA PHE H 152 36.65 48.14 26.81
C PHE H 152 35.24 48.33 26.26
N PRO H 153 34.76 47.48 25.33
CA PRO H 153 35.36 46.31 24.70
C PRO H 153 36.38 46.70 23.64
N GLU H 154 36.94 45.69 23.01
CA GLU H 154 38.01 45.78 22.01
C GLU H 154 37.80 46.57 20.70
N PRO H 155 36.60 46.96 20.29
CA PRO H 155 36.58 47.65 18.98
C PRO H 155 36.84 49.15 18.96
N VAL H 156 37.98 49.52 18.39
CA VAL H 156 38.41 50.92 18.37
C VAL H 156 38.99 51.27 17.01
N THR H 157 38.84 52.46 16.45
CA THR H 157 39.47 52.69 15.15
C THR H 157 40.44 53.91 15.22
N VAL H 158 41.60 53.81 14.57
CA VAL H 158 42.58 54.91 14.62
C VAL H 158 43.05 55.25 13.21
N THR H 159 42.86 56.50 12.82
CA THR H 159 43.29 56.95 11.51
C THR H 159 44.10 58.24 11.71
N TRP H 160 44.85 58.66 10.69
CA TRP H 160 45.62 59.89 10.79
C TRP H 160 45.10 60.87 9.75
N ASN H 161 44.64 62.02 10.23
CA ASN H 161 44.09 63.06 9.38
C ASN H 161 42.95 62.43 8.61
N SER H 162 42.02 61.86 9.36
CA SER H 162 40.83 61.20 8.82
C SER H 162 41.11 60.34 7.58
N GLY H 163 42.23 59.65 7.57
CA GLY H 163 42.53 58.79 6.45
C GLY H 163 43.50 59.31 5.41
N SER H 164 43.58 60.63 5.24
CA SER H 164 44.49 61.20 4.24
C SER H 164 45.92 60.68 4.45
N LEU H 165 46.34 60.58 5.71
CA LEU H 165 47.67 60.06 6.00
C LEU H 165 47.55 58.57 6.29
N SER H 166 48.04 57.76 5.35
CA SER H 166 47.98 56.30 5.52
C SER H 166 49.36 55.68 5.35
N SER H 167 50.28 56.42 4.74
CA SER H 167 51.64 55.91 4.53
C SER H 167 52.46 55.93 5.83
N GLY H 168 53.38 54.98 5.97
CA GLY H 168 54.23 54.90 7.14
C GLY H 168 53.49 54.86 8.47
N VAL H 169 52.37 54.13 8.51
CA VAL H 169 51.56 54.03 9.73
C VAL H 169 51.52 52.61 10.27
N HIS H 170 51.64 52.48 11.59
CA HIS H 170 51.60 51.18 12.26
C HIS H 170 50.70 51.25 13.47
N THR H 171 49.56 50.58 13.40
CA THR H 171 48.67 50.56 14.54
C THR H 171 48.94 49.25 15.22
N PHE H 172 49.37 49.30 16.47
CA PHE H 172 49.66 48.10 17.22
C PHE H 172 48.43 47.50 17.87
N PRO H 173 48.34 46.16 17.82
CA PRO H 173 47.22 45.40 18.39
C PRO H 173 47.01 45.69 19.85
N ALA H 174 45.75 45.87 20.23
CA ALA H 174 45.43 46.15 21.61
C ALA H 174 45.93 45.01 22.49
N VAL H 175 46.35 45.34 23.70
CA VAL H 175 46.81 44.34 24.66
C VAL H 175 45.94 44.43 25.90
N LEU H 176 45.28 43.33 26.26
CA LEU H 176 44.43 43.32 27.44
C LEU H 176 45.27 43.31 28.71
N GLN H 177 44.74 43.92 29.76
CA GLN H 177 45.45 44.03 31.04
C GLN H 177 44.47 44.55 32.10
N SER H 178 44.11 43.69 33.04
CA SER H 178 43.16 44.04 34.09
C SER H 178 41.82 44.53 33.54
N ASP H 179 41.32 43.86 32.51
CA ASP H 179 40.05 44.22 31.88
C ASP H 179 40.05 45.58 31.19
N LEU H 180 41.23 46.01 30.74
CA LEU H 180 41.34 47.29 30.04
C LEU H 180 42.34 47.18 28.89
N TYR H 181 41.89 47.49 27.68
CA TYR H 181 42.77 47.43 26.52
C TYR H 181 43.61 48.67 26.39
N THR H 182 44.78 48.51 25.80
CA THR H 182 45.69 49.62 25.55
C THR H 182 46.23 49.39 24.16
N LEU H 183 46.13 50.43 23.33
CA LEU H 183 46.58 50.35 21.96
C LEU H 183 47.38 51.60 21.60
N SER H 184 48.29 51.47 20.65
CA SER H 184 49.08 52.61 20.23
C SER H 184 49.29 52.56 18.73
N SER H 185 49.65 53.69 18.15
CA SER H 185 49.88 53.80 16.72
C SER H 185 51.07 54.72 16.47
N SER H 186 51.85 54.42 15.43
CA SER H 186 53.01 55.25 15.11
C SER H 186 53.00 55.66 13.64
N VAL H 187 53.42 56.89 13.37
CA VAL H 187 53.47 57.41 12.00
C VAL H 187 54.78 58.15 11.73
N THR H 188 55.36 57.92 10.56
CA THR H 188 56.62 58.56 10.17
C THR H 188 56.41 59.48 8.99
N VAL H 189 57.15 60.60 8.99
CA VAL H 189 57.06 61.58 7.92
C VAL H 189 58.41 62.31 7.77
N PRO H 190 58.56 63.14 6.71
CA PRO H 190 59.80 63.89 6.46
C PRO H 190 59.96 65.07 7.42
N SER H 191 61.20 65.31 7.85
CA SER H 191 61.49 66.41 8.77
C SER H 191 60.70 67.67 8.39
N SER H 192 60.80 68.04 7.11
CA SER H 192 60.12 69.23 6.60
C SER H 192 58.59 69.26 6.78
N THR H 193 57.94 68.10 6.67
CA THR H 193 56.48 68.04 6.80
C THR H 193 55.94 68.24 8.21
N TRP H 194 56.81 68.31 9.20
CA TRP H 194 56.37 68.52 10.57
C TRP H 194 57.46 69.21 11.38
N PRO H 195 57.06 70.09 12.30
CA PRO H 195 55.69 70.46 12.65
C PRO H 195 54.95 71.32 11.63
N SER H 196 55.58 71.57 10.49
CA SER H 196 54.97 72.40 9.44
C SER H 196 53.54 71.99 9.11
N GLU H 197 53.34 70.70 8.86
CA GLU H 197 52.02 70.16 8.53
C GLU H 197 51.34 69.72 9.81
N THR H 198 50.02 69.82 9.84
CA THR H 198 49.24 69.44 11.02
C THR H 198 48.81 67.97 11.02
N VAL H 199 49.50 67.19 11.84
CA VAL H 199 49.24 65.76 11.96
C VAL H 199 48.31 65.48 13.14
N THR H 200 47.06 65.18 12.86
CA THR H 200 46.10 64.88 13.92
C THR H 200 45.68 63.39 13.96
N CYS H 201 45.53 62.86 15.17
CA CYS H 201 45.16 61.45 15.40
C CYS H 201 43.68 61.26 15.72
N ASN H 202 42.90 60.72 14.78
CA ASN H 202 41.47 60.52 15.02
C ASN H 202 41.18 59.15 15.60
N VAL H 203 40.60 59.13 16.79
CA VAL H 203 40.30 57.89 17.47
C VAL H 203 38.82 57.74 17.77
N ALA H 204 38.29 56.54 17.55
CA ALA H 204 36.89 56.28 17.80
C ALA H 204 36.71 54.98 18.58
N HIS H 205 35.74 54.97 19.47
CA HIS H 205 35.44 53.81 20.28
C HIS H 205 33.93 53.78 20.49
N PRO H 206 33.19 53.35 19.46
CA PRO H 206 31.73 53.28 19.52
C PRO H 206 31.15 52.64 20.77
N ALA H 207 31.85 51.65 21.33
CA ALA H 207 31.34 50.97 22.52
C ALA H 207 30.94 51.94 23.63
N SER H 208 31.48 53.15 23.61
CA SER H 208 31.16 54.14 24.64
C SER H 208 30.98 55.52 24.02
N SER H 209 30.47 55.54 22.81
CA SER H 209 30.24 56.79 22.09
C SER H 209 31.42 57.74 22.24
N THR H 210 32.61 57.20 22.39
CA THR H 210 33.81 58.04 22.52
C THR H 210 34.34 58.28 21.11
N LYS H 211 34.61 59.53 20.79
CA LYS H 211 35.13 59.90 19.49
C LYS H 211 35.98 61.13 19.75
N VAL H 212 37.27 61.04 19.46
CA VAL H 212 38.15 62.17 19.70
C VAL H 212 39.26 62.28 18.66
N ASP H 213 39.72 63.50 18.45
CA ASP H 213 40.80 63.75 17.51
C ASP H 213 41.86 64.45 18.35
N LYS H 214 43.13 64.14 18.11
CA LYS H 214 44.18 64.75 18.91
C LYS H 214 45.31 65.25 18.04
N LYS H 215 45.46 66.58 17.97
CA LYS H 215 46.52 67.18 17.17
C LYS H 215 47.84 66.90 17.89
N ILE H 216 48.91 66.70 17.13
CA ILE H 216 50.20 66.41 17.73
C ILE H 216 51.07 67.66 17.72
N VAL H 217 51.10 68.36 18.85
CA VAL H 217 51.90 69.57 18.98
C VAL H 217 53.25 69.19 19.61
N PRO H 218 54.35 69.83 19.15
CA PRO H 218 55.71 69.59 19.65
C PRO H 218 55.94 69.88 21.13
N ARG H 219 57.11 69.46 21.61
CA ARG H 219 57.50 69.66 23.00
C ARG H 219 58.17 71.01 23.24
N ALA I 3 -24.21 1.36 1.01
CA ALA I 3 -24.38 1.95 2.38
C ALA I 3 -23.76 1.05 3.46
N ALA I 4 -24.42 0.98 4.62
CA ALA I 4 -23.95 0.16 5.73
C ALA I 4 -24.57 -1.24 5.73
N SER I 5 -25.24 -1.60 4.64
CA SER I 5 -25.83 -2.93 4.52
C SER I 5 -24.71 -3.85 4.04
N ILE I 6 -23.67 -3.27 3.46
CA ILE I 6 -22.53 -4.06 2.99
C ILE I 6 -21.98 -4.79 4.21
N GLN I 7 -22.04 -4.13 5.36
CA GLN I 7 -21.57 -4.74 6.60
C GLN I 7 -22.63 -5.75 7.03
N THR I 8 -23.89 -5.38 6.86
CA THR I 8 -25.00 -6.26 7.22
C THR I 8 -24.74 -7.60 6.53
N THR I 9 -24.38 -7.52 5.26
CA THR I 9 -24.11 -8.69 4.45
C THR I 9 -22.90 -9.50 4.90
N VAL I 10 -21.74 -8.85 5.01
CA VAL I 10 -20.56 -9.58 5.44
C VAL I 10 -20.80 -10.28 6.77
N ASN I 11 -21.64 -9.70 7.62
CA ASN I 11 -21.92 -10.33 8.90
C ASN I 11 -22.84 -11.52 8.73
N THR I 12 -23.78 -11.40 7.79
CA THR I 12 -24.70 -12.49 7.51
C THR I 12 -23.85 -13.66 7.02
N LEU I 13 -22.94 -13.34 6.12
CA LEU I 13 -22.05 -14.33 5.53
C LEU I 13 -21.21 -14.98 6.63
N SER I 14 -20.51 -14.16 7.39
CA SER I 14 -19.66 -14.67 8.45
C SER I 14 -20.39 -15.63 9.37
N GLU I 15 -21.65 -15.36 9.68
CA GLU I 15 -22.37 -16.25 10.57
C GLU I 15 -22.81 -17.50 9.81
N ARG I 16 -23.31 -17.32 8.59
CA ARG I 16 -23.76 -18.44 7.78
C ARG I 16 -22.62 -19.40 7.50
N ILE I 17 -21.42 -18.86 7.33
CA ILE I 17 -20.25 -19.70 7.09
C ILE I 17 -19.95 -20.45 8.38
N SER I 18 -19.64 -19.69 9.42
CA SER I 18 -19.32 -20.26 10.71
C SER I 18 -20.33 -21.34 11.08
N SER I 19 -21.58 -21.09 10.73
CA SER I 19 -22.68 -22.00 11.02
C SER I 19 -22.66 -23.29 10.21
N LYS I 20 -22.59 -23.19 8.89
CA LYS I 20 -22.56 -24.39 8.04
C LYS I 20 -21.33 -25.27 8.28
N LEU I 21 -20.19 -24.66 8.61
CA LEU I 21 -19.00 -25.45 8.86
C LEU I 21 -19.27 -26.34 10.05
N GLU I 22 -19.95 -25.77 11.03
CA GLU I 22 -20.29 -26.47 12.25
C GLU I 22 -21.24 -27.62 11.95
N GLN I 23 -22.21 -27.36 11.09
CA GLN I 23 -23.19 -28.38 10.69
C GLN I 23 -22.62 -29.34 9.65
N GLU I 24 -22.44 -28.85 8.43
CA GLU I 24 -21.93 -29.64 7.32
C GLU I 24 -20.50 -30.17 7.41
N ALA I 25 -19.81 -29.97 8.52
CA ALA I 25 -18.44 -30.49 8.59
C ALA I 25 -17.91 -30.73 9.99
N ASN I 26 -18.78 -30.63 10.99
CA ASN I 26 -18.37 -30.86 12.37
C ASN I 26 -17.24 -29.99 12.80
N ALA I 27 -17.29 -28.73 12.40
CA ALA I 27 -16.27 -27.77 12.78
C ALA I 27 -16.67 -27.19 14.14
N SER I 28 -15.69 -26.71 14.88
CA SER I 28 -15.97 -26.12 16.17
C SER I 28 -14.89 -25.14 16.57
N ALA I 29 -15.22 -24.31 17.55
CA ALA I 29 -14.29 -23.33 18.05
C ALA I 29 -13.16 -24.00 18.84
N GLN I 30 -13.31 -25.28 19.15
CA GLN I 30 -12.29 -25.97 19.94
C GLN I 30 -11.74 -27.23 19.30
N THR I 31 -11.77 -27.27 17.98
CA THR I 31 -11.26 -28.41 17.22
C THR I 31 -9.84 -28.11 16.70
N LYS I 32 -8.96 -29.08 16.77
CA LYS I 32 -7.58 -28.90 16.29
C LYS I 32 -7.54 -28.19 14.93
N CYS I 33 -6.49 -27.41 14.70
CA CYS I 33 -6.33 -26.74 13.43
C CYS I 33 -5.03 -27.16 12.81
N ASP I 34 -5.10 -27.71 11.61
CA ASP I 34 -3.87 -28.11 10.92
C ASP I 34 -3.20 -26.77 10.58
N ILE I 35 -3.86 -26.00 9.71
CA ILE I 35 -3.36 -24.69 9.32
C ILE I 35 -3.88 -23.60 10.26
N GLU I 36 -2.97 -22.68 10.60
CA GLU I 36 -3.27 -21.53 11.46
C GLU I 36 -2.96 -20.28 10.67
N ILE I 37 -3.68 -19.20 10.94
CA ILE I 37 -3.43 -17.97 10.22
C ILE I 37 -2.29 -17.21 10.90
N GLY I 38 -1.38 -16.68 10.10
CA GLY I 38 -0.27 -15.93 10.65
C GLY I 38 -0.60 -14.45 10.57
N ASN I 39 -0.03 -13.76 9.61
CA ASN I 39 -0.30 -12.35 9.45
C ASN I 39 -1.49 -12.20 8.52
N PHE I 40 -2.49 -11.45 8.97
CA PHE I 40 -3.67 -11.21 8.15
C PHE I 40 -3.79 -9.69 8.03
N TYR I 41 -3.53 -9.17 6.84
CA TYR I 41 -3.64 -7.74 6.65
C TYR I 41 -3.99 -7.33 5.24
N ILE I 42 -4.25 -6.04 5.05
CA ILE I 42 -4.61 -5.53 3.75
C ILE I 42 -3.57 -4.55 3.27
N ARG I 43 -3.26 -4.60 1.98
CA ARG I 43 -2.26 -3.71 1.39
C ARG I 43 -2.71 -2.26 1.49
N GLN I 44 -3.83 -1.94 0.88
CA GLN I 44 -4.35 -0.59 0.92
C GLN I 44 -5.55 -0.57 1.86
N ASN I 45 -5.28 -0.51 3.16
CA ASN I 45 -6.33 -0.52 4.18
C ASN I 45 -6.88 0.86 4.50
N HIS I 46 -7.99 1.21 3.88
CA HIS I 46 -8.61 2.52 4.11
C HIS I 46 -9.81 2.42 5.05
N GLY I 47 -9.62 1.79 6.20
CA GLY I 47 -10.69 1.69 7.17
C GLY I 47 -11.38 0.35 7.36
N CYS I 48 -10.61 -0.73 7.49
CA CYS I 48 -11.17 -2.05 7.71
C CYS I 48 -10.47 -2.70 8.89
N ASN I 49 -11.24 -3.04 9.91
CA ASN I 49 -10.67 -3.69 11.08
C ASN I 49 -10.77 -5.19 10.88
N LEU I 50 -9.64 -5.87 11.01
CA LEU I 50 -9.58 -7.30 10.79
C LEU I 50 -9.43 -8.18 12.03
N THR I 51 -10.07 -9.34 11.99
CA THR I 51 -10.02 -10.35 13.06
C THR I 51 -10.07 -11.74 12.46
N VAL I 52 -9.39 -12.67 13.11
CA VAL I 52 -9.37 -14.05 12.64
C VAL I 52 -10.10 -14.94 13.63
N LYS I 53 -10.94 -15.83 13.12
CA LYS I 53 -11.70 -16.76 13.95
C LYS I 53 -11.45 -18.22 13.56
N ASN I 54 -11.27 -19.08 14.56
CA ASN I 54 -11.04 -20.48 14.25
C ASN I 54 -12.32 -21.34 14.26
N MET I 55 -12.53 -22.07 13.16
CA MET I 55 -13.67 -22.95 13.03
C MET I 55 -13.15 -24.19 12.30
N CYS I 56 -12.10 -24.77 12.86
CA CYS I 56 -11.46 -25.92 12.23
C CYS I 56 -12.13 -27.27 12.37
N SER I 57 -11.87 -28.09 11.36
CA SER I 57 -12.38 -29.44 11.23
C SER I 57 -11.37 -30.15 10.33
N ALA I 58 -11.43 -31.47 10.24
CA ALA I 58 -10.49 -32.21 9.40
C ALA I 58 -10.87 -32.39 7.93
N ASP I 59 -12.17 -32.43 7.63
CA ASP I 59 -12.64 -32.65 6.25
C ASP I 59 -12.64 -31.43 5.31
N ALA I 60 -11.52 -31.20 4.63
CA ALA I 60 -11.40 -30.08 3.71
C ALA I 60 -12.53 -29.97 2.68
N ASP I 61 -13.02 -31.07 2.16
CA ASP I 61 -14.08 -30.98 1.15
C ASP I 61 -15.43 -30.64 1.72
N ALA I 62 -15.70 -31.10 2.95
CA ALA I 62 -16.95 -30.80 3.61
C ALA I 62 -16.93 -29.29 3.84
N GLN I 63 -15.75 -28.78 4.18
CA GLN I 63 -15.54 -27.36 4.43
C GLN I 63 -15.84 -26.55 3.16
N LEU I 64 -15.08 -26.85 2.12
CA LEU I 64 -15.23 -26.14 0.88
C LEU I 64 -16.68 -26.11 0.43
N ASP I 65 -17.41 -27.17 0.71
CA ASP I 65 -18.80 -27.18 0.29
C ASP I 65 -19.62 -26.25 1.16
N ALA I 66 -19.34 -26.25 2.45
CA ALA I 66 -20.08 -25.39 3.35
C ALA I 66 -19.89 -23.92 2.97
N VAL I 67 -18.64 -23.54 2.75
CA VAL I 67 -18.34 -22.15 2.38
C VAL I 67 -19.09 -21.74 1.12
N LEU I 68 -18.92 -22.47 0.02
CA LEU I 68 -19.65 -22.13 -1.22
C LEU I 68 -21.13 -22.00 -0.93
N SER I 69 -21.65 -22.95 -0.16
CA SER I 69 -23.05 -22.97 0.21
C SER I 69 -23.47 -21.64 0.83
N ALA I 70 -22.83 -21.29 1.94
CA ALA I 70 -23.11 -20.05 2.64
C ALA I 70 -23.08 -18.86 1.69
N ALA I 71 -21.99 -18.77 0.93
CA ALA I 71 -21.82 -17.69 -0.03
C ALA I 71 -23.00 -17.61 -1.00
N THR I 72 -23.49 -18.77 -1.42
CA THR I 72 -24.62 -18.83 -2.34
C THR I 72 -25.88 -18.39 -1.64
N GLU I 73 -26.09 -18.87 -0.42
CA GLU I 73 -27.27 -18.50 0.31
C GLU I 73 -27.28 -16.99 0.46
N THR I 74 -26.19 -16.45 1.00
CA THR I 74 -26.04 -15.02 1.21
C THR I 74 -26.33 -14.18 -0.05
N TYR I 75 -25.68 -14.52 -1.15
CA TYR I 75 -25.88 -13.82 -2.41
C TYR I 75 -27.33 -13.87 -2.86
N SER I 76 -27.96 -15.01 -2.59
CA SER I 76 -29.35 -15.19 -2.97
C SER I 76 -30.28 -14.31 -2.13
N GLY I 77 -29.76 -13.81 -1.01
CA GLY I 77 -30.55 -12.95 -0.15
C GLY I 77 -30.58 -11.51 -0.63
N LEU I 78 -29.64 -11.14 -1.49
CA LEU I 78 -29.58 -9.77 -2.01
C LEU I 78 -30.78 -9.52 -2.91
N THR I 79 -31.14 -8.24 -3.09
CA THR I 79 -32.26 -7.87 -3.96
C THR I 79 -31.72 -7.74 -5.39
N PRO I 80 -32.60 -7.94 -6.38
CA PRO I 80 -32.22 -7.85 -7.80
C PRO I 80 -31.39 -6.60 -8.05
N GLU I 81 -31.78 -5.54 -7.34
CA GLU I 81 -31.12 -4.26 -7.44
C GLU I 81 -29.66 -4.38 -6.96
N GLN I 82 -29.47 -5.03 -5.82
CA GLN I 82 -28.14 -5.23 -5.25
C GLN I 82 -27.30 -6.17 -6.09
N LYS I 83 -27.85 -7.34 -6.39
CA LYS I 83 -27.13 -8.33 -7.17
C LYS I 83 -26.38 -7.73 -8.35
N ALA I 84 -27.03 -6.84 -9.08
CA ALA I 84 -26.43 -6.22 -10.26
C ALA I 84 -24.99 -5.69 -10.10
N TYR I 85 -24.62 -5.32 -8.88
CA TYR I 85 -23.27 -4.81 -8.65
C TYR I 85 -22.22 -5.89 -8.54
N VAL I 86 -22.66 -7.12 -8.26
CA VAL I 86 -21.73 -8.24 -8.09
C VAL I 86 -20.85 -8.58 -9.28
N PRO I 87 -21.42 -8.71 -10.47
CA PRO I 87 -20.62 -9.04 -11.67
C PRO I 87 -19.37 -8.18 -11.79
N ALA I 88 -19.52 -6.91 -11.43
CA ALA I 88 -18.41 -5.96 -11.51
C ALA I 88 -17.31 -6.33 -10.49
N MET I 89 -17.73 -6.61 -9.26
CA MET I 89 -16.82 -6.98 -8.20
C MET I 89 -16.01 -8.18 -8.67
N PHE I 90 -16.72 -9.17 -9.16
CA PHE I 90 -16.13 -10.40 -9.65
C PHE I 90 -14.96 -10.12 -10.56
N THR I 91 -15.25 -9.47 -11.68
CA THR I 91 -14.26 -9.13 -12.69
C THR I 91 -13.12 -8.31 -12.11
N ALA I 92 -13.46 -7.50 -11.13
CA ALA I 92 -12.49 -6.63 -10.48
C ALA I 92 -11.50 -7.39 -9.60
N ALA I 93 -11.99 -8.38 -8.89
CA ALA I 93 -11.14 -9.14 -7.99
C ALA I 93 -10.66 -10.47 -8.54
N LEU I 94 -11.18 -10.89 -9.69
CA LEU I 94 -10.80 -12.18 -10.27
C LEU I 94 -10.56 -12.27 -11.78
N ASN I 95 -11.18 -11.39 -12.56
CA ASN I 95 -11.08 -11.38 -14.03
C ASN I 95 -11.98 -12.50 -14.50
N ILE I 96 -13.28 -12.24 -14.55
CA ILE I 96 -14.22 -13.26 -14.97
C ILE I 96 -15.57 -12.62 -15.28
N GLN I 97 -16.02 -12.72 -16.53
CA GLN I 97 -17.33 -12.15 -16.87
C GLN I 97 -18.40 -12.94 -16.15
N THR I 98 -19.62 -12.42 -16.10
CA THR I 98 -20.69 -13.14 -15.42
C THR I 98 -22.02 -12.39 -15.37
N SER I 99 -23.11 -13.10 -15.68
CA SER I 99 -24.44 -12.52 -15.64
C SER I 99 -24.89 -12.58 -14.19
N VAL I 100 -25.99 -11.92 -13.88
CA VAL I 100 -26.51 -11.91 -12.52
C VAL I 100 -26.97 -13.30 -12.09
N ASN I 101 -26.94 -14.25 -13.02
CA ASN I 101 -27.36 -15.62 -12.73
C ASN I 101 -26.13 -16.53 -12.68
N THR I 102 -25.35 -16.51 -13.76
CA THR I 102 -24.14 -17.34 -13.88
C THR I 102 -23.12 -17.09 -12.78
N VAL I 103 -23.34 -16.07 -11.97
CA VAL I 103 -22.41 -15.74 -10.90
C VAL I 103 -22.17 -16.94 -10.01
N VAL I 104 -23.21 -17.38 -9.31
CA VAL I 104 -23.10 -18.51 -8.40
C VAL I 104 -22.27 -19.64 -8.99
N ARG I 105 -22.58 -19.99 -10.23
CA ARG I 105 -21.89 -21.07 -10.92
C ARG I 105 -20.43 -20.70 -11.20
N ASP I 106 -20.23 -19.59 -11.91
CA ASP I 106 -18.87 -19.13 -12.23
C ASP I 106 -17.98 -19.15 -11.00
N PHE I 107 -18.53 -18.70 -9.86
CA PHE I 107 -17.77 -18.68 -8.62
C PHE I 107 -17.33 -20.09 -8.27
N GLU I 108 -18.30 -20.98 -8.12
CA GLU I 108 -18.03 -22.37 -7.81
C GLU I 108 -16.91 -22.95 -8.67
N ASN I 109 -16.97 -22.69 -9.97
CA ASN I 109 -15.95 -23.21 -10.87
C ASN I 109 -14.60 -22.66 -10.48
N TYR I 110 -14.53 -21.34 -10.36
CA TYR I 110 -13.29 -20.69 -9.97
C TYR I 110 -12.74 -21.34 -8.68
N VAL I 111 -13.60 -21.43 -7.67
CA VAL I 111 -13.21 -22.01 -6.39
C VAL I 111 -12.63 -23.39 -6.59
N LYS I 112 -13.48 -24.31 -7.04
CA LYS I 112 -13.10 -25.70 -7.28
C LYS I 112 -11.74 -25.81 -7.96
N GLN I 113 -11.56 -25.12 -9.09
CA GLN I 113 -10.27 -25.17 -9.77
C GLN I 113 -9.16 -24.72 -8.84
N THR I 114 -9.18 -23.42 -8.52
CA THR I 114 -8.17 -22.81 -7.67
C THR I 114 -7.86 -23.58 -6.40
N CYS I 115 -8.88 -23.86 -5.62
CA CYS I 115 -8.69 -24.51 -4.36
C CYS I 115 -8.19 -25.94 -4.39
N ASN I 116 -8.18 -26.54 -5.57
CA ASN I 116 -7.67 -27.91 -5.68
C ASN I 116 -6.33 -27.92 -6.37
N SER I 117 -5.87 -26.74 -6.78
CA SER I 117 -4.58 -26.61 -7.44
C SER I 117 -3.54 -27.27 -6.58
N SER I 118 -2.48 -27.76 -7.21
CA SER I 118 -1.39 -28.41 -6.47
C SER I 118 -0.79 -27.35 -5.54
N ALA I 119 -0.68 -26.13 -6.07
CA ALA I 119 -0.14 -25.01 -5.32
C ALA I 119 -0.82 -24.96 -3.95
N VAL I 120 -2.16 -25.07 -3.95
CA VAL I 120 -2.98 -25.02 -2.75
C VAL I 120 -2.95 -26.27 -1.89
N VAL I 121 -3.48 -27.36 -2.44
CA VAL I 121 -3.55 -28.64 -1.73
C VAL I 121 -2.22 -29.22 -1.24
N ASP I 122 -1.14 -28.88 -1.94
CA ASP I 122 0.18 -29.39 -1.56
C ASP I 122 0.89 -28.54 -0.50
N ASN I 123 0.25 -27.47 -0.09
CA ASN I 123 0.84 -26.59 0.90
C ASN I 123 0.84 -27.29 2.26
N LYS I 124 2.03 -27.57 2.79
CA LYS I 124 2.15 -28.25 4.08
C LYS I 124 2.63 -27.25 5.15
N LEU I 125 2.68 -25.97 4.75
CA LEU I 125 3.10 -24.89 5.63
C LEU I 125 2.03 -24.59 6.68
N LYS I 126 2.36 -24.85 7.95
CA LYS I 126 1.40 -24.67 9.04
C LYS I 126 0.85 -23.27 9.24
N ILE I 127 1.71 -22.27 9.39
CA ILE I 127 1.24 -20.90 9.58
C ILE I 127 1.14 -20.21 8.22
N GLN I 128 -0.07 -19.86 7.82
CA GLN I 128 -0.26 -19.20 6.53
C GLN I 128 -0.77 -17.77 6.66
N ASN I 129 -0.24 -16.86 5.85
CA ASN I 129 -0.63 -15.46 5.89
C ASN I 129 -1.74 -15.10 4.91
N VAL I 130 -2.74 -14.37 5.39
CA VAL I 130 -3.81 -13.95 4.50
C VAL I 130 -3.57 -12.50 4.15
N ILE I 131 -3.41 -12.22 2.86
CA ILE I 131 -3.17 -10.86 2.44
C ILE I 131 -4.06 -10.43 1.28
N ILE I 132 -5.06 -9.65 1.63
CA ILE I 132 -5.95 -9.06 0.62
C ILE I 132 -5.20 -7.80 0.20
N ASP I 133 -5.74 -6.97 -0.68
CA ASP I 133 -4.96 -5.80 -1.09
C ASP I 133 -5.67 -4.47 -1.12
N GLU I 134 -6.95 -4.45 -0.80
CA GLU I 134 -7.69 -3.20 -0.85
C GLU I 134 -8.98 -3.36 -0.05
N CYS I 135 -9.33 -2.35 0.73
CA CYS I 135 -10.55 -2.41 1.53
C CYS I 135 -10.88 -1.01 2.04
N TYR I 136 -12.16 -0.65 2.01
CA TYR I 136 -12.57 0.68 2.42
C TYR I 136 -13.66 0.67 3.48
N GLY I 137 -13.67 1.71 4.30
CA GLY I 137 -14.67 1.84 5.34
C GLY I 137 -15.11 3.29 5.43
N ALA I 138 -16.37 3.53 5.79
CA ALA I 138 -16.89 4.89 5.91
C ALA I 138 -16.18 5.63 7.04
N PRO I 139 -16.13 6.97 6.96
CA PRO I 139 -15.46 7.80 7.99
C PRO I 139 -16.06 7.60 9.37
N GLY I 140 -17.38 7.62 9.44
CA GLY I 140 -18.02 7.43 10.71
C GLY I 140 -17.64 6.08 11.30
N SER I 141 -18.15 5.03 10.66
CA SER I 141 -17.90 3.66 11.08
C SER I 141 -16.98 2.88 10.14
N PRO I 142 -15.99 2.17 10.70
CA PRO I 142 -15.06 1.38 9.88
C PRO I 142 -15.69 0.04 9.52
N THR I 143 -15.10 -0.66 8.56
CA THR I 143 -15.63 -1.96 8.15
C THR I 143 -14.95 -3.07 8.93
N ASN I 144 -15.74 -3.99 9.47
CA ASN I 144 -15.19 -5.11 10.24
C ASN I 144 -15.16 -6.40 9.43
N LEU I 145 -13.96 -6.89 9.15
CA LEU I 145 -13.79 -8.13 8.42
C LEU I 145 -13.26 -9.22 9.33
N GLU I 146 -13.78 -10.42 9.15
CA GLU I 146 -13.36 -11.55 9.96
C GLU I 146 -12.98 -12.70 9.05
N PHE I 147 -11.78 -13.22 9.25
CA PHE I 147 -11.33 -14.35 8.45
C PHE I 147 -11.60 -15.58 9.27
N ILE I 148 -12.47 -16.45 8.76
CA ILE I 148 -12.80 -17.70 9.46
C ILE I 148 -11.82 -18.78 9.01
N ASN I 149 -10.96 -19.21 9.92
CA ASN I 149 -9.96 -20.22 9.61
C ASN I 149 -10.60 -21.59 9.63
N THR I 150 -10.71 -22.20 8.45
CA THR I 150 -11.32 -23.52 8.30
C THR I 150 -10.42 -24.61 8.89
N GLY I 151 -9.12 -24.40 8.80
CA GLY I 151 -8.17 -25.36 9.33
C GLY I 151 -7.35 -26.03 8.24
N SER I 152 -7.71 -25.78 7.00
CA SER I 152 -7.02 -26.40 5.87
C SER I 152 -6.64 -25.45 4.76
N SER I 153 -5.54 -25.73 4.08
CA SER I 153 -5.10 -24.91 2.96
C SER I 153 -6.25 -24.79 1.95
N LYS I 154 -6.91 -25.91 1.68
CA LYS I 154 -8.01 -25.90 0.72
C LYS I 154 -9.23 -25.10 1.21
N GLY I 155 -9.52 -25.23 2.51
CA GLY I 155 -10.65 -24.52 3.11
C GLY I 155 -10.46 -23.00 3.09
N ASN I 156 -9.30 -22.54 3.56
CA ASN I 156 -8.98 -21.14 3.60
C ASN I 156 -8.91 -20.52 2.22
N CYS I 157 -8.55 -21.34 1.23
CA CYS I 157 -8.49 -20.86 -0.14
C CYS I 157 -9.87 -20.30 -0.54
N ALA I 158 -10.94 -21.00 -0.16
CA ALA I 158 -12.28 -20.55 -0.49
C ALA I 158 -12.63 -19.31 0.29
N ILE I 159 -12.32 -19.35 1.57
CA ILE I 159 -12.58 -18.23 2.46
C ILE I 159 -11.89 -16.99 1.89
N LYS I 160 -10.65 -17.16 1.47
CA LYS I 160 -9.89 -16.04 0.93
C LYS I 160 -10.51 -15.49 -0.34
N ALA I 161 -10.94 -16.37 -1.22
CA ALA I 161 -11.55 -15.95 -2.48
C ALA I 161 -12.78 -15.15 -2.15
N LEU I 162 -13.53 -15.62 -1.16
CA LEU I 162 -14.75 -14.92 -0.77
C LEU I 162 -14.38 -13.53 -0.28
N MET I 163 -13.35 -13.45 0.56
CA MET I 163 -12.93 -12.18 1.12
C MET I 163 -12.53 -11.20 0.04
N GLN I 164 -11.76 -11.68 -0.93
CA GLN I 164 -11.30 -10.83 -2.01
C GLN I 164 -12.50 -10.17 -2.70
N LEU I 165 -13.61 -10.87 -2.79
CA LEU I 165 -14.80 -10.28 -3.41
C LEU I 165 -15.42 -9.23 -2.49
N THR I 166 -15.59 -9.62 -1.22
CA THR I 166 -16.18 -8.75 -0.23
C THR I 166 -15.48 -7.39 -0.21
N THR I 167 -14.16 -7.39 -0.07
CA THR I 167 -13.43 -6.14 -0.02
C THR I 167 -13.67 -5.29 -1.26
N LYS I 168 -13.92 -5.92 -2.41
CA LYS I 168 -14.16 -5.16 -3.63
C LYS I 168 -15.54 -4.53 -3.66
N ALA I 169 -16.34 -4.81 -2.64
CA ALA I 169 -17.67 -4.26 -2.56
C ALA I 169 -17.69 -3.06 -1.63
N THR I 170 -16.59 -2.88 -0.90
CA THR I 170 -16.46 -1.77 0.03
C THR I 170 -15.97 -0.54 -0.71
N THR I 171 -15.52 -0.76 -1.94
CA THR I 171 -15.04 0.34 -2.76
C THR I 171 -16.23 1.16 -3.25
N GLN I 172 -17.44 0.62 -3.05
CA GLN I 172 -18.67 1.28 -3.48
C GLN I 172 -19.33 2.16 -2.44
N ILE I 173 -19.13 1.86 -1.16
CA ILE I 173 -19.74 2.66 -0.10
C ILE I 173 -19.02 4.00 0.04
N ALA I 174 -17.68 3.94 0.07
CA ALA I 174 -16.86 5.13 0.19
C ALA I 174 -16.74 5.84 -1.16
N PRO I 175 -17.35 7.04 -1.27
CA PRO I 175 -17.34 7.86 -2.50
C PRO I 175 -15.94 8.32 -2.90
N ALA J 3 6.02 -6.97 24.02
CA ALA J 3 4.93 -7.98 24.13
C ALA J 3 3.53 -7.35 23.97
N ALA J 4 2.56 -7.83 24.75
CA ALA J 4 1.19 -7.32 24.70
C ALA J 4 0.95 -6.21 25.72
N SER J 5 2.02 -5.73 26.34
CA SER J 5 1.89 -4.65 27.32
C SER J 5 1.86 -3.35 26.53
N ILE J 6 2.36 -3.39 25.29
CA ILE J 6 2.35 -2.22 24.44
C ILE J 6 0.88 -1.79 24.29
N GLN J 7 -0.01 -2.77 24.28
CA GLN J 7 -1.45 -2.50 24.17
C GLN J 7 -1.91 -2.03 25.53
N THR J 8 -1.36 -2.64 26.57
CA THR J 8 -1.71 -2.26 27.93
C THR J 8 -1.48 -0.77 28.06
N THR J 9 -0.33 -0.34 27.55
CA THR J 9 0.04 1.06 27.60
C THR J 9 -0.86 1.95 26.78
N VAL J 10 -1.02 1.69 25.48
CA VAL J 10 -1.87 2.54 24.66
C VAL J 10 -3.25 2.67 25.27
N ASN J 11 -3.72 1.63 25.96
CA ASN J 11 -5.04 1.71 26.57
C ASN J 11 -5.02 2.59 27.79
N THR J 12 -3.91 2.53 28.53
CA THR J 12 -3.74 3.36 29.73
C THR J 12 -3.77 4.80 29.26
N LEU J 13 -3.02 5.06 28.20
CA LEU J 13 -2.94 6.39 27.61
C LEU J 13 -4.31 6.86 27.16
N SER J 14 -4.96 6.06 26.32
CA SER J 14 -6.27 6.41 25.81
C SER J 14 -7.25 6.79 26.91
N GLU J 15 -7.19 6.10 28.04
CA GLU J 15 -8.11 6.43 29.11
C GLU J 15 -7.65 7.67 29.85
N ARG J 16 -6.36 7.75 30.13
CA ARG J 16 -5.82 8.90 30.82
C ARG J 16 -6.05 10.18 30.02
N ILE J 17 -6.00 10.07 28.70
CA ILE J 17 -6.23 11.24 27.85
C ILE J 17 -7.69 11.58 27.95
N SER J 18 -8.54 10.65 27.53
CA SER J 18 -9.97 10.84 27.56
C SER J 18 -10.42 11.41 28.91
N SER J 19 -9.75 10.96 29.96
CA SER J 19 -10.05 11.39 31.32
C SER J 19 -9.63 12.85 31.64
N LYS J 20 -8.38 13.21 31.38
CA LYS J 20 -7.91 14.56 31.65
C LYS J 20 -8.62 15.62 30.82
N LEU J 21 -9.00 15.27 29.58
CA LEU J 21 -9.71 16.23 28.75
C LEU J 21 -11.01 16.57 29.43
N GLU J 22 -11.63 15.56 30.01
CA GLU J 22 -12.90 15.71 30.69
C GLU J 22 -12.73 16.59 31.91
N GLN J 23 -11.64 16.36 32.64
CA GLN J 23 -11.34 17.14 33.84
C GLN J 23 -10.74 18.50 33.50
N GLU J 24 -9.50 18.49 33.03
CA GLU J 24 -8.79 19.70 32.69
C GLU J 24 -9.31 20.56 31.55
N ALA J 25 -10.46 20.23 30.96
CA ALA J 25 -10.94 21.06 29.86
C ALA J 25 -12.42 20.97 29.60
N ASN J 26 -13.15 20.31 30.49
CA ASN J 26 -14.59 20.19 30.31
C ASN J 26 -15.00 19.58 29.00
N ALA J 27 -14.28 18.53 28.61
CA ALA J 27 -14.58 17.82 27.38
C ALA J 27 -15.62 16.76 27.71
N SER J 28 -16.39 16.34 26.73
CA SER J 28 -17.38 15.31 26.96
C SER J 28 -17.72 14.58 25.68
N ALA J 29 -18.33 13.43 25.82
CA ALA J 29 -18.73 12.64 24.69
C ALA J 29 -19.89 13.31 23.95
N GLN J 30 -20.52 14.32 24.56
CA GLN J 30 -21.65 14.98 23.92
C GLN J 30 -21.51 16.48 23.72
N THR J 31 -20.27 16.94 23.62
CA THR J 31 -19.97 18.36 23.40
C THR J 31 -19.68 18.65 21.92
N LYS J 32 -20.20 19.76 21.41
CA LYS J 32 -19.99 20.13 20.01
C LYS J 32 -18.54 19.96 19.59
N CYS J 33 -18.34 19.59 18.33
CA CYS J 33 -16.99 19.43 17.81
C CYS J 33 -16.78 20.36 16.65
N ASP J 34 -15.79 21.23 16.76
CA ASP J 34 -15.50 22.12 15.66
C ASP J 34 -14.97 21.20 14.57
N ILE J 35 -13.80 20.61 14.83
CA ILE J 35 -13.18 19.69 13.89
C ILE J 35 -13.65 18.27 14.11
N GLU J 36 -13.91 17.57 13.01
CA GLU J 36 -14.35 16.18 13.03
C GLU J 36 -13.34 15.39 12.23
N ILE J 37 -13.15 14.12 12.58
CA ILE J 37 -12.19 13.30 11.86
C ILE J 37 -12.85 12.72 10.63
N GLY J 38 -12.13 12.73 9.52
CA GLY J 38 -12.68 12.18 8.29
C GLY J 38 -12.15 10.78 8.10
N ASN J 39 -11.18 10.61 7.22
CA ASN J 39 -10.60 9.31 7.01
C ASN J 39 -9.45 9.16 7.97
N PHE J 40 -9.45 8.07 8.71
CA PHE J 40 -8.36 7.78 9.65
C PHE J 40 -7.80 6.42 9.25
N TYR J 41 -6.61 6.39 8.67
CA TYR J 41 -6.01 5.12 8.29
C TYR J 41 -4.50 5.12 8.34
N ILE J 42 -3.92 3.94 8.12
CA ILE J 42 -2.49 3.80 8.16
C ILE J 42 -2.01 3.36 6.81
N ARG J 43 -0.87 3.88 6.39
CA ARG J 43 -0.29 3.53 5.09
C ARG J 43 0.11 2.07 5.04
N GLN J 44 1.00 1.66 5.93
CA GLN J 44 1.44 0.28 6.00
C GLN J 44 0.82 -0.38 7.22
N ASN J 45 -0.44 -0.79 7.09
CA ASN J 45 -1.18 -1.39 8.19
C ASN J 45 -0.99 -2.88 8.29
N HIS J 46 -0.09 -3.31 9.15
CA HIS J 46 0.15 -4.73 9.34
C HIS J 46 -0.48 -5.27 10.60
N GLY J 47 -1.78 -5.02 10.76
CA GLY J 47 -2.49 -5.53 11.92
C GLY J 47 -2.89 -4.57 13.01
N CYS J 48 -3.45 -3.41 12.64
CA CYS J 48 -3.91 -2.44 13.64
C CYS J 48 -5.35 -2.03 13.32
N ASN J 49 -6.23 -2.26 14.28
CA ASN J 49 -7.62 -1.90 14.10
C ASN J 49 -7.80 -0.50 14.67
N LEU J 50 -8.35 0.39 13.86
CA LEU J 50 -8.54 1.78 14.23
C LEU J 50 -9.98 2.21 14.50
N THR J 51 -10.13 3.10 15.48
CA THR J 51 -11.43 3.67 15.88
C THR J 51 -11.23 5.11 16.31
N VAL J 52 -12.23 5.93 16.05
CA VAL J 52 -12.17 7.34 16.44
C VAL J 52 -13.20 7.63 17.52
N LYS J 53 -12.78 8.36 18.55
CA LYS J 53 -13.65 8.73 19.67
C LYS J 53 -13.73 10.24 19.89
N ASN J 54 -14.94 10.76 20.07
CA ASN J 54 -15.08 12.19 20.30
C ASN J 54 -15.05 12.62 21.76
N MET J 55 -14.18 13.56 22.08
CA MET J 55 -14.05 14.10 23.43
C MET J 55 -13.82 15.60 23.26
N CYS J 56 -14.71 16.23 22.52
CA CYS J 56 -14.56 17.64 22.23
C CYS J 56 -14.91 18.65 23.30
N SER J 57 -14.24 19.79 23.21
CA SER J 57 -14.39 20.93 24.11
C SER J 57 -13.93 22.12 23.28
N ALA J 58 -14.17 23.34 23.78
CA ALA J 58 -13.79 24.52 23.03
C ALA J 58 -12.37 25.04 23.27
N ASP J 59 -11.84 24.85 24.47
CA ASP J 59 -10.51 25.35 24.81
C ASP J 59 -9.31 24.56 24.32
N ALA J 60 -8.83 24.89 23.14
CA ALA J 60 -7.69 24.21 22.54
C ALA J 60 -6.46 24.09 23.44
N ASP J 61 -6.14 25.13 24.20
CA ASP J 61 -4.97 25.08 25.06
C ASP J 61 -5.14 24.21 26.29
N ALA J 62 -6.36 24.17 26.81
CA ALA J 62 -6.64 23.34 27.96
C ALA J 62 -6.46 21.90 27.49
N GLN J 63 -6.88 21.65 26.25
CA GLN J 63 -6.77 20.34 25.62
C GLN J 63 -5.32 19.94 25.49
N LEU J 64 -4.57 20.77 24.78
CA LEU J 64 -3.16 20.50 24.54
C LEU J 64 -2.43 20.22 25.84
N ASP J 65 -2.84 20.87 26.92
CA ASP J 65 -2.16 20.62 28.17
C ASP J 65 -2.54 19.27 28.75
N ALA J 66 -3.81 18.93 28.64
CA ALA J 66 -4.29 17.63 29.15
C ALA J 66 -3.56 16.49 28.45
N VAL J 67 -3.52 16.56 27.11
CA VAL J 67 -2.86 15.51 26.35
C VAL J 67 -1.41 15.34 26.78
N LEU J 68 -0.61 16.42 26.74
CA LEU J 68 0.78 16.30 27.16
C LEU J 68 0.87 15.68 28.54
N SER J 69 -0.02 16.15 29.41
CA SER J 69 -0.07 15.65 30.77
C SER J 69 -0.20 14.13 30.79
N ALA J 70 -1.30 13.64 30.22
CA ALA J 70 -1.57 12.20 30.15
C ALA J 70 -0.35 11.45 29.61
N ALA J 71 0.16 11.89 28.47
CA ALA J 71 1.33 11.28 27.86
C ALA J 71 2.50 11.21 28.84
N THR J 72 2.67 12.27 29.64
CA THR J 72 3.77 12.29 30.61
C THR J 72 3.49 11.32 31.74
N GLU J 73 2.25 11.31 32.22
CA GLU J 73 1.91 10.40 33.29
C GLU J 73 2.20 8.98 32.82
N THR J 74 1.60 8.62 31.69
CA THR J 74 1.77 7.29 31.10
C THR J 74 3.24 6.87 30.98
N TYR J 75 4.05 7.70 30.33
CA TYR J 75 5.47 7.42 30.14
C TYR J 75 6.16 7.21 31.47
N SER J 76 5.72 7.97 32.47
CA SER J 76 6.32 7.88 33.78
C SER J 76 5.97 6.55 34.45
N GLY J 77 4.95 5.89 33.92
CA GLY J 77 4.52 4.62 34.47
C GLY J 77 5.37 3.45 33.98
N LEU J 78 6.10 3.64 32.89
CA LEU J 78 6.94 2.59 32.35
C LEU J 78 8.12 2.32 33.29
N THR J 79 8.71 1.13 33.19
CA THR J 79 9.85 0.77 34.03
C THR J 79 11.11 1.27 33.33
N PRO J 80 12.18 1.51 34.11
CA PRO J 80 13.45 2.00 33.55
C PRO J 80 13.84 1.17 32.33
N GLU J 81 13.55 -0.12 32.43
CA GLU J 81 13.86 -1.07 31.39
C GLU J 81 13.08 -0.69 30.12
N GLN J 82 11.78 -0.45 30.27
CA GLN J 82 10.91 -0.08 29.15
C GLN J 82 11.28 1.27 28.57
N LYS J 83 11.35 2.29 29.43
CA LYS J 83 11.67 3.63 28.99
C LYS J 83 12.79 3.67 27.95
N ALA J 84 13.86 2.91 28.19
CA ALA J 84 15.00 2.89 27.29
C ALA J 84 14.71 2.76 25.80
N TYR J 85 13.59 2.14 25.45
CA TYR J 85 13.24 1.98 24.06
C TYR J 85 12.61 3.22 23.43
N VAL J 86 12.11 4.11 24.27
CA VAL J 86 11.45 5.33 23.79
C VAL J 86 12.29 6.28 22.93
N PRO J 87 13.51 6.61 23.38
CA PRO J 87 14.36 7.52 22.60
C PRO J 87 14.46 7.11 21.13
N ALA J 88 14.50 5.81 20.88
CA ALA J 88 14.60 5.27 19.53
C ALA J 88 13.32 5.57 18.74
N MET J 89 12.17 5.32 19.37
CA MET J 89 10.86 5.58 18.76
C MET J 89 10.80 7.04 18.33
N PHE J 90 11.15 7.91 19.27
CA PHE J 90 11.16 9.33 19.05
C PHE J 90 11.87 9.70 17.75
N THR J 91 13.16 9.40 17.70
CA THR J 91 13.99 9.70 16.55
C THR J 91 13.42 9.08 15.29
N ALA J 92 12.80 7.92 15.45
CA ALA J 92 12.21 7.19 14.33
C ALA J 92 10.99 7.86 13.76
N ALA J 93 10.15 8.40 14.63
CA ALA J 93 8.93 9.04 14.16
C ALA J 93 9.00 10.56 14.08
N LEU J 94 10.08 11.16 14.59
CA LEU J 94 10.18 12.61 14.58
C LEU J 94 11.53 13.25 14.22
N ASN J 95 12.62 12.51 14.41
CA ASN J 95 13.98 13.01 14.15
C ASN J 95 14.30 13.94 15.30
N ILE J 96 14.67 13.37 16.43
CA ILE J 96 14.99 14.16 17.61
C ILE J 96 15.76 13.31 18.62
N GLN J 97 16.99 13.68 18.94
CA GLN J 97 17.74 12.92 19.93
C GLN J 97 17.06 13.12 21.29
N THR J 98 17.41 12.30 22.27
CA THR J 98 16.80 12.43 23.59
C THR J 98 17.23 11.37 24.60
N SER J 99 17.56 11.81 25.81
CA SER J 99 17.96 10.89 26.87
C SER J 99 16.67 10.35 27.47
N VAL J 100 16.79 9.35 28.32
CA VAL J 100 15.61 8.77 28.95
C VAL J 100 14.92 9.77 29.88
N ASN J 101 15.55 10.92 30.08
CA ASN J 101 15.00 11.96 30.94
C ASN J 101 14.44 13.11 30.10
N THR J 102 15.30 13.65 29.23
CA THR J 102 14.93 14.77 28.36
C THR J 102 13.76 14.48 27.44
N VAL J 103 13.31 13.22 27.41
CA VAL J 103 12.20 12.83 26.56
C VAL J 103 10.98 13.71 26.81
N VAL J 104 10.42 13.59 28.00
CA VAL J 104 9.23 14.35 28.38
C VAL J 104 9.32 15.79 27.90
N ARG J 105 10.45 16.44 28.17
CA ARG J 105 10.67 17.82 27.80
C ARG J 105 10.74 17.97 26.28
N ASP J 106 11.65 17.26 25.64
CA ASP J 106 11.80 17.32 24.19
C ASP J 106 10.44 17.19 23.51
N PHE J 107 9.63 16.26 23.99
CA PHE J 107 8.31 16.05 23.41
C PHE J 107 7.52 17.34 23.48
N GLU J 108 7.32 17.83 24.72
CA GLU J 108 6.59 19.08 24.95
C GLU J 108 7.02 20.19 24.01
N ASN J 109 8.32 20.35 23.82
CA ASN J 109 8.81 21.39 22.93
C ASN J 109 8.33 21.11 21.52
N TYR J 110 8.54 19.90 21.04
CA TYR J 110 8.11 19.54 19.71
C TYR J 110 6.60 19.86 19.55
N VAL J 111 5.81 19.40 20.52
CA VAL J 111 4.38 19.63 20.48
C VAL J 111 4.04 21.09 20.36
N LYS J 112 4.41 21.84 21.39
CA LYS J 112 4.17 23.27 21.46
C LYS J 112 4.49 23.97 20.14
N GLN J 113 5.71 23.76 19.62
CA GLN J 113 6.09 24.37 18.36
C GLN J 113 5.09 23.97 17.28
N THR J 114 5.16 22.70 16.90
CA THR J 114 4.31 22.14 15.86
C THR J 114 2.84 22.50 15.95
N CYS J 115 2.25 22.22 17.10
CA CYS J 115 0.85 22.45 17.27
C CYS J 115 0.37 23.89 17.26
N ASN J 116 1.29 24.84 17.32
CA ASN J 116 0.94 26.26 17.27
C ASN J 116 1.33 26.86 15.94
N SER J 117 1.93 26.04 15.07
CA SER J 117 2.32 26.48 13.75
C SER J 117 1.13 27.10 13.06
N SER J 118 1.39 28.03 12.15
CA SER J 118 0.31 28.67 11.42
C SER J 118 -0.39 27.59 10.62
N ALA J 119 0.40 26.66 10.11
CA ALA J 119 -0.13 25.56 9.33
C ALA J 119 -1.27 24.87 10.09
N VAL J 120 -1.03 24.63 11.37
CA VAL J 120 -1.98 23.97 12.26
C VAL J 120 -3.13 24.84 12.71
N VAL J 121 -2.81 25.87 13.51
CA VAL J 121 -3.81 26.77 14.07
C VAL J 121 -4.69 27.50 13.07
N ASP J 122 -4.16 27.71 11.86
CA ASP J 122 -4.91 28.41 10.82
C ASP J 122 -5.78 27.50 9.99
N ASN J 123 -5.81 26.22 10.33
CA ASN J 123 -6.63 25.26 9.60
C ASN J 123 -8.10 25.46 9.99
N LYS J 124 -8.92 25.89 9.04
CA LYS J 124 -10.35 26.13 9.28
C LYS J 124 -11.18 25.02 8.62
N LEU J 125 -10.48 24.00 8.12
CA LEU J 125 -11.09 22.84 7.46
C LEU J 125 -11.78 21.95 8.50
N LYS J 126 -13.11 21.86 8.43
CA LYS J 126 -13.89 21.08 9.38
C LYS J 126 -13.61 19.60 9.47
N ILE J 127 -13.66 18.89 8.35
CA ILE J 127 -13.37 17.45 8.36
C ILE J 127 -11.88 17.24 8.09
N GLN J 128 -11.15 16.71 9.05
CA GLN J 128 -9.72 16.48 8.89
C GLN J 128 -9.33 15.00 8.91
N ASN J 129 -8.44 14.59 8.00
CA ASN J 129 -8.02 13.20 7.93
C ASN J 129 -6.76 12.88 8.72
N VAL J 130 -6.80 11.80 9.49
CA VAL J 130 -5.63 11.40 10.26
C VAL J 130 -4.98 10.27 9.52
N ILE J 131 -3.72 10.46 9.13
CA ILE J 131 -2.99 9.43 8.40
C ILE J 131 -1.61 9.15 8.96
N ILE J 132 -1.52 8.05 9.71
CA ILE J 132 -0.24 7.63 10.20
C ILE J 132 0.38 6.86 9.04
N ASP J 133 1.52 6.18 9.20
CA ASP J 133 2.05 5.50 8.03
C ASP J 133 2.58 4.09 8.27
N GLU J 134 2.55 3.62 9.51
CA GLU J 134 3.09 2.31 9.79
C GLU J 134 2.58 1.85 11.14
N CYS J 135 2.21 0.58 11.23
CA CYS J 135 1.69 0.04 12.48
C CYS J 135 1.66 -1.48 12.38
N TYR J 136 2.03 -2.15 13.46
CA TYR J 136 2.08 -3.60 13.47
C TYR J 136 1.31 -4.23 14.61
N GLY J 137 0.83 -5.44 14.37
CA GLY J 137 0.09 -6.16 15.39
C GLY J 137 0.50 -7.63 15.34
N ALA J 138 0.49 -8.30 16.48
CA ALA J 138 0.84 -9.72 16.55
C ALA J 138 -0.17 -10.56 15.77
N PRO J 139 0.26 -11.73 15.28
CA PRO J 139 -0.61 -12.62 14.50
C PRO J 139 -1.84 -13.03 15.28
N GLY J 140 -1.63 -13.46 16.52
CA GLY J 140 -2.75 -13.88 17.33
C GLY J 140 -3.73 -12.74 17.47
N SER J 141 -3.31 -11.73 18.21
CA SER J 141 -4.13 -10.55 18.48
C SER J 141 -3.64 -9.28 17.77
N PRO J 142 -4.56 -8.55 17.12
CA PRO J 142 -4.21 -7.32 16.41
C PRO J 142 -4.12 -6.16 17.40
N THR J 143 -3.52 -5.05 16.97
CA THR J 143 -3.38 -3.89 17.85
C THR J 143 -4.55 -2.95 17.66
N ASN J 144 -5.15 -2.50 18.77
CA ASN J 144 -6.27 -1.60 18.70
C ASN J 144 -5.89 -0.17 19.01
N LEU J 145 -5.99 0.70 18.01
CA LEU J 145 -5.67 2.12 18.18
C LEU J 145 -6.93 2.95 18.13
N GLU J 146 -6.98 3.95 18.99
CA GLU J 146 -8.12 4.85 19.07
C GLU J 146 -7.67 6.29 18.98
N PHE J 147 -8.24 7.03 18.04
CA PHE J 147 -7.89 8.43 17.89
C PHE J 147 -8.96 9.22 18.62
N ILE J 148 -8.54 9.92 19.69
CA ILE J 148 -9.46 10.73 20.48
C ILE J 148 -9.53 12.13 19.86
N ASN J 149 -10.68 12.45 19.27
CA ASN J 149 -10.85 13.75 18.64
C ASN J 149 -11.10 14.78 19.69
N THR J 150 -10.14 15.69 19.85
CA THR J 150 -10.24 16.76 20.85
C THR J 150 -11.27 17.82 20.44
N GLY J 151 -11.42 18.02 19.14
CA GLY J 151 -12.36 18.98 18.63
C GLY J 151 -11.70 20.17 17.95
N SER J 152 -10.38 20.25 18.06
CA SER J 152 -9.64 21.36 17.48
C SER J 152 -8.41 20.95 16.69
N SER J 153 -8.07 21.75 15.68
CA SER J 153 -6.90 21.46 14.87
C SER J 153 -5.70 21.38 15.80
N LYS J 154 -5.60 22.30 16.75
CA LYS J 154 -4.47 22.29 17.66
C LYS J 154 -4.47 21.08 18.58
N GLY J 155 -5.65 20.69 19.06
CA GLY J 155 -5.74 19.55 19.95
C GLY J 155 -5.36 18.23 19.27
N ASN J 156 -5.94 17.98 18.10
CA ASN J 156 -5.66 16.77 17.36
C ASN J 156 -4.20 16.68 16.94
N CYS J 157 -3.57 17.83 16.77
CA CYS J 157 -2.18 17.86 16.40
C CYS J 157 -1.37 17.10 17.45
N ALA J 158 -1.69 17.31 18.72
CA ALA J 158 -0.97 16.65 19.80
C ALA J 158 -1.31 15.18 19.84
N ILE J 159 -2.60 14.89 19.67
CA ILE J 159 -3.05 13.52 19.66
C ILE J 159 -2.34 12.77 18.54
N LYS J 160 -2.24 13.42 17.38
CA LYS J 160 -1.59 12.78 16.25
C LYS J 160 -0.12 12.50 16.50
N ALA J 161 0.57 13.48 17.08
CA ALA J 161 1.99 13.32 17.37
C ALA J 161 2.14 12.14 18.30
N LEU J 162 1.28 12.06 19.29
CA LEU J 162 1.33 10.97 20.24
C LEU J 162 1.17 9.65 19.50
N MET J 163 0.19 9.59 18.61
CA MET J 163 -0.08 8.36 17.86
C MET J 163 1.11 7.94 17.02
N GLN J 164 1.73 8.89 16.36
CA GLN J 164 2.89 8.60 15.52
C GLN J 164 3.95 7.88 16.35
N LEU J 165 4.07 8.24 17.63
CA LEU J 165 5.06 7.58 18.47
C LEU J 165 4.59 6.19 18.82
N THR J 166 3.35 6.09 19.25
CA THR J 166 2.76 4.81 19.62
C THR J 166 2.96 3.75 18.54
N THR J 167 2.56 4.07 17.32
CA THR J 167 2.71 3.12 16.22
C THR J 167 4.17 2.69 16.01
N LYS J 168 5.13 3.56 16.33
CA LYS J 168 6.53 3.20 16.17
C LYS J 168 7.00 2.26 17.26
N ALA J 169 6.13 1.97 18.21
CA ALA J 169 6.50 1.07 19.29
C ALA J 169 5.94 -0.32 19.02
N THR J 170 5.09 -0.41 18.01
CA THR J 170 4.48 -1.68 17.64
C THR J 170 5.41 -2.42 16.71
N THR J 171 6.42 -1.70 16.21
CA THR J 171 7.38 -2.31 15.31
C THR J 171 8.31 -3.21 16.11
N GLN J 172 8.22 -3.13 17.44
CA GLN J 172 9.06 -3.91 18.33
C GLN J 172 8.46 -5.24 18.79
N ILE J 173 7.13 -5.32 18.84
CA ILE J 173 6.47 -6.55 19.27
C ILE J 173 6.57 -7.62 18.18
N ALA J 174 6.24 -7.21 16.94
CA ALA J 174 6.28 -8.10 15.79
C ALA J 174 7.71 -8.28 15.30
N PRO J 175 8.27 -9.50 15.47
CA PRO J 175 9.63 -9.84 15.05
C PRO J 175 9.85 -9.75 13.52
N ALA K 3 21.18 -3.62 -0.63
CA ALA K 3 21.66 -2.39 -1.31
C ALA K 3 21.22 -2.33 -2.79
N ALA K 4 22.11 -1.82 -3.65
CA ALA K 4 21.81 -1.69 -5.08
C ALA K 4 22.28 -2.92 -5.88
N SER K 5 22.67 -3.98 -5.18
CA SER K 5 23.10 -5.20 -5.84
C SER K 5 21.84 -5.99 -6.16
N ILE K 6 20.74 -5.67 -5.47
CA ILE K 6 19.48 -6.33 -5.73
C ILE K 6 19.14 -6.07 -7.19
N GLN K 7 19.50 -4.88 -7.68
CA GLN K 7 19.24 -4.52 -9.07
C GLN K 7 20.27 -5.26 -9.92
N THR K 8 21.50 -5.32 -9.42
CA THR K 8 22.57 -6.02 -10.10
C THR K 8 22.06 -7.42 -10.42
N THR K 9 21.46 -8.04 -9.42
CA THR K 9 20.93 -9.39 -9.57
C THR K 9 19.78 -9.49 -10.55
N VAL K 10 18.73 -8.71 -10.36
CA VAL K 10 17.59 -8.79 -11.29
C VAL K 10 18.05 -8.59 -12.73
N ASN K 11 19.08 -7.78 -12.93
CA ASN K 11 19.58 -7.56 -14.27
C ASN K 11 20.33 -8.78 -14.78
N THR K 12 21.05 -9.44 -13.88
CA THR K 12 21.80 -10.64 -14.23
C THR K 12 20.78 -11.67 -14.67
N LEU K 13 19.73 -11.79 -13.88
CA LEU K 13 18.64 -12.72 -14.14
C LEU K 13 17.99 -12.40 -15.47
N SER K 14 17.55 -11.17 -15.63
CA SER K 14 16.90 -10.76 -16.87
C SER K 14 17.72 -11.10 -18.10
N GLU K 15 19.03 -10.96 -18.03
CA GLU K 15 19.85 -11.27 -19.20
C GLU K 15 20.01 -12.78 -19.35
N ARG K 16 20.26 -13.47 -18.23
CA ARG K 16 20.43 -14.91 -18.25
C ARG K 16 19.16 -15.60 -18.76
N ILE K 17 18.00 -15.04 -18.43
CA ILE K 17 16.75 -15.61 -18.88
C ILE K 17 16.65 -15.36 -20.37
N SER K 18 16.66 -14.09 -20.75
CA SER K 18 16.57 -13.70 -22.15
C SER K 18 17.52 -14.50 -23.00
N SER K 19 18.69 -14.79 -22.43
CA SER K 19 19.75 -15.56 -23.10
C SER K 19 19.43 -17.05 -23.28
N LYS K 20 19.10 -17.73 -22.20
CA LYS K 20 18.79 -19.15 -22.28
C LYS K 20 17.56 -19.43 -23.15
N LEU K 21 16.57 -18.55 -23.15
CA LEU K 21 15.38 -18.77 -23.97
C LEU K 21 15.82 -18.80 -25.41
N GLU K 22 16.75 -17.92 -25.73
CA GLU K 22 17.27 -17.82 -27.09
C GLU K 22 18.04 -19.09 -27.47
N GLN K 23 18.82 -19.60 -26.53
CA GLN K 23 19.60 -20.81 -26.75
C GLN K 23 18.74 -22.06 -26.60
N GLU K 24 18.36 -22.37 -25.37
CA GLU K 24 17.55 -23.55 -25.07
C GLU K 24 16.14 -23.63 -25.65
N ALA K 25 15.71 -22.68 -26.46
CA ALA K 25 14.34 -22.77 -26.98
C ALA K 25 14.10 -22.02 -28.26
N ASN K 26 15.16 -21.50 -28.86
CA ASN K 26 15.03 -20.78 -30.12
C ASN K 26 14.09 -19.61 -30.05
N ALA K 27 14.18 -18.87 -28.95
CA ALA K 27 13.34 -17.70 -28.75
C ALA K 27 14.06 -16.53 -29.39
N SER K 28 13.32 -15.51 -29.79
CA SER K 28 13.93 -14.35 -30.40
C SER K 28 13.07 -13.13 -30.21
N ALA K 29 13.67 -11.96 -30.40
CA ALA K 29 12.94 -10.73 -30.28
C ALA K 29 11.97 -10.55 -31.44
N GLN K 30 12.08 -11.37 -32.48
CA GLN K 30 11.19 -11.25 -33.64
C GLN K 30 10.39 -12.50 -34.00
N THR K 31 10.13 -13.34 -33.01
CA THR K 31 9.36 -14.57 -33.18
C THR K 31 7.90 -14.36 -32.73
N LYS K 32 6.95 -14.91 -33.48
CA LYS K 32 5.53 -14.78 -33.15
C LYS K 32 5.28 -15.04 -31.68
N CYS K 33 4.28 -14.34 -31.13
CA CYS K 33 3.91 -14.52 -29.74
C CYS K 33 2.48 -14.95 -29.65
N ASP K 34 2.23 -16.12 -29.05
CA ASP K 34 0.86 -16.58 -28.90
C ASP K 34 0.27 -15.61 -27.88
N ILE K 35 0.79 -15.67 -26.65
CA ILE K 35 0.34 -14.78 -25.59
C ILE K 35 1.15 -13.48 -25.57
N GLU K 36 0.43 -12.37 -25.39
CA GLU K 36 1.00 -11.04 -25.31
C GLU K 36 0.63 -10.47 -23.96
N ILE K 37 1.48 -9.63 -23.40
CA ILE K 37 1.17 -9.04 -22.11
C ILE K 37 0.29 -7.83 -22.29
N GLY K 38 -0.73 -7.71 -21.44
CA GLY K 38 -1.63 -6.57 -21.52
C GLY K 38 -1.18 -5.52 -20.51
N ASN K 39 -1.90 -5.43 -19.40
CA ASN K 39 -1.52 -4.48 -18.38
C ASN K 39 -0.55 -5.16 -17.44
N PHE K 40 0.59 -4.51 -17.19
CA PHE K 40 1.59 -5.03 -16.28
C PHE K 40 1.82 -3.95 -15.24
N TYR K 41 1.37 -4.20 -14.01
CA TYR K 41 1.55 -3.23 -12.96
C TYR K 41 1.62 -3.85 -11.58
N ILE K 42 1.93 -3.02 -10.58
CA ILE K 42 2.05 -3.48 -9.23
C ILE K 42 1.02 -2.78 -8.38
N ARG K 43 0.47 -3.51 -7.42
CA ARG K 43 -0.55 -2.98 -6.53
C ARG K 43 0.03 -1.87 -5.67
N GLN K 44 1.02 -2.21 -4.85
CA GLN K 44 1.67 -1.23 -3.99
C GLN K 44 3.03 -0.90 -4.58
N ASN K 45 3.04 -0.01 -5.56
CA ASN K 45 4.26 0.38 -6.25
C ASN K 45 4.98 1.53 -5.57
N HIS K 46 5.99 1.22 -4.76
CA HIS K 46 6.75 2.24 -4.07
C HIS K 46 8.10 2.47 -4.71
N GLY K 47 8.09 2.72 -6.02
CA GLY K 47 9.33 3.00 -6.71
C GLY K 47 9.93 1.94 -7.62
N CYS K 48 9.10 1.33 -8.47
CA CYS K 48 9.58 0.31 -9.42
C CYS K 48 9.11 0.66 -10.81
N ASN K 49 10.04 0.84 -11.72
CA ASN K 49 9.68 1.14 -13.10
C ASN K 49 9.61 -0.17 -13.85
N LEU K 50 8.48 -0.41 -14.51
CA LEU K 50 8.24 -1.66 -15.24
C LEU K 50 8.26 -1.55 -16.76
N THR K 51 8.78 -2.60 -17.39
CA THR K 51 8.87 -2.71 -18.86
C THR K 51 8.66 -4.16 -19.26
N VAL K 52 8.05 -4.37 -20.41
CA VAL K 52 7.82 -5.72 -20.91
C VAL K 52 8.65 -5.97 -22.16
N LYS K 53 9.28 -7.14 -22.22
CA LYS K 53 10.13 -7.53 -23.34
C LYS K 53 9.69 -8.86 -23.98
N ASN K 54 9.64 -8.91 -25.30
CA ASN K 54 9.24 -10.14 -25.97
C ASN K 54 10.40 -11.06 -26.36
N MET K 55 10.31 -12.30 -25.94
CA MET K 55 11.32 -13.30 -26.25
C MET K 55 10.54 -14.59 -26.52
N CYS K 56 9.58 -14.49 -27.43
CA CYS K 56 8.73 -15.62 -27.73
C CYS K 56 9.28 -16.74 -28.60
N SER K 57 8.75 -17.93 -28.34
CA SER K 57 9.09 -19.16 -29.03
C SER K 57 7.87 -20.04 -28.88
N ALA K 58 7.81 -21.14 -29.61
CA ALA K 58 6.65 -22.02 -29.52
C ALA K 58 6.69 -23.09 -28.43
N ASP K 59 7.89 -23.60 -28.13
CA ASP K 59 8.02 -24.67 -27.13
C ASP K 59 7.93 -24.29 -25.65
N ALA K 60 6.72 -24.31 -25.10
CA ALA K 60 6.50 -23.96 -23.70
C ALA K 60 7.39 -24.69 -22.69
N ASP K 61 7.65 -25.96 -22.92
CA ASP K 61 8.48 -26.69 -21.98
C ASP K 61 9.96 -26.37 -22.06
N ALA K 62 10.42 -26.03 -23.27
CA ALA K 62 11.81 -25.66 -23.46
C ALA K 62 11.99 -24.34 -22.71
N GLN K 63 10.95 -23.50 -22.77
CA GLN K 63 10.92 -22.21 -22.11
C GLN K 63 11.01 -22.39 -20.61
N LEU K 64 10.03 -23.10 -20.08
CA LEU K 64 9.96 -23.34 -18.64
C LEU K 64 11.29 -23.87 -18.12
N ASP K 65 11.99 -24.66 -18.92
CA ASP K 65 13.26 -25.20 -18.45
C ASP K 65 14.33 -24.14 -18.44
N ALA K 66 14.34 -23.30 -19.47
CA ALA K 66 15.32 -22.22 -19.54
C ALA K 66 15.17 -21.28 -18.34
N VAL K 67 13.95 -20.85 -18.08
CA VAL K 67 13.69 -19.95 -16.96
C VAL K 67 14.19 -20.54 -15.66
N LEU K 68 13.72 -21.72 -15.28
CA LEU K 68 14.18 -22.31 -14.03
C LEU K 68 15.71 -22.35 -14.02
N SER K 69 16.28 -22.71 -15.15
CA SER K 69 17.73 -22.81 -15.27
C SER K 69 18.38 -21.50 -14.87
N ALA K 70 18.03 -20.43 -15.59
CA ALA K 70 18.56 -19.09 -15.34
C ALA K 70 18.42 -18.74 -13.85
N ALA K 71 17.22 -18.90 -13.33
CA ALA K 71 16.94 -18.60 -11.93
C ALA K 71 17.90 -19.37 -11.02
N THR K 72 18.18 -20.62 -11.36
CA THR K 72 19.09 -21.43 -10.56
C THR K 72 20.51 -20.93 -10.69
N GLU K 73 20.93 -20.62 -11.90
CA GLU K 73 22.27 -20.12 -12.09
C GLU K 73 22.42 -18.86 -11.25
N THR K 74 21.53 -17.90 -11.46
CA THR K 74 21.55 -16.64 -10.75
C THR K 74 21.65 -16.78 -9.24
N TYR K 75 20.75 -17.57 -8.67
CA TYR K 75 20.74 -17.83 -7.22
C TYR K 75 22.04 -18.42 -6.74
N SER K 76 22.63 -19.26 -7.59
CA SER K 76 23.87 -19.91 -7.26
C SER K 76 25.01 -18.90 -7.24
N GLY K 77 24.79 -17.74 -7.87
CA GLY K 77 25.81 -16.71 -7.93
C GLY K 77 25.87 -15.89 -6.65
N LEU K 78 24.82 -15.93 -5.84
CA LEU K 78 24.78 -15.17 -4.59
C LEU K 78 25.77 -15.74 -3.61
N THR K 79 26.19 -14.93 -2.64
CA THR K 79 27.14 -15.38 -1.62
C THR K 79 26.34 -16.02 -0.51
N PRO K 80 26.96 -16.95 0.25
CA PRO K 80 26.29 -17.64 1.36
C PRO K 80 25.55 -16.65 2.24
N GLU K 81 26.17 -15.48 2.40
CA GLU K 81 25.62 -14.40 3.21
C GLU K 81 24.29 -13.92 2.59
N GLN K 82 24.30 -13.70 1.28
CA GLN K 82 23.09 -13.25 0.57
C GLN K 82 22.01 -14.32 0.54
N LYS K 83 22.38 -15.52 0.11
CA LYS K 83 21.43 -16.63 0.02
C LYS K 83 20.50 -16.72 1.22
N ALA K 84 21.06 -16.58 2.41
CA ALA K 84 20.28 -16.69 3.65
C ALA K 84 18.97 -15.89 3.69
N TYR K 85 18.89 -14.80 2.94
CA TYR K 85 17.68 -14.00 2.93
C TYR K 85 16.58 -14.56 2.04
N VAL K 86 16.96 -15.44 1.11
CA VAL K 86 16.00 -16.02 0.18
C VAL K 86 14.84 -16.82 0.79
N PRO K 87 15.14 -17.75 1.70
CA PRO K 87 14.08 -18.54 2.33
C PRO K 87 12.91 -17.70 2.84
N ALA K 88 13.23 -16.53 3.36
CA ALA K 88 12.22 -15.62 3.88
C ALA K 88 11.35 -15.07 2.75
N MET K 89 12.00 -14.65 1.66
CA MET K 89 11.29 -14.12 0.50
C MET K 89 10.31 -15.16 0.03
N PHE K 90 10.81 -16.38 -0.13
CA PHE K 90 10.02 -17.51 -0.58
C PHE K 90 8.70 -17.60 0.17
N THR K 91 8.80 -17.83 1.47
CA THR K 91 7.66 -17.97 2.35
C THR K 91 6.75 -16.76 2.28
N ALA K 92 7.36 -15.59 2.08
CA ALA K 92 6.62 -14.34 2.02
C ALA K 92 5.78 -14.21 0.76
N ALA K 93 6.32 -14.65 -0.37
CA ALA K 93 5.62 -14.54 -1.63
C ALA K 93 4.93 -15.81 -2.09
N LEU K 94 5.15 -16.93 -1.39
CA LEU K 94 4.53 -18.20 -1.81
C LEU K 94 3.97 -19.12 -0.72
N ASN K 95 4.49 -19.01 0.50
CA ASN K 95 4.09 -19.87 1.61
C ASN K 95 4.77 -21.21 1.38
N ILE K 96 6.04 -21.30 1.72
CA ILE K 96 6.80 -22.53 1.52
C ILE K 96 8.10 -22.50 2.33
N GLN K 97 8.26 -23.42 3.27
CA GLN K 97 9.50 -23.44 4.04
C GLN K 97 10.63 -23.84 3.11
N THR K 98 11.87 -23.66 3.54
CA THR K 98 12.99 -24.02 2.69
C THR K 98 14.37 -23.66 3.25
N SER K 99 15.30 -24.61 3.18
CA SER K 99 16.65 -24.38 3.67
C SER K 99 17.38 -23.66 2.56
N VAL K 100 18.58 -23.17 2.84
CA VAL K 100 19.37 -22.46 1.85
C VAL K 100 19.78 -23.37 0.71
N ASN K 101 19.49 -24.67 0.86
CA ASN K 101 19.83 -25.65 -0.17
C ASN K 101 18.58 -26.09 -0.92
N THR K 102 17.59 -26.56 -0.16
CA THR K 102 16.32 -27.04 -0.72
C THR K 102 15.57 -25.98 -1.53
N VAL K 103 16.04 -24.74 -1.49
CA VAL K 103 15.41 -23.66 -2.23
C VAL K 103 15.25 -24.01 -3.70
N VAL K 104 16.37 -24.16 -4.40
CA VAL K 104 16.35 -24.48 -5.82
C VAL K 104 15.33 -25.53 -6.15
N ARG K 105 15.33 -26.62 -5.38
CA ARG K 105 14.42 -27.73 -5.58
C ARG K 105 12.97 -27.32 -5.31
N ASP K 106 12.71 -26.84 -4.09
CA ASP K 106 11.37 -26.40 -3.72
C ASP K 106 10.78 -25.49 -4.78
N PHE K 107 11.58 -24.57 -5.30
CA PHE K 107 11.10 -23.66 -6.35
C PHE K 107 10.62 -24.46 -7.55
N GLU K 108 11.53 -25.26 -8.12
CA GLU K 108 11.19 -26.10 -9.27
C GLU K 108 9.88 -26.84 -9.07
N ASN K 109 9.69 -27.43 -7.90
CA ASN K 109 8.47 -28.16 -7.63
C ASN K 109 7.28 -27.23 -7.72
N TYR K 110 7.35 -26.11 -7.01
CA TYR K 110 6.28 -25.13 -7.04
C TYR K 110 5.97 -24.77 -8.50
N VAL K 111 7.01 -24.42 -9.25
CA VAL K 111 6.84 -24.04 -10.65
C VAL K 111 6.11 -25.10 -11.42
N LYS K 112 6.75 -26.26 -11.53
CA LYS K 112 6.21 -27.41 -12.25
C LYS K 112 4.73 -27.62 -11.95
N GLN K 113 4.39 -27.70 -10.67
CA GLN K 113 3.00 -27.88 -10.30
C GLN K 113 2.15 -26.76 -10.87
N THR K 114 2.33 -25.57 -10.30
CA THR K 114 1.58 -24.39 -10.71
C THR K 114 1.48 -24.16 -12.19
N CYS K 115 2.63 -24.14 -12.85
CA CYS K 115 2.64 -23.85 -14.27
C CYS K 115 2.00 -24.86 -15.19
N ASN K 116 1.70 -26.04 -14.67
CA ASN K 116 1.07 -27.08 -15.49
C ASN K 116 -0.39 -27.22 -15.09
N SER K 117 -0.81 -26.45 -14.10
CA SER K 117 -2.19 -26.48 -13.64
C SER K 117 -3.09 -26.27 -14.83
N SER K 118 -4.32 -26.79 -14.73
CA SER K 118 -5.27 -26.66 -15.82
C SER K 118 -5.57 -25.18 -15.95
N ALA K 119 -5.64 -24.52 -14.80
CA ALA K 119 -5.89 -23.08 -14.77
C ALA K 119 -4.96 -22.35 -15.71
N VAL K 120 -3.68 -22.72 -15.66
CA VAL K 120 -2.62 -22.11 -16.47
C VAL K 120 -2.59 -22.58 -17.92
N VAL K 121 -2.31 -23.88 -18.11
CA VAL K 121 -2.18 -24.47 -19.45
C VAL K 121 -3.43 -24.36 -20.31
N ASP K 122 -4.59 -24.30 -19.68
CA ASP K 122 -5.85 -24.21 -20.42
C ASP K 122 -6.25 -22.78 -20.78
N ASN K 123 -5.42 -21.83 -20.41
CA ASN K 123 -5.71 -20.43 -20.71
C ASN K 123 -5.47 -20.17 -22.21
N LYS K 124 -6.54 -19.84 -22.92
CA LYS K 124 -6.44 -19.59 -24.36
C LYS K 124 -6.60 -18.07 -24.63
N LEU K 125 -6.63 -17.30 -23.55
CA LEU K 125 -6.76 -15.85 -23.59
C LEU K 125 -5.46 -15.22 -24.11
N LYS K 126 -5.53 -14.59 -25.28
CA LYS K 126 -4.36 -13.99 -25.90
C LYS K 126 -3.65 -12.90 -25.12
N ILE K 127 -4.38 -11.86 -24.73
CA ILE K 127 -3.76 -10.77 -23.96
C ILE K 127 -3.90 -11.08 -22.47
N GLN K 128 -2.77 -11.26 -21.80
CA GLN K 128 -2.78 -11.57 -20.38
C GLN K 128 -2.12 -10.47 -19.53
N ASN K 129 -2.75 -10.14 -18.40
CA ASN K 129 -2.23 -9.11 -17.52
C ASN K 129 -1.33 -9.63 -16.41
N VAL K 130 -0.19 -8.98 -16.20
CA VAL K 130 0.70 -9.39 -15.13
C VAL K 130 0.53 -8.42 -13.97
N ILE K 131 0.12 -8.94 -12.82
CA ILE K 131 -0.09 -8.08 -11.67
C ILE K 131 0.57 -8.59 -10.42
N ILE K 132 1.71 -7.99 -10.09
CA ILE K 132 2.39 -8.30 -8.84
C ILE K 132 1.69 -7.45 -7.83
N ASP K 133 2.15 -7.38 -6.58
CA ASP K 133 1.38 -6.60 -5.62
C ASP K 133 2.19 -5.72 -4.69
N GLU K 134 3.51 -5.78 -4.79
CA GLU K 134 4.32 -5.00 -3.89
C GLU K 134 5.72 -4.90 -4.46
N CYS K 135 6.31 -3.72 -4.39
CA CYS K 135 7.66 -3.51 -4.90
C CYS K 135 8.21 -2.19 -4.39
N TYR K 136 9.47 -2.18 -4.01
CA TYR K 136 10.08 -0.99 -3.46
C TYR K 136 11.37 -0.57 -4.16
N GLY K 137 11.64 0.72 -4.14
CA GLY K 137 12.85 1.23 -4.76
C GLY K 137 13.42 2.32 -3.88
N ALA K 138 14.74 2.46 -3.87
CA ALA K 138 15.40 3.49 -3.07
C ALA K 138 15.00 4.88 -3.57
N PRO K 139 15.05 5.90 -2.69
CA PRO K 139 14.69 7.28 -3.04
C PRO K 139 15.54 7.83 -4.18
N GLY K 140 16.85 7.66 -4.05
CA GLY K 140 17.74 8.12 -5.09
C GLY K 140 17.37 7.50 -6.42
N SER K 141 17.63 6.19 -6.51
CA SER K 141 17.36 5.43 -7.72
C SER K 141 16.19 4.44 -7.57
N PRO K 142 15.28 4.43 -8.55
CA PRO K 142 14.13 3.51 -8.52
C PRO K 142 14.56 2.12 -9.01
N THR K 143 13.73 1.11 -8.75
CA THR K 143 14.03 -0.25 -9.19
C THR K 143 13.45 -0.51 -10.57
N ASN K 144 14.26 -1.06 -11.47
CA ASN K 144 13.77 -1.35 -12.83
C ASN K 144 13.47 -2.83 -13.02
N LEU K 145 12.19 -3.15 -13.22
CA LEU K 145 11.77 -4.54 -13.44
C LEU K 145 11.34 -4.73 -14.87
N GLU K 146 11.70 -5.87 -15.43
CA GLU K 146 11.36 -6.19 -16.79
C GLU K 146 10.69 -7.54 -16.85
N PHE K 147 9.53 -7.59 -17.48
CA PHE K 147 8.83 -8.85 -17.62
C PHE K 147 9.15 -9.37 -19.00
N ILE K 148 9.82 -10.52 -19.06
CA ILE K 148 10.18 -11.14 -20.33
C ILE K 148 9.04 -12.06 -20.74
N ASN K 149 8.34 -11.69 -21.81
CA ASN K 149 7.22 -12.46 -22.31
C ASN K 149 7.73 -13.64 -23.10
N THR K 150 7.54 -14.84 -22.54
CA THR K 150 7.98 -16.06 -23.18
C THR K 150 7.13 -16.39 -24.41
N GLY K 151 5.85 -16.03 -24.36
CA GLY K 151 4.97 -16.27 -25.48
C GLY K 151 3.89 -17.30 -25.16
N SER K 152 3.98 -17.90 -23.98
CA SER K 152 3.03 -18.92 -23.59
C SER K 152 2.51 -18.77 -22.17
N SER K 153 1.27 -19.18 -21.95
CA SER K 153 0.67 -19.10 -20.62
C SER K 153 1.58 -19.82 -19.64
N LYS K 154 2.07 -21.00 -20.04
CA LYS K 154 2.94 -21.77 -19.16
C LYS K 154 4.30 -21.11 -18.93
N GLY K 155 4.84 -20.49 -19.97
CA GLY K 155 6.12 -19.83 -19.82
C GLY K 155 6.06 -18.61 -18.89
N ASN K 156 5.09 -17.73 -19.14
CA ASN K 156 4.94 -16.55 -18.31
C ASN K 156 4.63 -16.88 -16.87
N CYS K 157 4.00 -18.03 -16.64
CA CYS K 157 3.69 -18.46 -15.29
C CYS K 157 4.99 -18.53 -14.48
N ALA K 158 6.04 -19.07 -15.10
CA ALA K 158 7.31 -19.21 -14.42
C ALA K 158 7.93 -17.83 -14.22
N ILE K 159 7.88 -17.03 -15.27
CA ILE K 159 8.44 -15.69 -15.24
C ILE K 159 7.76 -14.92 -14.12
N LYS K 160 6.44 -15.09 -14.01
CA LYS K 160 5.69 -14.37 -12.99
C LYS K 160 6.06 -14.82 -11.59
N ALA K 161 6.24 -16.11 -11.41
CA ALA K 161 6.59 -16.64 -10.10
C ALA K 161 7.93 -16.06 -9.72
N LEU K 162 8.82 -16.00 -10.70
CA LEU K 162 10.15 -15.46 -10.44
C LEU K 162 10.04 -14.02 -9.99
N MET K 163 9.24 -13.24 -10.71
CA MET K 163 9.05 -11.83 -10.39
C MET K 163 8.49 -11.63 -8.99
N GLN K 164 7.50 -12.43 -8.62
CA GLN K 164 6.90 -12.32 -7.30
C GLN K 164 7.97 -12.45 -6.23
N LEU K 165 8.99 -13.28 -6.48
CA LEU K 165 10.07 -13.44 -5.52
C LEU K 165 10.96 -12.21 -5.50
N THR K 166 11.37 -11.79 -6.70
CA THR K 166 12.22 -10.62 -6.86
C THR K 166 11.66 -9.41 -6.12
N THR K 167 10.40 -9.05 -6.38
CA THR K 167 9.82 -7.92 -5.70
C THR K 167 9.85 -8.06 -4.17
N LYS K 168 9.79 -9.27 -3.66
CA LYS K 168 9.83 -9.46 -2.21
C LYS K 168 11.23 -9.23 -1.66
N ALA K 169 12.19 -9.00 -2.52
CA ALA K 169 13.55 -8.80 -2.08
C ALA K 169 13.87 -7.32 -2.06
N THR K 170 12.99 -6.53 -2.64
CA THR K 170 13.17 -5.09 -2.69
C THR K 170 12.64 -4.48 -1.41
N THR K 171 11.92 -5.29 -0.64
CA THR K 171 11.37 -4.82 0.62
C THR K 171 12.49 -4.73 1.64
N GLN K 172 13.66 -5.25 1.28
CA GLN K 172 14.82 -5.25 2.17
C GLN K 172 15.77 -4.08 1.99
N ILE K 173 15.82 -3.52 0.78
CA ILE K 173 16.70 -2.38 0.53
C ILE K 173 16.16 -1.12 1.18
N ALA K 174 14.86 -0.87 0.98
CA ALA K 174 14.18 0.29 1.52
C ALA K 174 13.85 0.07 3.00
N PRO K 175 14.52 0.82 3.90
CA PRO K 175 14.32 0.73 5.35
C PRO K 175 12.90 1.13 5.80
N ALA L 3 -4.83 9.32 -26.75
CA ALA L 3 -3.80 8.43 -27.38
C ALA L 3 -2.43 8.60 -26.72
N ALA L 4 -1.37 8.51 -27.53
CA ALA L 4 0.00 8.64 -27.04
C ALA L 4 0.52 10.08 -27.12
N SER L 5 -0.39 11.02 -27.40
CA SER L 5 0.01 12.43 -27.47
C SER L 5 0.00 12.94 -26.04
N ILE L 6 -0.72 12.25 -25.17
CA ILE L 6 -0.77 12.64 -23.75
C ILE L 6 0.66 12.62 -23.25
N GLN L 7 1.46 11.69 -23.76
CA GLN L 7 2.86 11.60 -23.37
C GLN L 7 3.62 12.71 -24.08
N THR L 8 3.22 12.97 -25.32
CA THR L 8 3.85 14.02 -26.11
C THR L 8 3.76 15.29 -25.29
N THR L 9 2.58 15.53 -24.75
CA THR L 9 2.32 16.71 -23.94
C THR L 9 3.12 16.76 -22.63
N VAL L 10 3.00 15.73 -21.79
CA VAL L 10 3.76 15.75 -20.55
C VAL L 10 5.24 15.98 -20.80
N ASN L 11 5.74 15.51 -21.94
CA ASN L 11 7.15 15.71 -22.24
C ASN L 11 7.42 17.14 -22.64
N THR L 12 6.47 17.73 -23.37
CA THR L 12 6.59 19.12 -23.79
C THR L 12 6.64 19.95 -22.51
N LEU L 13 5.73 19.64 -21.60
CA LEU L 13 5.63 20.32 -20.33
C LEU L 13 6.92 20.18 -19.54
N SER L 14 7.35 18.95 -19.34
CA SER L 14 8.56 18.68 -18.60
C SER L 14 9.75 19.48 -19.12
N GLU L 15 9.87 19.62 -20.43
CA GLU L 15 10.99 20.36 -20.97
C GLU L 15 10.77 21.86 -20.80
N ARG L 16 9.55 22.32 -21.09
CA ARG L 16 9.24 23.74 -20.96
C ARG L 16 9.42 24.21 -19.52
N ILE L 17 9.11 23.34 -18.56
CA ILE L 17 9.27 23.69 -17.16
C ILE L 17 10.75 23.77 -16.88
N SER L 18 11.42 22.63 -17.05
CA SER L 18 12.86 22.54 -16.82
C SER L 18 13.58 23.71 -17.46
N SER L 19 13.08 24.13 -18.62
CA SER L 19 13.65 25.24 -19.39
C SER L 19 13.42 26.61 -18.77
N LYS L 20 12.17 26.95 -18.47
CA LYS L 20 11.88 28.25 -17.87
C LYS L 20 12.51 28.43 -16.49
N LEU L 21 12.62 27.36 -15.70
CA LEU L 21 13.24 27.49 -14.38
C LEU L 21 14.66 27.93 -14.56
N GLU L 22 15.30 27.38 -15.59
CA GLU L 22 16.68 27.70 -15.90
C GLU L 22 16.80 29.15 -16.33
N GLN L 23 15.85 29.62 -17.12
CA GLN L 23 15.84 30.99 -17.60
C GLN L 23 15.30 31.94 -16.55
N GLU L 24 14.00 31.90 -16.32
CA GLU L 24 13.33 32.76 -15.36
C GLU L 24 13.71 32.63 -13.88
N ALA L 25 14.68 31.81 -13.52
CA ALA L 25 15.00 31.70 -12.11
C ALA L 25 16.41 31.19 -11.81
N ASN L 26 17.23 31.09 -12.84
CA ASN L 26 18.62 30.65 -12.66
C ASN L 26 18.74 29.32 -12.00
N ALA L 27 17.87 28.40 -12.40
CA ALA L 27 17.88 27.05 -11.88
C ALA L 27 18.87 26.24 -12.71
N SER L 28 19.43 25.20 -12.12
CA SER L 28 20.37 24.37 -12.82
C SER L 28 20.42 22.97 -12.24
N ALA L 29 20.93 22.04 -13.03
CA ALA L 29 21.06 20.67 -12.62
C ALA L 29 22.12 20.53 -11.52
N GLN L 30 22.90 21.58 -11.28
CA GLN L 30 23.95 21.50 -10.25
C GLN L 30 23.88 22.57 -9.19
N THR L 31 22.68 23.09 -8.94
CA THR L 31 22.46 24.12 -7.94
C THR L 31 21.93 23.51 -6.64
N LYS L 32 22.44 23.97 -5.49
CA LYS L 32 21.99 23.44 -4.21
C LYS L 32 20.46 23.29 -4.13
N CYS L 33 20.01 22.28 -3.38
CA CYS L 33 18.59 22.08 -3.22
C CYS L 33 18.26 22.13 -1.75
N ASP L 34 17.35 23.04 -1.38
CA ASP L 34 16.93 23.14 0.01
C ASP L 34 16.13 21.87 0.21
N ILE L 35 15.01 21.77 -0.50
CA ILE L 35 14.16 20.59 -0.40
C ILE L 35 14.56 19.54 -1.43
N GLU L 36 14.57 18.28 -0.96
CA GLU L 36 14.89 17.12 -1.79
C GLU L 36 13.68 16.21 -1.77
N ILE L 37 13.46 15.48 -2.85
CA ILE L 37 12.33 14.57 -2.90
C ILE L 37 12.71 13.24 -2.25
N GLY L 38 11.80 12.73 -1.43
CA GLY L 38 12.05 11.45 -0.78
C GLY L 38 11.39 10.33 -1.59
N ASN L 39 10.27 9.84 -1.10
CA ASN L 39 9.58 8.80 -1.80
C ASN L 39 8.60 9.47 -2.75
N PHE L 40 8.66 9.07 -4.02
CA PHE L 40 7.73 9.61 -5.02
C PHE L 40 7.03 8.39 -5.62
N TYR L 41 5.75 8.25 -5.32
CA TYR L 41 5.00 7.14 -5.87
C TYR L 41 3.53 7.42 -6.05
N ILE L 42 2.83 6.47 -6.68
CA ILE L 42 1.42 6.63 -6.92
C ILE L 42 0.64 5.54 -6.21
N ARG L 43 -0.48 5.91 -5.64
CA ARG L 43 -1.31 4.96 -4.92
C ARG L 43 -1.82 3.86 -5.86
N GLN L 44 -2.59 4.25 -6.88
CA GLN L 44 -3.10 3.28 -7.84
C GLN L 44 -2.32 3.42 -9.14
N ASN L 45 -1.14 2.81 -9.15
CA ASN L 45 -0.26 2.87 -10.30
C ASN L 45 -0.54 1.80 -11.34
N HIS L 46 -1.30 2.14 -12.37
CA HIS L 46 -1.62 1.19 -13.42
C HIS L 46 -0.79 1.42 -14.68
N GLY L 47 0.52 1.50 -14.51
CA GLY L 47 1.40 1.66 -15.66
C GLY L 47 2.08 3.00 -15.86
N CYS L 48 2.64 3.58 -14.80
CA CYS L 48 3.35 4.86 -14.92
C CYS L 48 4.72 4.73 -14.30
N ASN L 49 5.74 4.99 -15.11
CA ASN L 49 7.11 4.91 -14.60
C ASN L 49 7.50 6.31 -14.13
N LEU L 50 7.95 6.40 -12.88
CA LEU L 50 8.32 7.68 -12.29
C LEU L 50 9.81 7.93 -12.10
N THR L 51 10.21 9.18 -12.27
CA THR L 51 11.59 9.64 -12.11
C THR L 51 11.57 11.05 -11.56
N VAL L 52 12.56 11.38 -10.73
CA VAL L 52 12.67 12.71 -10.15
C VAL L 52 13.91 13.40 -10.69
N LYS L 53 13.74 14.67 -11.08
CA LYS L 53 14.84 15.47 -11.64
C LYS L 53 15.08 16.74 -10.85
N ASN L 54 16.34 17.07 -10.58
CA ASN L 54 16.63 18.30 -9.85
C ASN L 54 16.91 19.53 -10.73
N MET L 55 16.20 20.60 -10.46
CA MET L 55 16.35 21.86 -11.18
C MET L 55 16.20 22.95 -10.15
N CYS L 56 16.99 22.85 -9.08
CA CYS L 56 16.90 23.78 -7.98
C CYS L 56 17.52 25.15 -8.15
N SER L 57 16.91 26.10 -7.44
CA SER L 57 17.30 27.51 -7.42
C SER L 57 16.80 28.02 -6.06
N ALA L 58 17.24 29.21 -5.66
CA ALA L 58 16.82 29.76 -4.37
C ALA L 58 15.52 30.57 -4.38
N ASP L 59 15.20 31.24 -5.47
CA ASP L 59 14.00 32.08 -5.55
C ASP L 59 12.66 31.36 -5.78
N ALA L 60 12.00 30.98 -4.71
CA ALA L 60 10.73 30.28 -4.81
C ALA L 60 9.69 30.96 -5.69
N ASP L 61 9.60 32.28 -5.65
CA ASP L 61 8.59 32.95 -6.46
C ASP L 61 8.93 32.99 -7.95
N ALA L 62 10.22 33.07 -8.26
CA ALA L 62 10.64 33.07 -9.64
C ALA L 62 10.26 31.70 -10.20
N GLN L 63 10.42 30.69 -9.35
CA GLN L 63 10.09 29.30 -9.71
C GLN L 63 8.61 29.16 -10.00
N LEU L 64 7.81 29.49 -9.00
CA LEU L 64 6.38 29.38 -9.11
C LEU L 64 5.87 30.08 -10.36
N ASP L 65 6.50 31.17 -10.75
CA ASP L 65 6.05 31.86 -11.94
C ASP L 65 6.43 31.09 -13.18
N ALA L 66 7.65 30.54 -13.20
CA ALA L 66 8.10 29.77 -14.35
C ALA L 66 7.16 28.58 -14.58
N VAL L 67 6.89 27.83 -13.51
CA VAL L 67 6.02 26.68 -13.63
C VAL L 67 4.68 27.07 -14.23
N LEU L 68 3.96 27.99 -13.61
CA LEU L 68 2.65 28.39 -14.14
C LEU L 68 2.78 28.78 -15.59
N SER L 69 3.85 29.51 -15.90
CA SER L 69 4.12 29.94 -17.26
C SER L 69 4.12 28.75 -18.22
N ALA L 70 5.05 27.83 -17.96
CA ALA L 70 5.20 26.62 -18.77
C ALA L 70 3.84 25.93 -18.95
N ALA L 71 3.17 25.69 -17.84
CA ALA L 71 1.88 25.03 -17.88
C ALA L 71 0.91 25.76 -18.81
N THR L 72 0.98 27.10 -18.78
CA THR L 72 0.08 27.90 -19.61
C THR L 72 0.49 27.79 -21.06
N GLU L 73 1.79 27.86 -21.32
CA GLU L 73 2.24 27.74 -22.68
C GLU L 73 1.76 26.40 -23.24
N THR L 74 2.10 25.33 -22.54
CA THR L 74 1.74 23.97 -22.92
C THR L 74 0.24 23.82 -23.22
N TYR L 75 -0.60 24.24 -22.29
CA TYR L 75 -2.05 24.15 -22.46
C TYR L 75 -2.50 24.91 -23.68
N SER L 76 -1.85 26.03 -23.94
CA SER L 76 -2.20 26.86 -25.07
C SER L 76 -1.82 26.17 -26.38
N GLY L 77 -0.95 25.16 -26.30
CA GLY L 77 -0.55 24.43 -27.48
C GLY L 77 -1.56 23.38 -27.90
N LEU L 78 -2.45 22.99 -27.00
CA LEU L 78 -3.47 21.99 -27.32
C LEU L 78 -4.46 22.54 -28.33
N THR L 79 -5.15 21.65 -29.06
CA THR L 79 -6.13 22.08 -30.04
C THR L 79 -7.46 22.26 -29.32
N PRO L 80 -8.35 23.11 -29.86
CA PRO L 80 -9.66 23.38 -29.25
C PRO L 80 -10.34 22.07 -28.86
N GLU L 81 -10.14 21.08 -29.71
CA GLU L 81 -10.70 19.74 -29.52
C GLU L 81 -10.14 19.13 -28.24
N GLN L 82 -8.82 19.20 -28.07
CA GLN L 82 -8.15 18.66 -26.90
C GLN L 82 -8.52 19.42 -25.64
N LYS L 83 -8.35 20.74 -25.68
CA LYS L 83 -8.63 21.57 -24.53
C LYS L 83 -9.91 21.17 -23.81
N ALA L 84 -10.97 20.93 -24.57
CA ALA L 84 -12.26 20.57 -24.00
C ALA L 84 -12.25 19.51 -22.89
N TYR L 85 -11.26 18.62 -22.90
CA TYR L 85 -11.19 17.58 -21.89
C TYR L 85 -10.59 18.05 -20.57
N VAL L 86 -9.88 19.17 -20.60
CA VAL L 86 -9.23 19.70 -19.42
C VAL L 86 -10.15 20.06 -18.25
N PRO L 87 -11.23 20.81 -18.50
CA PRO L 87 -12.15 21.19 -17.42
C PRO L 87 -12.55 20.01 -16.54
N ALA L 88 -12.73 18.85 -17.17
CA ALA L 88 -13.10 17.65 -16.46
C ALA L 88 -11.97 17.18 -15.55
N MET L 89 -10.75 17.18 -16.08
CA MET L 89 -9.57 16.77 -15.32
C MET L 89 -9.48 17.64 -14.08
N PHE L 90 -9.60 18.93 -14.30
CA PHE L 90 -9.54 19.92 -13.23
C PHE L 90 -10.44 19.53 -12.05
N THR L 91 -11.74 19.48 -12.33
CA THR L 91 -12.74 19.16 -11.33
C THR L 91 -12.46 17.81 -10.68
N ALA L 92 -11.93 16.89 -11.47
CA ALA L 92 -11.62 15.55 -11.00
C ALA L 92 -10.45 15.51 -10.02
N ALA L 93 -9.42 16.31 -10.27
CA ALA L 93 -8.26 16.33 -9.40
C ALA L 93 -8.22 17.47 -8.41
N LEU L 94 -9.15 18.43 -8.52
CA LEU L 94 -9.13 19.57 -7.61
C LEU L 94 -10.48 20.07 -7.06
N ASN L 95 -11.57 19.81 -7.78
CA ASN L 95 -12.92 20.28 -7.39
C ASN L 95 -12.96 21.76 -7.73
N ILE L 96 -13.17 22.06 -9.00
CA ILE L 96 -13.19 23.45 -9.45
C ILE L 96 -13.81 23.53 -10.85
N GLN L 97 -14.94 24.23 -10.99
CA GLN L 97 -15.55 24.38 -12.30
C GLN L 97 -14.61 25.21 -13.16
N THR L 98 -14.84 25.24 -14.46
CA THR L 98 -13.99 26.04 -15.34
C THR L 98 -14.30 25.90 -16.83
N SER L 99 -14.36 27.03 -17.53
CA SER L 99 -14.63 27.03 -18.96
C SER L 99 -13.29 26.75 -19.63
N VAL L 100 -13.32 26.51 -20.93
CA VAL L 100 -12.11 26.23 -21.69
C VAL L 100 -11.17 27.45 -21.73
N ASN L 101 -11.66 28.57 -21.20
CA ASN L 101 -10.88 29.81 -21.16
C ASN L 101 -10.41 30.10 -19.74
N THR L 102 -11.37 30.16 -18.81
CA THR L 102 -11.09 30.43 -17.39
C THR L 102 -10.14 29.42 -16.74
N VAL L 103 -9.81 28.35 -17.46
CA VAL L 103 -8.92 27.34 -16.95
C VAL L 103 -7.61 27.97 -16.49
N VAL L 104 -6.86 28.52 -17.43
CA VAL L 104 -5.56 29.13 -17.13
C VAL L 104 -5.61 29.98 -15.86
N ARG L 105 -6.62 30.83 -15.78
CA ARG L 105 -6.80 31.70 -14.63
C ARG L 105 -7.12 30.91 -13.37
N ASP L 106 -8.21 30.14 -13.41
CA ASP L 106 -8.61 29.33 -12.26
C ASP L 106 -7.42 28.57 -11.69
N PHE L 107 -6.60 28.00 -12.56
CA PHE L 107 -5.43 27.26 -12.11
C PHE L 107 -4.55 28.18 -11.29
N GLU L 108 -4.10 29.27 -11.92
CA GLU L 108 -3.24 30.24 -11.27
C GLU L 108 -3.74 30.60 -9.88
N ASN L 109 -5.04 30.83 -9.76
CA ASN L 109 -5.59 31.19 -8.47
C ASN L 109 -5.38 30.05 -7.49
N TYR L 110 -5.78 28.86 -7.91
CA TYR L 110 -5.62 27.68 -7.06
C TYR L 110 -4.17 27.57 -6.60
N VAL L 111 -3.24 27.67 -7.54
CA VAL L 111 -1.83 27.57 -7.23
C VAL L 111 -1.42 28.59 -6.19
N LYS L 112 -1.53 29.85 -6.57
CA LYS L 112 -1.19 30.98 -5.69
C LYS L 112 -1.70 30.76 -4.27
N GLN L 113 -2.99 30.50 -4.13
CA GLN L 113 -3.54 30.27 -2.80
C GLN L 113 -2.79 29.14 -2.12
N THR L 114 -3.03 27.93 -2.62
CA THR L 114 -2.43 26.73 -2.08
C THR L 114 -0.95 26.81 -1.79
N CYS L 115 -0.19 27.20 -2.79
CA CYS L 115 1.26 27.23 -2.63
C CYS L 115 1.83 28.26 -1.69
N ASN L 116 0.99 29.19 -1.23
CA ASN L 116 1.43 30.20 -0.27
C ASN L 116 0.86 29.93 1.10
N SER L 117 0.06 28.87 1.21
CA SER L 117 -0.53 28.48 2.47
C SER L 117 0.57 28.33 3.49
N SER L 118 0.23 28.54 4.76
CA SER L 118 1.20 28.42 5.82
C SER L 118 1.65 26.98 5.83
N ALA L 119 0.71 26.08 5.59
CA ALA L 119 1.00 24.66 5.55
C ALA L 119 2.20 24.39 4.63
N VAL L 120 2.18 25.03 3.47
CA VAL L 120 3.21 24.88 2.46
C VAL L 120 4.50 25.65 2.74
N VAL L 121 4.41 26.97 2.75
CA VAL L 121 5.56 27.83 2.97
C VAL L 121 6.29 27.64 4.29
N ASP L 122 5.58 27.19 5.33
CA ASP L 122 6.20 26.97 6.63
C ASP L 122 6.86 25.60 6.78
N ASN L 123 6.81 24.81 5.74
CA ASN L 123 7.40 23.48 5.77
C ASN L 123 8.92 23.59 5.73
N LYS L 124 9.58 23.22 6.82
CA LYS L 124 11.04 23.31 6.91
C LYS L 124 11.64 21.90 6.80
N LEU L 125 10.79 20.93 6.49
CA LEU L 125 11.18 19.52 6.35
C LEU L 125 11.97 19.34 5.07
N LYS L 126 13.26 18.99 5.20
CA LYS L 126 14.14 18.81 4.04
C LYS L 126 13.74 17.76 3.02
N ILE L 127 13.55 16.51 3.45
CA ILE L 127 13.14 15.47 2.51
C ILE L 127 11.61 15.40 2.46
N GLN L 128 11.05 15.67 1.29
CA GLN L 128 9.60 15.65 1.14
C GLN L 128 9.12 14.59 0.15
N ASN L 129 8.05 13.89 0.53
CA ASN L 129 7.51 12.83 -0.33
C ASN L 129 6.40 13.28 -1.27
N VAL L 130 6.49 12.89 -2.53
CA VAL L 130 5.46 13.25 -3.48
C VAL L 130 4.59 12.03 -3.68
N ILE L 131 3.29 12.17 -3.40
CA ILE L 131 2.37 11.05 -3.55
C ILE L 131 1.10 11.43 -4.27
N ILE L 132 1.03 11.09 -5.53
CA ILE L 132 -0.17 11.27 -6.34
C ILE L 132 -0.99 10.04 -5.97
N ASP L 133 -2.13 9.82 -6.61
CA ASP L 133 -2.92 8.67 -6.21
C ASP L 133 -3.51 7.82 -7.32
N GLU L 134 -3.29 8.20 -8.57
CA GLU L 134 -3.86 7.45 -9.66
C GLU L 134 -3.15 7.81 -10.94
N CYS L 135 -2.85 6.80 -11.75
CA CYS L 135 -2.16 7.04 -13.01
C CYS L 135 -2.26 5.80 -13.89
N TYR L 136 -2.49 6.01 -15.17
CA TYR L 136 -2.64 4.90 -16.10
C TYR L 136 -1.73 4.97 -17.31
N GLY L 137 -1.40 3.80 -17.85
CA GLY L 137 -0.54 3.73 -19.00
C GLY L 137 -1.05 2.63 -19.93
N ALA L 138 -0.87 2.80 -21.23
CA ALA L 138 -1.33 1.80 -22.19
C ALA L 138 -0.54 0.50 -22.01
N PRO L 139 -1.14 -0.64 -22.41
CA PRO L 139 -0.49 -1.97 -22.29
C PRO L 139 0.83 -2.03 -23.03
N GLY L 140 0.80 -1.57 -24.28
CA GLY L 140 2.01 -1.58 -25.05
C GLY L 140 3.09 -0.78 -24.35
N SER L 141 2.90 0.53 -24.33
CA SER L 141 3.84 1.45 -23.72
C SER L 141 3.33 2.08 -22.43
N PRO L 142 4.18 2.10 -21.39
CA PRO L 142 3.78 2.69 -20.10
C PRO L 142 3.96 4.20 -20.16
N THR L 143 3.38 4.91 -19.20
CA THR L 143 3.49 6.37 -19.16
C THR L 143 4.69 6.78 -18.31
N ASN L 144 5.51 7.70 -18.82
CA ASN L 144 6.68 8.16 -18.09
C ASN L 144 6.47 9.53 -17.48
N LEU L 145 6.46 9.58 -16.15
CA LEU L 145 6.27 10.83 -15.43
C LEU L 145 7.56 11.25 -14.75
N GLU L 146 7.83 12.54 -14.78
CA GLU L 146 9.02 13.06 -14.16
C GLU L 146 8.67 14.21 -13.23
N PHE L 147 9.11 14.10 -11.99
CA PHE L 147 8.85 15.16 -11.04
C PHE L 147 10.10 16.04 -11.02
N ILE L 148 9.93 17.30 -11.43
CA ILE L 148 11.03 18.26 -11.44
C ILE L 148 11.08 18.94 -10.09
N ASN L 149 12.14 18.66 -9.33
CA ASN L 149 12.32 19.25 -8.02
C ASN L 149 12.84 20.66 -8.15
N THR L 150 11.98 21.63 -7.80
CA THR L 150 12.35 23.03 -7.89
C THR L 150 13.37 23.42 -6.82
N GLY L 151 13.28 22.75 -5.68
CA GLY L 151 14.19 23.02 -4.59
C GLY L 151 13.49 23.64 -3.39
N SER L 152 12.21 23.99 -3.55
CA SER L 152 11.48 24.64 -2.48
C SER L 152 10.10 24.06 -2.24
N SER L 153 9.65 24.14 -1.00
CA SER L 153 8.32 23.64 -0.65
C SER L 153 7.29 24.34 -1.54
N LYS L 154 7.44 25.66 -1.71
CA LYS L 154 6.50 26.40 -2.54
C LYS L 154 6.58 26.02 -4.01
N GLY L 155 7.80 25.79 -4.50
CA GLY L 155 7.99 25.43 -5.90
C GLY L 155 7.40 24.06 -6.23
N ASN L 156 7.73 23.07 -5.41
CA ASN L 156 7.21 21.73 -5.63
C ASN L 156 5.69 21.66 -5.50
N CYS L 157 5.13 22.55 -4.70
CA CYS L 157 3.68 22.59 -4.54
C CYS L 157 3.02 22.78 -5.92
N ALA L 158 3.60 23.67 -6.73
CA ALA L 158 3.06 23.94 -8.05
C ALA L 158 3.28 22.74 -8.94
N ILE L 159 4.49 22.21 -8.90
CA ILE L 159 4.82 21.05 -9.70
C ILE L 159 3.87 19.91 -9.37
N LYS L 160 3.60 19.72 -8.08
CA LYS L 160 2.72 18.65 -7.66
C LYS L 160 1.30 18.84 -8.17
N ALA L 161 0.81 20.08 -8.10
CA ALA L 161 -0.54 20.39 -8.55
C ALA L 161 -0.62 20.07 -10.02
N LEU L 162 0.44 20.42 -10.74
CA LEU L 162 0.47 20.16 -12.17
C LEU L 162 0.40 18.67 -12.41
N MET L 163 1.19 17.90 -11.66
CA MET L 163 1.21 16.46 -11.82
C MET L 163 -0.15 15.83 -11.55
N GLN L 164 -0.81 16.29 -10.50
CA GLN L 164 -2.12 15.77 -10.16
C GLN L 164 -3.06 15.90 -11.34
N LEU L 165 -2.93 16.97 -12.11
CA LEU L 165 -3.79 17.14 -13.27
C LEU L 165 -3.38 16.18 -14.37
N THR L 166 -2.09 16.14 -14.64
CA THR L 166 -1.54 15.27 -15.68
C THR L 166 -2.02 13.83 -15.52
N THR L 167 -1.84 13.26 -14.33
CA THR L 167 -2.26 11.89 -14.10
C THR L 167 -3.75 11.69 -14.36
N LYS L 168 -4.56 12.72 -14.14
CA LYS L 168 -6.00 12.58 -14.38
C LYS L 168 -6.33 12.59 -15.86
N ALA L 169 -5.32 12.79 -16.70
CA ALA L 169 -5.55 12.82 -18.13
C ALA L 169 -5.17 11.46 -18.73
N THR L 170 -4.52 10.64 -17.92
CA THR L 170 -4.09 9.33 -18.38
C THR L 170 -5.23 8.36 -18.18
N THR L 171 -6.24 8.78 -17.46
CA THR L 171 -7.39 7.94 -17.23
C THR L 171 -8.23 7.88 -18.51
N GLN L 172 -7.89 8.72 -19.47
CA GLN L 172 -8.61 8.81 -20.75
C GLN L 172 -8.04 7.96 -21.87
N ILE L 173 -6.74 7.69 -21.83
CA ILE L 173 -6.10 6.87 -22.87
C ILE L 173 -6.48 5.41 -22.68
N ALA L 174 -6.37 4.93 -21.44
CA ALA L 174 -6.68 3.54 -21.11
C ALA L 174 -8.19 3.35 -20.99
N PRO L 175 -8.80 2.60 -21.94
CA PRO L 175 -10.24 2.33 -21.95
C PRO L 175 -10.71 1.53 -20.74
#